data_3K9B
#
_entry.id   3K9B
#
_cell.length_a   55.610
_cell.length_b   179.880
_cell.length_c   200.060
_cell.angle_alpha   90.000
_cell.angle_beta   90.000
_cell.angle_gamma   90.000
#
_symmetry.space_group_name_H-M   'P 21 21 21'
#
loop_
_entity.id
_entity.type
_entity.pdbx_description
1 polymer 'Liver carboxylesterase 1'
2 non-polymer 'cyclohexyl (S)-methylphosphonofluoridoate'
3 water water
#
_entity_poly.entity_id   1
_entity_poly.type   'polypeptide(L)'
_entity_poly.pdbx_seq_one_letter_code
;PVVDTVHGKVLGKFVSLEGFAQPVAIFLGIPFAKPPLGPLRFTPPQPAEPWSFVKNATSYPPMCTQDPKAGQLLSELFTN
RKENIPLKLSEDCLYLNIYTPADLTKKNRLPVMVWIHGGGLMVGAASTYDGLALAAHENVVVVTIQYRLGIWGFFSTGDE
HSRGNWGHLDQVAALRWVQDNIASFGGNPGSVTIFGESAGGESVSVLVLSPLAKNLFHRAISESGVALTSVLVKKGDVKP
LAEQIAITAGCKTTTSAVMVHCLRQKTEEELLETTLKMKFLSLDLQGDPRESQPLLGTVIDGMLLLKTPEELQAERNFHT
VPYMVGINKQEFGWLIPMLMSYPLSEGQLDQKTAMSLLWKSYPLVCIAKELIPEATEKYLGGTDDTVKKKDLFLDLIADV
MFGVPSVIVARNHRDAGAPTYMYEFQYRPSFSSDMKPKTVIGDHGDELFSVFGAPFLKEGASEEEIRLSKMVMKFWANFA
RNGNPNGEGLPHWPEYNQKEGYLQIGANTQAAQKLKDKEVAFWTNLFAK
;
_entity_poly.pdbx_strand_id   A,B,C
#
loop_
_chem_comp.id
_chem_comp.type
_chem_comp.name
_chem_comp.formula
WW2 non-polymer 'cyclohexyl (S)-methylphosphonofluoridoate' 'C7 H14 F O2 P'
#
# COMPACT_ATOMS: atom_id res chain seq x y z
N PRO A 1 12.20 -22.15 -27.46
CA PRO A 1 13.39 -21.67 -26.74
C PRO A 1 13.05 -21.22 -25.33
N VAL A 2 13.84 -21.64 -24.35
CA VAL A 2 13.60 -21.23 -22.97
C VAL A 2 14.84 -20.61 -22.38
N VAL A 3 14.78 -19.31 -22.09
CA VAL A 3 15.91 -18.61 -21.51
C VAL A 3 15.69 -18.47 -20.00
N ASP A 4 16.78 -18.35 -19.28
CA ASP A 4 16.74 -18.25 -17.83
C ASP A 4 17.19 -16.88 -17.34
N THR A 5 16.25 -16.03 -16.95
CA THR A 5 16.57 -14.68 -16.48
C THR A 5 16.72 -14.62 -14.97
N VAL A 6 17.02 -13.43 -14.47
CA VAL A 6 17.19 -13.20 -13.04
C VAL A 6 15.91 -13.35 -12.24
N HIS A 7 14.79 -12.98 -12.85
CA HIS A 7 13.50 -13.07 -12.17
C HIS A 7 12.76 -14.39 -12.44
N GLY A 8 13.34 -15.25 -13.27
CA GLY A 8 12.71 -16.52 -13.60
C GLY A 8 12.94 -16.92 -15.04
N LYS A 9 12.35 -18.03 -15.44
CA LYS A 9 12.47 -18.53 -16.80
C LYS A 9 11.38 -17.97 -17.72
N VAL A 10 11.74 -17.66 -18.96
CA VAL A 10 10.79 -17.16 -19.93
C VAL A 10 10.83 -18.05 -21.16
N LEU A 11 9.66 -18.32 -21.74
CA LEU A 11 9.56 -19.17 -22.91
C LEU A 11 9.21 -18.34 -24.14
N GLY A 12 10.04 -18.44 -25.18
CA GLY A 12 9.81 -17.71 -26.40
C GLY A 12 9.41 -18.62 -27.56
N LYS A 13 9.60 -18.13 -28.78
CA LYS A 13 9.28 -18.88 -29.99
C LYS A 13 10.30 -18.58 -31.08
N PHE A 14 10.55 -19.54 -31.96
CA PHE A 14 11.49 -19.36 -33.07
C PHE A 14 10.75 -18.87 -34.32
N VAL A 15 11.36 -17.92 -35.02
CA VAL A 15 10.77 -17.38 -36.24
C VAL A 15 11.88 -17.27 -37.24
N SER A 16 11.68 -17.85 -38.43
CA SER A 16 12.70 -17.80 -39.48
C SER A 16 12.42 -16.73 -40.52
N LEU A 17 13.44 -15.95 -40.83
CA LEU A 17 13.33 -14.92 -41.84
C LEU A 17 13.84 -15.51 -43.14
N GLU A 18 13.05 -15.31 -44.20
CA GLU A 18 13.37 -15.84 -45.52
C GLU A 18 14.85 -15.76 -45.82
N GLY A 19 15.43 -16.89 -46.22
CA GLY A 19 16.83 -16.94 -46.58
C GLY A 19 17.83 -16.92 -45.45
N PHE A 20 17.44 -17.42 -44.28
CA PHE A 20 18.35 -17.48 -43.13
C PHE A 20 18.28 -18.85 -42.46
N ALA A 21 19.45 -19.43 -42.19
CA ALA A 21 19.51 -20.74 -41.58
C ALA A 21 19.21 -20.66 -40.08
N GLN A 22 19.80 -19.69 -39.40
CA GLN A 22 19.57 -19.55 -37.97
C GLN A 22 18.30 -18.75 -37.80
N PRO A 23 17.22 -19.39 -37.30
CA PRO A 23 15.94 -18.72 -37.10
C PRO A 23 16.18 -17.81 -35.92
N VAL A 24 15.24 -16.93 -35.63
CA VAL A 24 15.42 -16.02 -34.50
C VAL A 24 14.48 -16.38 -33.36
N ALA A 25 14.93 -16.12 -32.14
CA ALA A 25 14.16 -16.39 -30.93
C ALA A 25 13.54 -15.06 -30.52
N ILE A 26 12.21 -15.04 -30.46
CA ILE A 26 11.44 -13.85 -30.13
C ILE A 26 10.75 -14.00 -28.78
N PHE A 27 11.06 -13.08 -27.86
CA PHE A 27 10.42 -13.11 -26.54
C PHE A 27 9.58 -11.86 -26.41
N LEU A 28 8.27 -12.03 -26.47
CA LEU A 28 7.34 -10.93 -26.41
C LEU A 28 6.75 -10.67 -25.03
N GLY A 29 6.80 -9.42 -24.60
CA GLY A 29 6.25 -9.06 -23.31
C GLY A 29 6.93 -9.53 -22.05
N ILE A 30 8.13 -9.07 -21.80
CA ILE A 30 8.82 -9.45 -20.59
C ILE A 30 8.79 -8.25 -19.63
N PRO A 31 8.30 -8.46 -18.41
CA PRO A 31 8.24 -7.38 -17.43
C PRO A 31 9.62 -6.98 -16.88
N PHE A 32 9.92 -5.68 -16.92
CA PHE A 32 11.20 -5.18 -16.40
C PHE A 32 10.95 -4.35 -15.14
N ALA A 33 9.68 -4.16 -14.81
CA ALA A 33 9.28 -3.41 -13.64
C ALA A 33 7.98 -3.97 -13.11
N LYS A 34 7.54 -3.42 -11.99
CA LYS A 34 6.31 -3.85 -11.36
C LYS A 34 5.18 -2.98 -11.90
N PRO A 35 4.02 -3.58 -12.22
CA PRO A 35 2.89 -2.83 -12.75
C PRO A 35 2.61 -1.61 -11.90
N PRO A 36 2.80 -0.40 -12.47
CA PRO A 36 2.60 0.90 -11.81
C PRO A 36 1.16 1.22 -11.55
N LEU A 37 0.48 0.32 -10.85
CA LEU A 37 -0.93 0.50 -10.53
C LEU A 37 -1.20 0.97 -9.10
N GLY A 38 -2.40 1.46 -8.88
CA GLY A 38 -2.78 1.92 -7.57
C GLY A 38 -1.89 3.04 -7.07
N PRO A 39 -1.24 2.84 -5.93
CA PRO A 39 -0.34 3.77 -5.28
C PRO A 39 1.03 3.86 -5.90
N LEU A 40 1.31 3.02 -6.88
CA LEU A 40 2.61 3.05 -7.55
C LEU A 40 2.58 4.02 -8.71
N ARG A 41 1.41 4.56 -8.98
CA ARG A 41 1.23 5.52 -10.04
C ARG A 41 1.90 6.82 -9.65
N PHE A 42 2.57 7.47 -10.61
CA PHE A 42 3.27 8.74 -10.39
C PHE A 42 4.43 8.55 -9.45
N THR A 43 5.04 7.37 -9.49
CA THR A 43 6.20 7.07 -8.65
C THR A 43 7.21 6.33 -9.50
N PRO A 44 8.48 6.27 -9.06
CA PRO A 44 9.48 5.58 -9.85
C PRO A 44 9.14 4.11 -10.07
N PRO A 45 9.71 3.48 -11.10
CA PRO A 45 9.41 2.08 -11.32
C PRO A 45 10.06 1.20 -10.27
N GLN A 46 9.37 0.12 -9.95
CA GLN A 46 9.81 -0.83 -8.94
C GLN A 46 10.30 -2.10 -9.62
N PRO A 47 11.23 -2.80 -8.99
CA PRO A 47 11.72 -4.04 -9.60
C PRO A 47 10.55 -5.00 -9.76
N ALA A 48 10.70 -5.99 -10.63
CA ALA A 48 9.62 -6.94 -10.86
C ALA A 48 9.69 -8.17 -9.94
N GLU A 49 8.54 -8.57 -9.42
CA GLU A 49 8.47 -9.73 -8.56
C GLU A 49 8.88 -10.95 -9.36
N PRO A 50 9.69 -11.82 -8.75
CA PRO A 50 10.15 -13.04 -9.41
C PRO A 50 9.04 -14.09 -9.50
N TRP A 51 8.96 -14.77 -10.65
CA TRP A 51 7.94 -15.79 -10.86
C TRP A 51 8.54 -17.20 -10.79
N SER A 52 7.72 -18.16 -10.42
CA SER A 52 8.17 -19.55 -10.31
C SER A 52 7.78 -20.34 -11.56
N PHE A 53 8.60 -21.34 -11.91
CA PHE A 53 8.35 -22.17 -13.07
C PHE A 53 8.85 -21.50 -14.35
N VAL A 54 8.00 -21.50 -15.38
CA VAL A 54 8.36 -20.90 -16.66
C VAL A 54 7.29 -19.92 -17.13
N LYS A 55 7.70 -18.70 -17.45
CA LYS A 55 6.77 -17.68 -17.92
C LYS A 55 6.48 -17.84 -19.40
N ASN A 56 5.20 -17.75 -19.75
CA ASN A 56 4.77 -17.88 -21.14
C ASN A 56 4.61 -16.53 -21.83
N ALA A 57 5.73 -15.95 -22.26
CA ALA A 57 5.71 -14.66 -22.94
C ALA A 57 5.84 -14.83 -24.44
N THR A 58 4.72 -15.13 -25.10
CA THR A 58 4.70 -15.32 -26.54
C THR A 58 3.65 -14.45 -27.21
N SER A 59 3.02 -13.59 -26.41
CA SER A 59 2.00 -12.70 -26.92
C SER A 59 2.29 -11.24 -26.58
N TYR A 60 2.03 -10.35 -27.52
CA TYR A 60 2.27 -8.92 -27.37
C TYR A 60 1.67 -8.30 -26.13
N PRO A 61 2.48 -7.51 -25.42
CA PRO A 61 2.07 -6.81 -24.20
C PRO A 61 1.19 -5.58 -24.53
N PRO A 62 0.49 -5.02 -23.57
CA PRO A 62 -0.49 -4.07 -23.85
C PRO A 62 0.10 -2.77 -24.15
N MET A 63 -0.53 -1.65 -24.49
CA MET A 63 0.14 -0.45 -24.81
C MET A 63 -0.06 0.60 -23.84
N CYS A 64 0.95 1.22 -23.36
CA CYS A 64 0.62 2.20 -22.40
C CYS A 64 -0.75 3.20 -22.54
N THR A 65 -1.55 3.35 -21.53
CA THR A 65 -2.74 4.15 -21.74
C THR A 65 -2.40 5.42 -22.49
N GLN A 66 -3.16 5.60 -23.58
CA GLN A 66 -3.02 6.72 -24.48
C GLN A 66 -4.29 6.74 -25.30
N ASP A 67 -4.42 7.74 -26.17
CA ASP A 67 -5.59 7.85 -27.03
C ASP A 67 -5.58 6.62 -27.93
N PRO A 68 -6.64 5.80 -27.86
CA PRO A 68 -6.71 4.60 -28.69
C PRO A 68 -6.76 4.84 -30.19
N LYS A 69 -7.37 5.92 -30.62
CA LYS A 69 -7.44 6.18 -32.04
C LYS A 69 -6.09 6.67 -32.54
N ALA A 70 -5.59 7.75 -31.95
CA ALA A 70 -4.32 8.32 -32.36
C ALA A 70 -3.18 7.33 -32.30
N GLY A 71 -3.22 6.47 -31.30
CA GLY A 71 -2.18 5.47 -31.13
C GLY A 71 -2.21 4.41 -32.22
N GLN A 72 -3.40 3.91 -32.51
CA GLN A 72 -3.56 2.89 -33.54
C GLN A 72 -3.26 3.45 -34.92
N LEU A 73 -3.43 4.76 -35.07
CA LEU A 73 -3.14 5.41 -36.33
C LEU A 73 -1.63 5.51 -36.51
N LEU A 74 -0.92 5.94 -35.48
CA LEU A 74 0.54 6.04 -35.55
C LEU A 74 1.19 4.67 -35.77
N SER A 75 0.65 3.65 -35.08
CA SER A 75 1.16 2.28 -35.17
C SER A 75 1.04 1.82 -36.62
N GLU A 76 -0.08 2.18 -37.23
CA GLU A 76 -0.35 1.81 -38.61
C GLU A 76 0.56 2.52 -39.60
N LEU A 77 1.01 3.73 -39.27
CA LEU A 77 1.86 4.48 -40.18
C LEU A 77 3.36 4.22 -40.03
N PHE A 78 3.82 3.74 -38.89
CA PHE A 78 5.25 3.46 -38.66
C PHE A 78 5.61 1.99 -38.73
N THR A 79 4.67 1.13 -38.35
CA THR A 79 4.88 -0.31 -38.34
C THR A 79 5.58 -0.82 -39.60
N ASN A 80 6.50 -1.78 -39.42
CA ASN A 80 7.24 -2.36 -40.54
C ASN A 80 6.81 -3.78 -40.83
N ARG A 81 5.65 -4.14 -40.29
CA ARG A 81 5.05 -5.46 -40.49
C ARG A 81 4.07 -5.34 -41.64
N LYS A 82 3.78 -6.47 -42.27
CA LYS A 82 2.82 -6.48 -43.35
C LYS A 82 1.50 -6.03 -42.74
N GLU A 83 1.00 -6.79 -41.77
CA GLU A 83 -0.24 -6.46 -41.11
C GLU A 83 0.03 -5.74 -39.80
N ASN A 84 -0.72 -4.68 -39.50
CA ASN A 84 -0.53 -3.96 -38.25
C ASN A 84 -1.19 -4.79 -37.16
N ILE A 85 -0.66 -4.68 -35.95
CA ILE A 85 -1.19 -5.41 -34.80
C ILE A 85 -2.00 -4.56 -33.82
N PRO A 86 -3.23 -5.01 -33.52
CA PRO A 86 -4.15 -4.33 -32.60
C PRO A 86 -3.71 -4.54 -31.15
N LEU A 87 -3.48 -3.45 -30.43
CA LEU A 87 -3.04 -3.56 -29.04
C LEU A 87 -4.17 -3.22 -28.06
N LYS A 88 -3.97 -3.67 -26.83
CA LYS A 88 -4.89 -3.45 -25.74
C LYS A 88 -4.30 -2.28 -24.96
N LEU A 89 -5.14 -1.57 -24.23
CA LEU A 89 -4.69 -0.43 -23.43
C LEU A 89 -4.64 -0.77 -21.96
N SER A 90 -3.56 -0.40 -21.30
CA SER A 90 -3.47 -0.67 -19.87
C SER A 90 -2.34 0.07 -19.18
N GLU A 91 -2.48 0.25 -17.88
CA GLU A 91 -1.47 0.93 -17.09
C GLU A 91 -0.37 -0.08 -16.86
N ASP A 92 -0.75 -1.35 -16.98
CA ASP A 92 0.19 -2.46 -16.81
C ASP A 92 0.85 -2.61 -18.17
N CYS A 93 1.93 -1.87 -18.40
CA CYS A 93 2.57 -1.88 -19.70
C CYS A 93 4.08 -1.84 -19.67
N LEU A 94 4.69 -1.96 -18.50
CA LEU A 94 6.13 -1.89 -18.44
C LEU A 94 6.76 -3.19 -18.89
N TYR A 95 6.74 -3.41 -20.21
CA TYR A 95 7.30 -4.60 -20.83
C TYR A 95 8.28 -4.28 -21.96
N LEU A 96 9.01 -5.30 -22.38
CA LEU A 96 9.98 -5.15 -23.46
C LEU A 96 9.92 -6.40 -24.32
N ASN A 97 10.28 -6.27 -25.59
CA ASN A 97 10.30 -7.39 -26.51
C ASN A 97 11.73 -7.65 -26.95
N ILE A 98 12.11 -8.92 -27.07
CA ILE A 98 13.46 -9.27 -27.47
C ILE A 98 13.52 -10.11 -28.74
N TYR A 99 14.41 -9.71 -29.64
CA TYR A 99 14.65 -10.42 -30.90
C TYR A 99 16.14 -10.78 -30.93
N THR A 100 16.46 -12.06 -30.77
CA THR A 100 17.85 -12.46 -30.77
C THR A 100 18.19 -13.52 -31.80
N PRO A 101 19.19 -13.21 -32.67
CA PRO A 101 19.68 -14.09 -33.74
C PRO A 101 20.68 -15.09 -33.22
N ALA A 102 21.12 -14.92 -31.98
CA ALA A 102 22.08 -15.82 -31.37
C ALA A 102 21.54 -17.24 -31.26
N ASP A 103 22.45 -18.20 -31.21
CA ASP A 103 22.06 -19.59 -31.04
C ASP A 103 22.23 -19.86 -29.55
N LEU A 104 21.15 -19.66 -28.82
CA LEU A 104 21.11 -19.81 -27.37
C LEU A 104 21.77 -21.05 -26.75
N THR A 105 22.01 -22.09 -27.55
CA THR A 105 22.62 -23.33 -27.08
C THR A 105 24.14 -23.23 -26.97
N LYS A 106 24.62 -21.99 -26.88
CA LYS A 106 26.06 -21.72 -26.79
C LYS A 106 26.20 -20.28 -26.30
N LYS A 107 27.41 -19.92 -25.86
CA LYS A 107 27.68 -18.56 -25.38
C LYS A 107 27.69 -17.62 -26.58
N ASN A 108 27.23 -16.39 -26.39
CA ASN A 108 27.17 -15.39 -27.47
C ASN A 108 27.17 -13.98 -26.89
N ARG A 109 27.99 -13.10 -27.47
CA ARG A 109 28.03 -11.72 -26.99
C ARG A 109 27.77 -10.73 -28.12
N LEU A 110 26.65 -10.92 -28.81
CA LEU A 110 26.27 -10.02 -29.90
C LEU A 110 25.94 -8.63 -29.36
N PRO A 111 26.25 -7.58 -30.12
CA PRO A 111 25.94 -6.23 -29.65
C PRO A 111 24.43 -6.08 -29.46
N VAL A 112 24.03 -5.12 -28.64
CA VAL A 112 22.62 -4.89 -28.36
C VAL A 112 22.13 -3.52 -28.77
N MET A 113 20.98 -3.50 -29.43
CA MET A 113 20.34 -2.27 -29.88
C MET A 113 18.94 -2.16 -29.28
N VAL A 114 18.81 -1.25 -28.31
CA VAL A 114 17.55 -1.01 -27.61
C VAL A 114 16.82 0.15 -28.27
N TRP A 115 15.61 -0.12 -28.75
CA TRP A 115 14.81 0.88 -29.42
C TRP A 115 13.81 1.57 -28.51
N ILE A 116 13.72 2.90 -28.62
CA ILE A 116 12.79 3.69 -27.81
C ILE A 116 11.82 4.37 -28.76
N HIS A 117 10.61 3.85 -28.87
CA HIS A 117 9.62 4.41 -29.78
C HIS A 117 9.32 5.89 -29.57
N GLY A 118 8.66 6.50 -30.55
CA GLY A 118 8.32 7.89 -30.44
C GLY A 118 6.81 8.03 -30.35
N GLY A 119 6.32 9.26 -30.25
CA GLY A 119 4.90 9.48 -30.15
C GLY A 119 4.59 10.71 -29.32
N GLY A 120 5.54 11.64 -29.27
CA GLY A 120 5.37 12.88 -28.52
C GLY A 120 5.24 12.70 -27.02
N LEU A 121 5.64 11.54 -26.53
CA LEU A 121 5.54 11.21 -25.12
C LEU A 121 4.08 11.16 -24.73
N MET A 122 3.23 10.83 -25.69
CA MET A 122 1.78 10.76 -25.50
C MET A 122 1.21 9.46 -26.06
N VAL A 123 1.77 8.98 -27.17
CA VAL A 123 1.30 7.75 -27.79
C VAL A 123 2.46 6.84 -28.15
N GLY A 124 2.14 5.67 -28.69
CA GLY A 124 3.19 4.74 -29.09
C GLY A 124 3.20 3.42 -28.37
N ALA A 125 3.98 2.48 -28.89
CA ALA A 125 4.11 1.16 -28.31
C ALA A 125 5.32 0.48 -28.90
N ALA A 126 5.94 -0.40 -28.13
CA ALA A 126 7.10 -1.12 -28.61
C ALA A 126 6.74 -2.16 -29.68
N SER A 127 5.59 -2.79 -29.52
CA SER A 127 5.13 -3.82 -30.44
C SER A 127 4.94 -3.32 -31.88
N THR A 128 4.98 -2.02 -32.09
CA THR A 128 4.81 -1.49 -33.43
C THR A 128 6.01 -1.90 -34.26
N TYR A 129 7.20 -1.73 -33.70
CA TYR A 129 8.43 -2.04 -34.40
C TYR A 129 8.88 -3.50 -34.26
N ASP A 130 8.96 -4.20 -35.39
CA ASP A 130 9.39 -5.61 -35.42
C ASP A 130 10.89 -5.68 -35.70
N GLY A 131 11.64 -6.27 -34.79
CA GLY A 131 13.08 -6.35 -34.96
C GLY A 131 13.59 -7.68 -35.48
N LEU A 132 12.75 -8.39 -36.22
CA LEU A 132 13.14 -9.68 -36.78
C LEU A 132 14.19 -9.48 -37.87
N ALA A 133 13.94 -8.51 -38.74
CA ALA A 133 14.83 -8.21 -39.85
C ALA A 133 16.21 -7.73 -39.43
N LEU A 134 16.25 -6.63 -38.69
CA LEU A 134 17.52 -6.07 -38.24
C LEU A 134 18.39 -7.10 -37.48
N ALA A 135 17.76 -7.83 -36.56
CA ALA A 135 18.46 -8.84 -35.79
C ALA A 135 19.11 -9.89 -36.69
N ALA A 136 18.31 -10.49 -37.56
CA ALA A 136 18.78 -11.52 -38.48
C ALA A 136 19.84 -11.02 -39.46
N HIS A 137 19.57 -9.88 -40.09
CA HIS A 137 20.51 -9.31 -41.05
C HIS A 137 21.84 -8.84 -40.50
N GLU A 138 21.84 -8.03 -39.45
CA GLU A 138 23.11 -7.53 -38.92
C GLU A 138 23.62 -8.27 -37.69
N ASN A 139 22.97 -9.37 -37.36
CA ASN A 139 23.38 -10.19 -36.23
C ASN A 139 23.53 -9.44 -34.90
N VAL A 140 22.46 -8.78 -34.46
CA VAL A 140 22.47 -8.05 -33.22
C VAL A 140 21.21 -8.38 -32.44
N VAL A 141 21.21 -8.09 -31.16
CA VAL A 141 20.03 -8.36 -30.37
C VAL A 141 19.20 -7.09 -30.30
N VAL A 142 17.98 -7.14 -30.82
CA VAL A 142 17.10 -5.98 -30.81
C VAL A 142 16.12 -6.06 -29.65
N VAL A 143 16.00 -4.95 -28.93
CA VAL A 143 15.12 -4.86 -27.79
C VAL A 143 14.22 -3.64 -27.94
N THR A 144 12.90 -3.85 -27.91
CA THR A 144 11.97 -2.74 -28.02
C THR A 144 11.33 -2.57 -26.65
N ILE A 145 11.56 -1.43 -26.01
CA ILE A 145 11.02 -1.17 -24.69
C ILE A 145 9.84 -0.24 -24.68
N GLN A 146 9.10 -0.27 -23.58
CA GLN A 146 7.95 0.59 -23.39
C GLN A 146 8.12 1.37 -22.11
N TYR A 147 7.43 2.50 -22.02
CA TYR A 147 7.49 3.37 -20.86
C TYR A 147 6.14 4.08 -20.74
N ARG A 148 5.88 4.65 -19.58
CA ARG A 148 4.62 5.34 -19.34
C ARG A 148 4.52 6.60 -20.15
N LEU A 149 3.31 6.90 -20.60
CA LEU A 149 3.06 8.06 -21.45
C LEU A 149 2.06 9.02 -20.83
N GLY A 150 1.95 10.18 -21.45
CA GLY A 150 1.03 11.20 -20.99
C GLY A 150 1.02 11.43 -19.49
N ILE A 151 -0.16 11.67 -18.95
CA ILE A 151 -0.32 11.91 -17.53
C ILE A 151 0.42 10.87 -16.72
N TRP A 152 0.19 9.61 -17.08
CA TRP A 152 0.78 8.49 -16.38
C TRP A 152 2.28 8.46 -16.27
N GLY A 153 2.97 9.00 -17.25
CA GLY A 153 4.42 8.97 -17.20
C GLY A 153 5.10 10.33 -17.10
N PHE A 154 4.32 11.40 -17.12
CA PHE A 154 4.92 12.72 -17.07
C PHE A 154 4.29 13.76 -16.18
N PHE A 155 3.26 13.39 -15.44
CA PHE A 155 2.61 14.36 -14.56
C PHE A 155 3.59 14.92 -13.54
N SER A 156 3.63 16.24 -13.42
CA SER A 156 4.54 16.86 -12.48
C SER A 156 3.92 18.02 -11.70
N THR A 157 4.35 18.17 -10.45
CA THR A 157 3.86 19.24 -9.59
C THR A 157 5.00 20.21 -9.35
N GLY A 158 6.18 19.87 -9.84
CA GLY A 158 7.31 20.74 -9.66
C GLY A 158 7.93 20.66 -8.28
N ASP A 159 7.50 19.71 -7.48
CA ASP A 159 8.09 19.56 -6.16
C ASP A 159 8.20 18.11 -5.80
N GLU A 160 8.76 17.82 -4.63
CA GLU A 160 8.96 16.45 -4.20
C GLU A 160 7.73 15.58 -4.02
N HIS A 161 6.56 16.06 -4.41
CA HIS A 161 5.37 15.22 -4.24
C HIS A 161 5.04 14.50 -5.52
N SER A 162 5.78 14.84 -6.56
CA SER A 162 5.62 14.26 -7.89
C SER A 162 6.57 15.02 -8.82
N ARG A 163 7.86 14.71 -8.71
CA ARG A 163 8.86 15.36 -9.52
C ARG A 163 8.51 15.28 -10.98
N GLY A 164 8.33 14.08 -11.49
CA GLY A 164 7.99 13.91 -12.88
C GLY A 164 8.91 12.94 -13.57
N ASN A 165 8.90 12.97 -14.90
CA ASN A 165 9.74 12.09 -15.68
C ASN A 165 9.57 10.63 -15.28
N TRP A 166 8.36 10.24 -14.91
CA TRP A 166 8.11 8.86 -14.53
C TRP A 166 8.45 8.00 -15.73
N GLY A 167 8.09 8.50 -16.90
CA GLY A 167 8.35 7.78 -18.14
C GLY A 167 9.82 7.59 -18.44
N HIS A 168 10.63 8.62 -18.21
CA HIS A 168 12.05 8.52 -18.49
C HIS A 168 12.73 7.57 -17.53
N LEU A 169 12.12 7.37 -16.36
CA LEU A 169 12.69 6.47 -15.36
C LEU A 169 12.48 5.02 -15.74
N ASP A 170 11.40 4.74 -16.46
CA ASP A 170 11.13 3.38 -16.91
C ASP A 170 12.19 3.05 -17.95
N GLN A 171 12.46 4.01 -18.83
CA GLN A 171 13.47 3.83 -19.87
C GLN A 171 14.80 3.43 -19.23
N VAL A 172 15.12 4.05 -18.09
CA VAL A 172 16.35 3.73 -17.40
C VAL A 172 16.25 2.35 -16.77
N ALA A 173 15.09 2.04 -16.20
CA ALA A 173 14.85 0.75 -15.56
C ALA A 173 14.88 -0.37 -16.59
N ALA A 174 14.46 -0.07 -17.80
CA ALA A 174 14.47 -1.04 -18.89
C ALA A 174 15.92 -1.27 -19.26
N LEU A 175 16.69 -0.19 -19.27
CA LEU A 175 18.09 -0.26 -19.60
C LEU A 175 18.85 -1.01 -18.55
N ARG A 176 18.37 -0.98 -17.33
CA ARG A 176 19.08 -1.68 -16.29
C ARG A 176 18.72 -3.14 -16.28
N TRP A 177 17.56 -3.47 -16.83
CA TRP A 177 17.13 -4.86 -16.88
C TRP A 177 17.99 -5.55 -17.92
N VAL A 178 18.40 -4.80 -18.92
CA VAL A 178 19.23 -5.33 -19.98
C VAL A 178 20.61 -5.65 -19.42
N GLN A 179 21.17 -4.74 -18.64
CA GLN A 179 22.49 -4.97 -18.05
C GLN A 179 22.52 -6.26 -17.27
N ASP A 180 21.48 -6.48 -16.48
CA ASP A 180 21.43 -7.68 -15.66
C ASP A 180 20.95 -8.96 -16.31
N ASN A 181 20.26 -8.88 -17.44
CA ASN A 181 19.74 -10.10 -18.07
C ASN A 181 20.08 -10.36 -19.52
N ILE A 182 20.37 -9.31 -20.29
CA ILE A 182 20.61 -9.51 -21.71
C ILE A 182 21.57 -10.63 -22.13
N ALA A 183 22.59 -10.89 -21.32
CA ALA A 183 23.54 -11.92 -21.68
C ALA A 183 22.89 -13.30 -21.84
N SER A 184 21.74 -13.50 -21.21
CA SER A 184 21.05 -14.78 -21.30
C SER A 184 20.35 -14.93 -22.65
N PHE A 185 20.43 -13.90 -23.47
CA PHE A 185 19.81 -13.94 -24.78
C PHE A 185 20.86 -13.82 -25.88
N GLY A 186 22.11 -13.96 -25.47
CA GLY A 186 23.20 -13.90 -26.42
C GLY A 186 23.71 -12.51 -26.67
N GLY A 187 23.39 -11.59 -25.76
CA GLY A 187 23.84 -10.22 -25.93
C GLY A 187 24.94 -9.82 -24.97
N ASN A 188 25.82 -8.93 -25.42
CA ASN A 188 26.91 -8.47 -24.58
C ASN A 188 26.46 -7.18 -23.90
N PRO A 189 26.30 -7.23 -22.57
CA PRO A 189 25.88 -6.07 -21.77
C PRO A 189 26.89 -4.96 -21.80
N GLY A 190 28.07 -5.26 -22.33
CA GLY A 190 29.13 -4.28 -22.40
C GLY A 190 29.09 -3.46 -23.68
N SER A 191 28.25 -3.87 -24.61
CA SER A 191 28.10 -3.17 -25.87
C SER A 191 26.63 -2.94 -26.13
N VAL A 192 26.08 -1.90 -25.49
CA VAL A 192 24.67 -1.56 -25.65
C VAL A 192 24.47 -0.18 -26.30
N THR A 193 23.62 -0.15 -27.32
CA THR A 193 23.32 1.07 -28.05
C THR A 193 21.85 1.42 -27.94
N ILE A 194 21.55 2.68 -27.65
CA ILE A 194 20.17 3.12 -27.56
C ILE A 194 19.86 3.98 -28.78
N PHE A 195 18.66 3.88 -29.31
CA PHE A 195 18.26 4.67 -30.46
C PHE A 195 16.74 4.78 -30.53
N GLY A 196 16.27 5.93 -31.00
CA GLY A 196 14.83 6.14 -31.13
C GLY A 196 14.55 7.36 -31.99
N GLU A 197 13.30 7.54 -32.40
CA GLU A 197 12.98 8.70 -33.23
C GLU A 197 11.85 9.56 -32.66
N SER A 198 11.85 10.84 -33.02
CA SER A 198 10.86 11.79 -32.52
C SER A 198 11.01 11.88 -31.01
N ALA A 199 9.92 11.76 -30.27
CA ALA A 199 9.98 11.83 -28.83
C ALA A 199 10.97 10.77 -28.34
N GLY A 200 11.20 9.78 -29.18
CA GLY A 200 12.12 8.71 -28.86
C GLY A 200 13.56 9.14 -28.98
N GLY A 201 13.81 10.15 -29.82
CA GLY A 201 15.16 10.68 -29.99
C GLY A 201 15.40 11.61 -28.82
N GLU A 202 14.36 12.35 -28.46
CA GLU A 202 14.36 13.28 -27.34
C GLU A 202 14.71 12.56 -26.06
N SER A 203 14.30 11.30 -25.98
CA SER A 203 14.56 10.46 -24.82
C SER A 203 16.00 9.98 -24.85
N VAL A 204 16.46 9.55 -26.02
CA VAL A 204 17.83 9.09 -26.12
C VAL A 204 18.74 10.25 -25.74
N SER A 205 18.38 11.43 -26.19
CA SER A 205 19.15 12.64 -25.91
C SER A 205 19.21 12.94 -24.41
N VAL A 206 18.09 12.77 -23.73
CA VAL A 206 18.00 13.01 -22.30
C VAL A 206 18.80 11.99 -21.52
N LEU A 207 18.74 10.73 -21.90
CA LEU A 207 19.47 9.69 -21.19
C LEU A 207 20.96 9.90 -21.29
N VAL A 208 21.39 10.52 -22.37
CA VAL A 208 22.80 10.80 -22.59
C VAL A 208 23.27 11.95 -21.69
N LEU A 209 22.31 12.77 -21.27
CA LEU A 209 22.55 13.92 -20.39
C LEU A 209 22.28 13.62 -18.93
N SER A 210 21.63 12.50 -18.64
CA SER A 210 21.30 12.13 -17.28
C SER A 210 22.32 11.29 -16.56
N PRO A 211 22.70 11.72 -15.35
CA PRO A 211 23.67 10.99 -14.55
C PRO A 211 23.21 9.56 -14.23
N LEU A 212 21.90 9.38 -14.13
CA LEU A 212 21.31 8.08 -13.82
C LEU A 212 21.50 7.02 -14.89
N ALA A 213 21.72 7.44 -16.13
CA ALA A 213 21.86 6.50 -17.24
C ALA A 213 23.29 6.10 -17.54
N LYS A 214 24.21 6.67 -16.77
CA LYS A 214 25.64 6.41 -16.89
C LYS A 214 25.90 4.91 -16.80
N ASN A 215 26.72 4.38 -17.70
CA ASN A 215 27.07 2.95 -17.68
C ASN A 215 25.98 1.98 -18.11
N LEU A 216 24.84 2.50 -18.56
CA LEU A 216 23.77 1.62 -18.98
C LEU A 216 23.81 1.39 -20.48
N PHE A 217 24.54 2.25 -21.17
CA PHE A 217 24.71 2.15 -22.61
C PHE A 217 26.06 2.74 -23.02
N HIS A 218 26.51 2.41 -24.22
CA HIS A 218 27.81 2.86 -24.70
C HIS A 218 27.77 3.60 -26.02
N ARG A 219 26.58 3.71 -26.61
CA ARG A 219 26.40 4.43 -27.88
C ARG A 219 24.98 4.96 -27.96
N ALA A 220 24.78 6.00 -28.77
CA ALA A 220 23.46 6.58 -28.91
C ALA A 220 23.12 7.04 -30.34
N ILE A 221 21.85 6.92 -30.70
CA ILE A 221 21.36 7.32 -32.00
C ILE A 221 20.01 8.06 -31.86
N SER A 222 20.02 9.37 -32.11
CA SER A 222 18.79 10.14 -32.04
C SER A 222 18.31 10.40 -33.46
N GLU A 223 17.20 9.75 -33.82
CA GLU A 223 16.64 9.90 -35.15
C GLU A 223 15.54 10.95 -35.20
N SER A 224 15.86 12.11 -35.73
CA SER A 224 14.90 13.21 -35.85
C SER A 224 14.37 13.71 -34.50
N GLY A 225 15.28 14.08 -33.60
CA GLY A 225 14.84 14.59 -32.30
C GLY A 225 15.87 14.62 -31.19
N VAL A 226 16.06 15.79 -30.59
CA VAL A 226 17.01 15.96 -29.50
C VAL A 226 16.40 16.67 -28.29
N ALA A 227 17.17 16.75 -27.21
CA ALA A 227 16.71 17.40 -25.97
C ALA A 227 16.39 18.88 -26.15
N LEU A 228 17.19 19.60 -26.93
CA LEU A 228 16.92 21.03 -27.15
C LEU A 228 15.57 21.32 -27.88
N THR A 229 14.95 20.27 -28.46
CA THR A 229 13.64 20.38 -29.12
C THR A 229 12.64 20.75 -27.99
N SER A 230 12.65 22.04 -27.68
CA SER A 230 11.85 22.62 -26.61
C SER A 230 10.43 22.06 -26.43
N VAL A 231 9.72 21.78 -27.52
CA VAL A 231 8.36 21.28 -27.38
C VAL A 231 8.17 20.20 -26.28
N LEU A 232 9.08 19.24 -26.20
CA LEU A 232 8.96 18.16 -25.21
C LEU A 232 9.60 18.38 -23.83
N VAL A 233 10.28 19.51 -23.65
CA VAL A 233 10.93 19.81 -22.37
C VAL A 233 10.32 21.06 -21.72
N LYS A 234 9.45 20.85 -20.73
CA LYS A 234 8.81 21.95 -20.02
C LYS A 234 9.80 22.63 -19.09
N LYS A 235 10.18 23.84 -19.43
CA LYS A 235 11.12 24.61 -18.62
C LYS A 235 10.31 25.69 -17.87
N GLY A 236 10.68 25.98 -16.62
CA GLY A 236 9.94 26.96 -15.87
C GLY A 236 8.97 26.35 -14.86
N ASP A 237 8.02 27.14 -14.36
CA ASP A 237 7.06 26.64 -13.38
C ASP A 237 5.96 25.82 -14.03
N VAL A 238 5.95 24.51 -13.74
CA VAL A 238 4.96 23.61 -14.31
C VAL A 238 3.70 23.47 -13.46
N LYS A 239 3.77 24.00 -12.25
CA LYS A 239 2.67 23.94 -11.30
C LYS A 239 1.30 24.27 -11.92
N PRO A 240 1.25 25.30 -12.80
CA PRO A 240 0.00 25.71 -13.47
C PRO A 240 -0.59 24.65 -14.37
N LEU A 241 0.28 23.87 -15.02
CA LEU A 241 -0.18 22.82 -15.92
C LEU A 241 -0.77 21.70 -15.05
N ALA A 242 -0.15 21.46 -13.90
CA ALA A 242 -0.58 20.43 -12.98
C ALA A 242 -1.96 20.73 -12.41
N GLU A 243 -2.14 22.00 -12.04
CA GLU A 243 -3.39 22.47 -11.49
C GLU A 243 -4.51 22.41 -12.51
N GLN A 244 -4.18 22.62 -13.78
CA GLN A 244 -5.22 22.56 -14.80
C GLN A 244 -5.68 21.12 -14.98
N ILE A 245 -4.72 20.22 -15.11
CA ILE A 245 -4.99 18.80 -15.26
C ILE A 245 -5.84 18.26 -14.09
N ALA A 246 -5.50 18.69 -12.87
CA ALA A 246 -6.22 18.25 -11.67
C ALA A 246 -7.67 18.70 -11.71
N ILE A 247 -7.86 19.93 -12.15
CA ILE A 247 -9.20 20.52 -12.26
C ILE A 247 -10.05 19.81 -13.30
N THR A 248 -9.48 19.68 -14.51
CA THR A 248 -10.13 19.01 -15.63
C THR A 248 -10.57 17.63 -15.22
N ALA A 249 -9.84 17.06 -14.26
CA ALA A 249 -10.12 15.72 -13.77
C ALA A 249 -11.03 15.69 -12.56
N GLY A 250 -11.41 16.86 -12.05
CA GLY A 250 -12.29 16.91 -10.89
C GLY A 250 -11.59 16.74 -9.56
N CYS A 251 -10.45 17.41 -9.40
CA CYS A 251 -9.67 17.34 -8.17
C CYS A 251 -9.51 18.73 -7.58
N LYS A 252 -9.20 18.80 -6.29
CA LYS A 252 -9.00 20.10 -5.66
C LYS A 252 -7.53 20.39 -5.88
N THR A 253 -7.15 21.66 -5.85
CA THR A 253 -5.73 22.01 -6.01
C THR A 253 -5.19 22.75 -4.79
N THR A 254 -5.68 22.36 -3.62
CA THR A 254 -5.29 22.98 -2.37
C THR A 254 -3.79 22.98 -2.15
N THR A 255 -3.15 21.87 -2.50
CA THR A 255 -1.71 21.71 -2.35
C THR A 255 -1.26 20.65 -3.35
N SER A 256 0.04 20.51 -3.54
CA SER A 256 0.58 19.52 -4.46
C SER A 256 0.22 18.12 -3.99
N ALA A 257 0.63 17.77 -2.77
CA ALA A 257 0.36 16.47 -2.19
C ALA A 257 -1.08 16.07 -2.37
N VAL A 258 -1.98 17.03 -2.20
CA VAL A 258 -3.40 16.79 -2.34
C VAL A 258 -3.79 16.48 -3.79
N MET A 259 -3.17 17.16 -4.75
CA MET A 259 -3.46 16.93 -6.16
C MET A 259 -3.09 15.51 -6.58
N VAL A 260 -1.95 15.02 -6.08
CA VAL A 260 -1.46 13.69 -6.41
C VAL A 260 -2.24 12.56 -5.76
N HIS A 261 -2.69 12.78 -4.54
CA HIS A 261 -3.47 11.77 -3.84
C HIS A 261 -4.77 11.64 -4.62
N CYS A 262 -5.40 12.76 -4.90
CA CYS A 262 -6.65 12.76 -5.64
C CYS A 262 -6.51 12.03 -6.95
N LEU A 263 -5.46 12.34 -7.69
CA LEU A 263 -5.26 11.72 -8.98
C LEU A 263 -4.95 10.24 -8.90
N ARG A 264 -4.35 9.79 -7.80
CA ARG A 264 -4.05 8.37 -7.66
C ARG A 264 -5.32 7.53 -7.50
N GLN A 265 -6.40 8.17 -7.08
CA GLN A 265 -7.67 7.48 -6.91
C GLN A 265 -8.52 7.43 -8.16
N LYS A 266 -8.24 8.30 -9.11
CA LYS A 266 -9.01 8.27 -10.34
C LYS A 266 -8.76 6.94 -11.06
N THR A 267 -9.75 6.44 -11.79
CA THR A 267 -9.57 5.21 -12.52
C THR A 267 -8.85 5.50 -13.83
N GLU A 268 -8.21 4.50 -14.40
CA GLU A 268 -7.51 4.66 -15.66
C GLU A 268 -8.43 5.26 -16.71
N GLU A 269 -9.67 4.79 -16.74
CA GLU A 269 -10.67 5.27 -17.67
C GLU A 269 -10.94 6.76 -17.46
N GLU A 270 -10.93 7.21 -16.20
CA GLU A 270 -11.20 8.61 -15.92
C GLU A 270 -10.03 9.47 -16.40
N LEU A 271 -8.82 9.04 -16.07
CA LEU A 271 -7.64 9.76 -16.47
C LEU A 271 -7.48 9.80 -17.97
N LEU A 272 -8.12 8.87 -18.69
CA LEU A 272 -8.04 8.87 -20.15
C LEU A 272 -9.02 9.90 -20.71
N GLU A 273 -10.13 10.11 -20.02
CA GLU A 273 -11.13 11.08 -20.45
C GLU A 273 -10.61 12.48 -20.18
N THR A 274 -9.74 12.59 -19.19
CA THR A 274 -9.12 13.86 -18.83
C THR A 274 -8.14 14.18 -19.96
N THR A 275 -7.43 13.14 -20.38
CA THR A 275 -6.44 13.21 -21.44
C THR A 275 -7.10 13.64 -22.72
N LEU A 276 -8.25 13.04 -23.00
CA LEU A 276 -9.04 13.32 -24.18
C LEU A 276 -9.58 14.74 -24.16
N LYS A 277 -10.08 15.19 -23.02
CA LYS A 277 -10.57 16.54 -22.89
C LYS A 277 -9.44 17.54 -23.16
N MET A 278 -8.24 17.23 -22.67
CA MET A 278 -7.08 18.09 -22.83
C MET A 278 -6.76 18.33 -24.30
N LYS A 279 -7.14 17.40 -25.16
CA LYS A 279 -6.91 17.55 -26.59
C LYS A 279 -5.46 17.88 -26.98
N PHE A 280 -4.50 17.16 -26.39
CA PHE A 280 -3.08 17.38 -26.72
C PHE A 280 -2.86 16.94 -28.18
N LEU A 296 2.36 17.24 -21.46
CA LEU A 296 3.21 17.08 -20.31
C LEU A 296 4.53 16.61 -20.95
N GLY A 297 5.66 16.82 -20.30
CA GLY A 297 6.89 16.38 -20.90
C GLY A 297 8.06 16.42 -19.97
N THR A 298 9.22 16.00 -20.49
CA THR A 298 10.46 16.01 -19.74
C THR A 298 10.54 17.32 -18.96
N VAL A 299 10.93 17.26 -17.69
CA VAL A 299 11.08 18.46 -16.85
C VAL A 299 12.40 18.35 -16.10
N ILE A 300 12.88 19.46 -15.55
CA ILE A 300 14.13 19.41 -14.79
C ILE A 300 13.73 19.00 -13.36
N ASP A 301 13.67 17.69 -13.13
CA ASP A 301 13.24 17.16 -11.85
C ASP A 301 14.25 17.20 -10.70
N GLY A 302 15.54 17.19 -11.00
CA GLY A 302 16.54 17.20 -9.94
C GLY A 302 17.15 15.83 -9.71
N MET A 303 16.55 14.81 -10.32
CA MET A 303 17.05 13.45 -10.19
C MET A 303 17.57 13.01 -11.55
N LEU A 304 16.67 12.94 -12.53
CA LEU A 304 17.06 12.56 -13.88
C LEU A 304 17.83 13.69 -14.57
N LEU A 305 17.32 14.92 -14.49
CA LEU A 305 17.97 16.08 -15.07
C LEU A 305 18.17 17.12 -13.99
N LEU A 306 19.41 17.57 -13.79
CA LEU A 306 19.72 18.55 -12.75
C LEU A 306 19.66 20.00 -13.21
N LYS A 307 19.84 20.22 -14.51
CA LYS A 307 19.82 21.56 -15.07
C LYS A 307 19.28 21.43 -16.49
N THR A 308 18.99 22.55 -17.16
CA THR A 308 18.46 22.47 -18.51
C THR A 308 19.46 21.88 -19.51
N PRO A 309 18.95 21.25 -20.58
CA PRO A 309 19.77 20.64 -21.62
C PRO A 309 20.81 21.61 -22.18
N GLU A 310 20.45 22.88 -22.19
CA GLU A 310 21.32 23.94 -22.68
C GLU A 310 22.48 24.07 -21.70
N GLU A 311 22.14 24.38 -20.44
CA GLU A 311 23.14 24.54 -19.39
C GLU A 311 24.06 23.34 -19.33
N LEU A 312 23.46 22.15 -19.45
CA LEU A 312 24.23 20.90 -19.41
C LEU A 312 25.22 20.76 -20.55
N GLN A 313 24.90 21.36 -21.69
CA GLN A 313 25.75 21.29 -22.88
C GLN A 313 26.76 22.43 -22.87
N ALA A 314 26.62 23.34 -21.92
CA ALA A 314 27.56 24.44 -21.78
C ALA A 314 28.79 23.77 -21.20
N GLU A 315 28.55 23.01 -20.13
CA GLU A 315 29.58 22.26 -19.45
C GLU A 315 29.67 21.01 -20.33
N ARG A 316 30.79 20.29 -20.28
CA ARG A 316 30.92 19.05 -21.07
C ARG A 316 30.42 18.03 -20.07
N THR A 320 30.37 11.15 -22.64
CA THR A 320 31.02 11.29 -23.93
C THR A 320 31.06 9.93 -24.63
N VAL A 321 29.92 9.52 -25.17
CA VAL A 321 29.85 8.25 -25.88
C VAL A 321 29.57 8.56 -27.33
N PRO A 322 29.96 7.76 -28.25
CA PRO A 322 29.70 8.09 -29.56
C PRO A 322 28.35 8.51 -29.81
N TYR A 323 27.82 9.39 -30.68
CA TYR A 323 26.43 9.79 -30.81
C TYR A 323 26.18 10.06 -32.24
N MET A 324 25.22 9.47 -32.91
CA MET A 324 24.71 9.82 -34.18
C MET A 324 23.54 10.58 -34.17
N VAL A 325 23.50 11.69 -34.82
CA VAL A 325 22.32 12.54 -34.80
C VAL A 325 21.92 12.90 -36.21
N GLY A 326 20.68 12.58 -36.57
CA GLY A 326 20.21 12.87 -37.93
C GLY A 326 18.80 13.39 -38.02
N ILE A 327 18.48 13.98 -39.17
CA ILE A 327 17.15 14.53 -39.43
C ILE A 327 16.74 14.06 -40.82
N ASN A 328 15.50 14.37 -41.20
CA ASN A 328 15.00 14.00 -42.52
C ASN A 328 14.80 15.26 -43.34
N LYS A 329 14.99 15.12 -44.66
CA LYS A 329 14.84 16.23 -45.62
C LYS A 329 13.65 17.14 -45.30
N GLN A 330 12.45 16.56 -45.29
CA GLN A 330 11.24 17.33 -45.00
C GLN A 330 10.53 16.80 -43.75
N GLU A 331 10.94 17.31 -42.59
CA GLU A 331 10.34 16.89 -41.32
C GLU A 331 8.87 17.28 -41.19
N PHE A 332 8.52 18.48 -41.67
CA PHE A 332 7.13 18.94 -41.58
C PHE A 332 6.40 18.80 -42.91
N GLY A 333 6.81 17.81 -43.69
CA GLY A 333 6.21 17.59 -45.00
C GLY A 333 4.77 17.12 -45.08
N TRP A 334 4.35 16.23 -44.18
CA TRP A 334 2.98 15.73 -44.24
C TRP A 334 2.46 15.09 -42.95
N LEU A 335 3.20 14.09 -42.47
CA LEU A 335 2.86 13.33 -41.28
C LEU A 335 2.47 14.15 -40.05
N ILE A 336 3.35 15.04 -39.60
CA ILE A 336 3.04 15.83 -38.40
C ILE A 336 1.93 16.84 -38.67
N PRO A 337 2.12 17.70 -39.68
CA PRO A 337 1.08 18.70 -39.98
C PRO A 337 -0.30 18.05 -40.08
N MET A 338 -0.35 16.86 -40.70
CA MET A 338 -1.61 16.14 -40.87
C MET A 338 -2.23 15.78 -39.51
N LEU A 339 -1.53 14.96 -38.73
CA LEU A 339 -2.00 14.52 -37.42
C LEU A 339 -2.49 15.65 -36.53
N MET A 340 -1.69 16.71 -36.40
CA MET A 340 -2.07 17.84 -35.57
C MET A 340 -3.27 18.60 -36.13
N SER A 341 -3.72 18.21 -37.32
CA SER A 341 -4.86 18.86 -37.98
C SER A 341 -4.44 20.29 -38.31
N TYR A 342 -3.27 20.41 -38.90
CA TYR A 342 -2.72 21.71 -39.26
C TYR A 342 -3.61 22.44 -40.28
N PRO A 343 -3.76 23.78 -40.12
CA PRO A 343 -4.59 24.60 -41.02
C PRO A 343 -3.85 24.90 -42.34
N LEU A 344 -3.88 23.95 -43.27
CA LEU A 344 -3.21 24.13 -44.57
C LEU A 344 -3.95 23.44 -45.71
N GLN A 351 2.84 35.72 -47.46
CA GLN A 351 3.61 36.22 -46.32
C GLN A 351 2.75 36.62 -45.13
N LYS A 352 1.65 37.34 -45.38
CA LYS A 352 0.76 37.80 -44.30
C LYS A 352 0.20 36.62 -43.48
N THR A 353 -0.43 35.68 -44.16
CA THR A 353 -0.97 34.50 -43.49
C THR A 353 0.11 33.80 -42.66
N ALA A 354 1.31 33.64 -43.25
CA ALA A 354 2.44 32.98 -42.60
C ALA A 354 2.64 33.45 -41.16
N MET A 355 2.82 34.75 -40.97
CA MET A 355 3.00 35.31 -39.63
C MET A 355 1.83 34.92 -38.74
N SER A 356 0.63 34.86 -39.33
CA SER A 356 -0.58 34.49 -38.59
C SER A 356 -0.39 33.09 -38.01
N LEU A 357 -0.24 32.10 -38.90
CA LEU A 357 -0.03 30.70 -38.51
C LEU A 357 1.18 30.54 -37.60
N LEU A 358 2.31 31.11 -38.02
CA LEU A 358 3.53 31.02 -37.23
C LEU A 358 3.20 31.30 -35.76
N TRP A 359 2.62 32.47 -35.51
CA TRP A 359 2.22 32.84 -34.15
C TRP A 359 1.27 31.79 -33.51
N LYS A 360 0.27 31.34 -34.28
CA LYS A 360 -0.69 30.33 -33.82
C LYS A 360 0.03 29.02 -33.53
N SER A 361 1.24 28.91 -34.09
CA SER A 361 2.05 27.69 -33.94
C SER A 361 2.99 27.84 -32.76
N TYR A 362 2.74 28.86 -31.93
CA TYR A 362 3.57 29.15 -30.76
C TYR A 362 3.88 27.92 -29.88
N PRO A 363 2.87 27.05 -29.63
CA PRO A 363 3.10 25.87 -28.80
C PRO A 363 4.08 24.86 -29.44
N LEU A 364 4.47 25.14 -30.68
CA LEU A 364 5.37 24.24 -31.39
C LEU A 364 6.71 24.90 -31.76
N VAL A 365 6.74 26.22 -31.76
CA VAL A 365 7.96 26.92 -32.14
C VAL A 365 8.37 27.97 -31.13
N CYS A 366 7.43 28.33 -30.24
CA CYS A 366 7.64 29.32 -29.19
C CYS A 366 8.43 30.52 -29.72
N ILE A 367 8.00 31.07 -30.85
CA ILE A 367 8.67 32.24 -31.44
C ILE A 367 7.98 33.53 -30.96
N ALA A 368 8.77 34.51 -30.57
CA ALA A 368 8.24 35.80 -30.10
C ALA A 368 7.44 36.50 -31.21
N LYS A 369 6.30 37.07 -30.86
CA LYS A 369 5.44 37.76 -31.83
C LYS A 369 6.18 38.79 -32.69
N GLU A 370 7.15 39.48 -32.09
CA GLU A 370 7.96 40.50 -32.77
C GLU A 370 8.92 39.93 -33.82
N LEU A 371 9.54 38.80 -33.48
CA LEU A 371 10.49 38.14 -34.37
C LEU A 371 9.82 37.63 -35.64
N ILE A 372 8.65 37.02 -35.48
CA ILE A 372 7.86 36.43 -36.57
C ILE A 372 8.08 37.03 -37.98
N PRO A 373 7.79 38.34 -38.17
CA PRO A 373 7.96 38.96 -39.50
C PRO A 373 9.34 38.67 -40.12
N GLU A 374 10.40 38.89 -39.34
CA GLU A 374 11.77 38.61 -39.80
C GLU A 374 11.91 37.18 -40.35
N ALA A 375 11.43 36.21 -39.57
CA ALA A 375 11.50 34.81 -39.94
C ALA A 375 10.61 34.52 -41.14
N THR A 376 9.33 34.84 -41.05
CA THR A 376 8.37 34.59 -42.15
C THR A 376 8.93 35.16 -43.45
N GLU A 377 9.58 36.32 -43.30
CA GLU A 377 10.21 37.03 -44.41
C GLU A 377 11.43 36.26 -44.93
N LYS A 378 12.36 35.95 -44.02
CA LYS A 378 13.59 35.21 -44.32
C LYS A 378 13.37 33.90 -45.09
N TYR A 379 12.20 33.27 -44.93
CA TYR A 379 11.91 32.02 -45.61
C TYR A 379 10.94 32.18 -46.77
N LEU A 380 10.21 33.30 -46.81
CA LEU A 380 9.23 33.53 -47.88
C LEU A 380 9.44 34.73 -48.82
N GLY A 381 10.47 35.53 -48.55
CA GLY A 381 10.74 36.70 -49.36
C GLY A 381 11.13 36.50 -50.83
N VAL A 387 2.35 29.13 -53.53
CA VAL A 387 2.33 27.67 -53.46
C VAL A 387 3.70 27.29 -52.89
N LYS A 388 4.75 27.76 -53.56
CA LYS A 388 6.11 27.53 -53.12
C LYS A 388 6.27 28.09 -51.71
N LYS A 389 5.88 29.35 -51.53
CA LYS A 389 5.98 30.01 -50.24
C LYS A 389 5.42 29.11 -49.11
N LYS A 390 4.42 28.29 -49.44
CA LYS A 390 3.83 27.39 -48.46
C LYS A 390 4.86 26.33 -48.04
N ASP A 391 5.59 25.78 -49.00
CA ASP A 391 6.59 24.76 -48.70
C ASP A 391 7.70 25.38 -47.87
N LEU A 392 7.96 26.66 -48.13
CA LEU A 392 8.99 27.40 -47.42
C LEU A 392 8.61 27.64 -45.95
N PHE A 393 7.32 27.67 -45.66
CA PHE A 393 6.88 27.84 -44.29
C PHE A 393 7.05 26.50 -43.57
N LEU A 394 6.83 25.41 -44.31
CA LEU A 394 6.97 24.08 -43.75
C LEU A 394 8.42 23.81 -43.44
N ASP A 395 9.31 24.45 -44.20
CA ASP A 395 10.74 24.29 -43.97
C ASP A 395 11.14 25.09 -42.74
N LEU A 396 10.44 26.21 -42.52
CA LEU A 396 10.71 27.03 -41.35
C LEU A 396 10.45 26.13 -40.14
N ILE A 397 9.18 25.76 -39.92
CA ILE A 397 8.80 24.89 -38.81
C ILE A 397 9.78 23.73 -38.70
N ALA A 398 10.15 23.15 -39.83
CA ALA A 398 11.08 22.02 -39.84
C ALA A 398 12.40 22.35 -39.15
N ASP A 399 13.06 23.40 -39.62
CA ASP A 399 14.35 23.85 -39.07
C ASP A 399 14.33 24.19 -37.57
N VAL A 400 13.27 24.85 -37.13
CA VAL A 400 13.15 25.21 -35.72
C VAL A 400 12.95 23.99 -34.85
N MET A 401 12.15 23.03 -35.33
CA MET A 401 11.88 21.82 -34.55
C MET A 401 12.94 20.72 -34.53
N PHE A 402 13.61 20.49 -35.65
CA PHE A 402 14.65 19.44 -35.70
C PHE A 402 15.98 19.93 -36.26
N GLY A 403 15.93 20.53 -37.43
CA GLY A 403 17.12 21.01 -38.09
C GLY A 403 18.14 21.69 -37.21
N VAL A 404 17.83 22.92 -36.81
CA VAL A 404 18.74 23.70 -36.00
C VAL A 404 19.10 23.03 -34.67
N PRO A 405 18.10 22.53 -33.92
CA PRO A 405 18.38 21.87 -32.64
C PRO A 405 19.40 20.73 -32.75
N SER A 406 19.15 19.81 -33.68
CA SER A 406 20.04 18.68 -33.90
C SER A 406 21.50 19.04 -34.08
N VAL A 407 21.78 20.00 -34.95
CA VAL A 407 23.15 20.43 -35.22
C VAL A 407 23.82 21.09 -34.02
N ILE A 408 23.11 22.02 -33.38
CA ILE A 408 23.65 22.69 -32.23
C ILE A 408 24.07 21.65 -31.21
N VAL A 409 23.35 20.52 -31.19
CA VAL A 409 23.63 19.42 -30.27
C VAL A 409 24.88 18.68 -30.72
N ALA A 410 24.81 18.16 -31.94
CA ALA A 410 25.92 17.43 -32.52
C ALA A 410 27.24 18.16 -32.33
N ARG A 411 27.18 19.49 -32.44
CA ARG A 411 28.36 20.35 -32.29
C ARG A 411 28.88 20.32 -30.86
N ASN A 412 27.98 20.48 -29.90
CA ASN A 412 28.36 20.46 -28.50
C ASN A 412 28.99 19.11 -28.14
N HIS A 413 28.32 18.04 -28.57
CA HIS A 413 28.82 16.70 -28.31
C HIS A 413 30.22 16.56 -28.92
N ARG A 414 30.37 17.06 -30.14
CA ARG A 414 31.64 17.01 -30.85
C ARG A 414 32.68 17.80 -30.06
N ASP A 415 32.25 18.95 -29.56
CA ASP A 415 33.12 19.83 -28.80
C ASP A 415 33.47 19.36 -27.39
N ALA A 416 32.67 18.46 -26.82
CA ALA A 416 32.98 17.96 -25.49
C ALA A 416 34.07 16.90 -25.65
N GLY A 417 34.37 16.54 -26.89
CA GLY A 417 35.41 15.56 -27.16
C GLY A 417 35.04 14.15 -27.54
N ALA A 418 33.79 13.89 -27.86
CA ALA A 418 33.39 12.53 -28.23
C ALA A 418 33.00 12.38 -29.69
N PRO A 419 33.10 11.15 -30.21
CA PRO A 419 32.74 10.87 -31.61
C PRO A 419 31.33 11.36 -31.92
N THR A 420 31.16 11.98 -33.08
CA THR A 420 29.85 12.49 -33.48
C THR A 420 29.66 12.27 -34.97
N TYR A 421 28.46 11.80 -35.34
CA TYR A 421 28.10 11.52 -36.72
C TYR A 421 26.73 12.11 -37.07
N MET A 422 26.63 12.82 -38.19
CA MET A 422 25.37 13.41 -38.61
C MET A 422 24.90 12.86 -39.92
N TYR A 423 23.60 12.88 -40.14
CA TYR A 423 23.04 12.38 -41.38
C TYR A 423 21.74 13.07 -41.73
N GLU A 424 21.43 13.06 -43.01
CA GLU A 424 20.20 13.66 -43.50
C GLU A 424 19.55 12.64 -44.41
N PHE A 425 18.43 12.05 -43.97
CA PHE A 425 17.75 11.06 -44.76
C PHE A 425 16.89 11.74 -45.79
N PHE A 431 6.21 2.29 -48.85
CA PHE A 431 5.24 1.93 -47.84
C PHE A 431 4.58 3.17 -47.22
N SER A 432 4.74 4.32 -47.87
CA SER A 432 4.14 5.55 -47.38
C SER A 432 2.62 5.48 -47.52
N SER A 433 1.92 6.45 -46.95
CA SER A 433 0.46 6.48 -47.01
C SER A 433 -0.04 6.89 -48.39
N ASP A 434 -1.22 6.39 -48.75
CA ASP A 434 -1.81 6.73 -50.04
C ASP A 434 -2.10 8.24 -50.11
N MET A 435 -2.52 8.80 -48.98
CA MET A 435 -2.86 10.22 -48.89
C MET A 435 -1.64 11.16 -48.90
N LYS A 436 -0.46 10.58 -48.73
CA LYS A 436 0.77 11.38 -48.71
C LYS A 436 1.14 11.85 -50.12
N PRO A 437 1.18 13.17 -50.35
CA PRO A 437 1.55 13.69 -51.68
C PRO A 437 2.90 13.11 -52.12
N LYS A 438 2.96 12.73 -53.39
CA LYS A 438 4.16 12.10 -53.96
C LYS A 438 5.41 12.99 -54.03
N THR A 439 5.21 14.31 -53.90
CA THR A 439 6.32 15.24 -53.96
C THR A 439 7.07 15.31 -52.63
N VAL A 440 6.49 14.68 -51.60
CA VAL A 440 7.10 14.67 -50.26
C VAL A 440 8.19 13.60 -50.17
N ILE A 441 9.38 14.02 -49.75
CA ILE A 441 10.52 13.09 -49.61
C ILE A 441 11.28 13.34 -48.31
N GLY A 442 11.60 12.26 -47.61
CA GLY A 442 12.32 12.38 -46.36
C GLY A 442 11.41 13.05 -45.35
N ASP A 443 10.19 12.53 -45.30
CA ASP A 443 9.17 13.03 -44.37
C ASP A 443 9.47 12.48 -42.98
N HIS A 444 8.75 12.96 -41.98
CA HIS A 444 8.98 12.51 -40.61
C HIS A 444 8.84 11.00 -40.48
N GLY A 445 9.88 10.37 -39.92
CA GLY A 445 9.85 8.93 -39.71
C GLY A 445 10.08 8.06 -40.93
N ASP A 446 10.33 8.66 -42.09
CA ASP A 446 10.55 7.88 -43.30
C ASP A 446 11.77 6.95 -43.22
N GLU A 447 12.75 7.33 -42.41
CA GLU A 447 13.96 6.53 -42.28
C GLU A 447 13.68 5.22 -41.54
N LEU A 448 12.57 5.22 -40.80
CA LEU A 448 12.18 4.06 -40.00
C LEU A 448 12.10 2.73 -40.77
N PHE A 449 11.61 2.80 -42.00
CA PHE A 449 11.45 1.60 -42.81
C PHE A 449 12.75 1.01 -43.29
N SER A 450 13.78 1.84 -43.32
CA SER A 450 15.09 1.40 -43.75
C SER A 450 15.76 0.74 -42.56
N VAL A 451 15.76 1.46 -41.44
CA VAL A 451 16.37 0.96 -40.22
C VAL A 451 15.81 -0.39 -39.80
N PHE A 452 14.50 -0.52 -39.83
CA PHE A 452 13.88 -1.77 -39.43
C PHE A 452 13.59 -2.80 -40.53
N GLY A 453 14.33 -2.68 -41.63
CA GLY A 453 14.19 -3.59 -42.75
C GLY A 453 12.78 -3.83 -43.25
N ALA A 454 12.01 -2.76 -43.39
CA ALA A 454 10.64 -2.88 -43.87
C ALA A 454 10.57 -3.63 -45.22
N PRO A 455 11.55 -3.41 -46.11
CA PRO A 455 11.54 -4.09 -47.42
C PRO A 455 11.67 -5.61 -47.34
N PHE A 456 11.84 -6.16 -46.14
CA PHE A 456 11.97 -7.61 -45.97
C PHE A 456 10.79 -8.23 -45.22
N LEU A 457 9.86 -7.40 -44.76
CA LEU A 457 8.70 -7.90 -44.05
C LEU A 457 7.43 -7.62 -44.84
N LYS A 458 7.39 -6.44 -45.46
CA LYS A 458 6.23 -6.04 -46.27
C LYS A 458 6.49 -6.49 -47.71
N GLU A 465 15.03 0.14 -53.07
CA GLU A 465 14.66 0.29 -51.67
C GLU A 465 15.26 -0.84 -50.82
N ILE A 466 15.17 -2.06 -51.34
CA ILE A 466 15.69 -3.22 -50.63
C ILE A 466 17.14 -2.95 -50.29
N ARG A 467 17.85 -2.39 -51.25
CA ARG A 467 19.27 -2.10 -51.08
C ARG A 467 19.48 -0.97 -50.08
N LEU A 468 18.65 0.06 -50.15
CA LEU A 468 18.77 1.20 -49.25
C LEU A 468 18.72 0.73 -47.81
N SER A 469 17.73 -0.11 -47.51
CA SER A 469 17.55 -0.67 -46.18
C SER A 469 18.82 -1.41 -45.75
N LYS A 470 19.32 -2.28 -46.61
CA LYS A 470 20.53 -3.04 -46.35
C LYS A 470 21.66 -2.13 -45.93
N MET A 471 21.85 -1.06 -46.69
CA MET A 471 22.90 -0.10 -46.41
C MET A 471 22.75 0.51 -45.02
N VAL A 472 21.56 1.04 -44.74
CA VAL A 472 21.25 1.69 -43.46
C VAL A 472 21.43 0.75 -42.28
N MET A 473 20.88 -0.44 -42.39
CA MET A 473 20.98 -1.39 -41.31
C MET A 473 22.42 -1.71 -40.98
N LYS A 474 23.25 -1.77 -42.03
CA LYS A 474 24.67 -2.08 -41.85
C LYS A 474 25.40 -0.93 -41.15
N PHE A 475 24.97 0.28 -41.45
CA PHE A 475 25.56 1.46 -40.84
C PHE A 475 25.17 1.50 -39.37
N TRP A 476 23.87 1.50 -39.10
CA TRP A 476 23.35 1.51 -37.74
C TRP A 476 23.98 0.38 -36.95
N ALA A 477 24.08 -0.80 -37.56
CA ALA A 477 24.67 -1.95 -36.89
C ALA A 477 26.17 -1.82 -36.62
N ASN A 478 26.93 -1.35 -37.61
CA ASN A 478 28.36 -1.18 -37.45
C ASN A 478 28.65 -0.28 -36.26
N PHE A 479 27.93 0.84 -36.21
CA PHE A 479 28.05 1.84 -35.15
C PHE A 479 27.75 1.16 -33.83
N ALA A 480 26.74 0.30 -33.85
CA ALA A 480 26.33 -0.43 -32.66
C ALA A 480 27.46 -1.26 -32.09
N ARG A 481 28.47 -1.55 -32.91
CA ARG A 481 29.59 -2.34 -32.42
C ARG A 481 30.89 -1.59 -32.30
N ASN A 482 31.12 -0.62 -33.18
CA ASN A 482 32.38 0.10 -33.12
C ASN A 482 32.29 1.55 -32.69
N GLY A 483 31.12 2.15 -32.85
CA GLY A 483 30.98 3.54 -32.50
C GLY A 483 31.43 4.29 -33.74
N ASN A 484 31.41 3.55 -34.86
CA ASN A 484 31.81 4.07 -36.16
C ASN A 484 30.96 3.32 -37.19
N PRO A 485 30.16 4.04 -37.97
CA PRO A 485 29.29 3.48 -39.00
C PRO A 485 29.96 2.81 -40.18
N ASN A 486 31.19 3.23 -40.47
CA ASN A 486 31.94 2.71 -41.61
C ASN A 486 32.33 1.24 -41.63
N GLY A 487 32.40 0.72 -42.85
CA GLY A 487 32.75 -0.68 -43.06
C GLY A 487 32.76 -0.99 -44.55
N GLU A 488 33.13 -2.22 -44.90
CA GLU A 488 33.18 -2.64 -46.29
C GLU A 488 31.90 -2.55 -47.11
N GLY A 489 32.03 -2.04 -48.33
CA GLY A 489 30.90 -1.90 -49.23
C GLY A 489 29.97 -0.76 -48.88
N LEU A 490 30.44 0.17 -48.05
CA LEU A 490 29.59 1.27 -47.65
C LEU A 490 30.23 2.60 -47.92
N PRO A 491 29.51 3.49 -48.61
CA PRO A 491 30.09 4.81 -48.89
C PRO A 491 30.69 5.34 -47.61
N HIS A 492 31.75 6.12 -47.75
CA HIS A 492 32.41 6.64 -46.57
C HIS A 492 31.57 7.65 -45.79
N TRP A 493 31.42 7.42 -44.48
CA TRP A 493 30.64 8.33 -43.65
C TRP A 493 31.62 9.13 -42.80
N PRO A 494 31.88 10.39 -43.18
CA PRO A 494 32.80 11.22 -42.42
C PRO A 494 32.36 11.45 -40.98
N GLU A 495 33.30 11.79 -40.10
CA GLU A 495 32.96 12.06 -38.73
C GLU A 495 32.63 13.54 -38.59
N TYR A 496 31.61 13.86 -37.81
CA TYR A 496 31.24 15.25 -37.63
C TYR A 496 32.28 15.94 -36.77
N ASN A 497 33.33 16.43 -37.41
CA ASN A 497 34.37 17.13 -36.69
C ASN A 497 34.23 18.61 -37.00
N GLN A 498 35.34 19.29 -37.19
CA GLN A 498 35.26 20.71 -37.49
C GLN A 498 34.80 20.95 -38.92
N LYS A 499 35.08 19.98 -39.78
CA LYS A 499 34.69 20.04 -41.18
C LYS A 499 33.20 19.83 -41.33
N GLU A 500 32.54 19.59 -40.20
CA GLU A 500 31.10 19.34 -40.16
C GLU A 500 30.68 18.44 -41.30
N GLY A 501 31.33 17.27 -41.38
CA GLY A 501 31.03 16.33 -42.43
C GLY A 501 29.92 15.39 -41.99
N TYR A 502 28.91 15.28 -42.84
CA TYR A 502 27.79 14.42 -42.54
C TYR A 502 27.46 13.53 -43.75
N LEU A 503 26.43 12.71 -43.60
CA LEU A 503 26.02 11.80 -44.66
C LEU A 503 24.62 12.12 -45.18
N GLN A 504 24.43 11.96 -46.48
CA GLN A 504 23.13 12.18 -47.08
C GLN A 504 22.69 10.81 -47.51
N ILE A 505 21.71 10.27 -46.78
CA ILE A 505 21.19 8.94 -47.07
C ILE A 505 19.98 9.02 -47.96
N GLY A 506 19.98 8.21 -49.02
CA GLY A 506 18.87 8.21 -49.94
C GLY A 506 19.19 7.34 -51.15
N ALA A 507 18.60 7.65 -52.30
CA ALA A 507 18.87 6.89 -53.51
C ALA A 507 20.36 7.03 -53.84
N ASN A 508 20.92 8.20 -53.55
CA ASN A 508 22.33 8.46 -53.79
C ASN A 508 22.93 8.87 -52.46
N THR A 509 23.51 7.91 -51.75
CA THR A 509 24.10 8.17 -50.45
C THR A 509 25.56 8.65 -50.54
N GLN A 510 25.75 9.96 -50.53
CA GLN A 510 27.10 10.53 -50.60
C GLN A 510 27.37 11.58 -49.51
N ALA A 511 28.65 11.70 -49.14
CA ALA A 511 29.06 12.68 -48.14
C ALA A 511 28.78 14.11 -48.61
N ALA A 512 28.64 15.02 -47.65
CA ALA A 512 28.38 16.43 -47.90
C ALA A 512 28.92 17.17 -46.67
N GLN A 513 28.78 18.48 -46.62
CA GLN A 513 29.30 19.21 -45.47
C GLN A 513 28.46 20.37 -44.94
N LYS A 514 28.76 20.74 -43.70
CA LYS A 514 28.10 21.83 -43.01
C LYS A 514 26.57 21.82 -43.16
N LEU A 515 25.94 20.83 -42.53
CA LEU A 515 24.49 20.67 -42.56
C LEU A 515 23.77 21.81 -41.84
N LYS A 516 22.77 22.38 -42.48
CA LYS A 516 21.99 23.47 -41.89
C LYS A 516 22.84 24.57 -41.27
N ASP A 517 24.12 24.61 -41.61
CA ASP A 517 25.03 25.63 -41.10
C ASP A 517 24.42 27.04 -41.11
N LYS A 518 24.10 27.52 -42.31
CA LYS A 518 23.52 28.84 -42.47
C LYS A 518 22.31 29.12 -41.56
N GLU A 519 21.32 28.21 -41.55
CA GLU A 519 20.12 28.38 -40.73
C GLU A 519 20.44 28.53 -39.25
N VAL A 520 21.32 27.65 -38.76
CA VAL A 520 21.71 27.69 -37.35
C VAL A 520 22.10 29.12 -37.04
N ALA A 521 23.04 29.66 -37.81
CA ALA A 521 23.51 31.03 -37.63
C ALA A 521 22.34 32.00 -37.52
N PHE A 522 21.43 31.92 -38.49
CA PHE A 522 20.24 32.79 -38.53
C PHE A 522 19.44 32.68 -37.24
N TRP A 523 18.91 31.48 -36.97
CA TRP A 523 18.10 31.22 -35.78
C TRP A 523 18.80 31.53 -34.47
N THR A 524 20.06 31.12 -34.35
CA THR A 524 20.84 31.40 -33.15
C THR A 524 20.87 32.89 -32.85
N ASN A 525 20.76 33.69 -33.92
CA ASN A 525 20.77 35.13 -33.77
C ASN A 525 19.43 35.80 -33.43
N PRO B 1 -9.12 -15.43 34.15
CA PRO B 1 -7.76 -15.80 33.81
C PRO B 1 -7.12 -14.83 32.83
N VAL B 2 -5.90 -14.39 33.11
CA VAL B 2 -5.20 -13.47 32.21
C VAL B 2 -3.85 -14.05 31.81
N VAL B 3 -3.71 -14.37 30.53
CA VAL B 3 -2.46 -14.90 30.04
C VAL B 3 -1.68 -13.79 29.34
N ASP B 4 -0.36 -13.95 29.29
CA ASP B 4 0.50 -12.96 28.69
C ASP B 4 1.17 -13.46 27.43
N THR B 5 0.70 -13.02 26.27
CA THR B 5 1.27 -13.46 25.00
C THR B 5 2.34 -12.51 24.48
N VAL B 6 2.90 -12.85 23.32
CA VAL B 6 3.95 -12.04 22.71
C VAL B 6 3.43 -10.69 22.21
N HIS B 7 2.18 -10.66 21.75
CA HIS B 7 1.59 -9.42 21.25
C HIS B 7 0.83 -8.65 22.33
N GLY B 8 0.75 -9.17 23.54
CA GLY B 8 0.05 -8.47 24.59
C GLY B 8 -0.68 -9.43 25.50
N LYS B 9 -1.42 -8.88 26.45
CA LYS B 9 -2.17 -9.69 27.41
C LYS B 9 -3.58 -9.97 26.90
N VAL B 10 -4.08 -11.17 27.15
CA VAL B 10 -5.43 -11.55 26.76
C VAL B 10 -6.18 -12.04 27.97
N LEU B 11 -7.44 -11.66 28.08
CA LEU B 11 -8.28 -12.05 29.21
C LEU B 11 -9.32 -13.08 28.77
N GLY B 12 -9.34 -14.23 29.45
CA GLY B 12 -10.30 -15.27 29.12
C GLY B 12 -11.34 -15.46 30.21
N LYS B 13 -11.95 -16.64 30.23
CA LYS B 13 -12.97 -16.99 31.22
C LYS B 13 -12.88 -18.45 31.61
N PHE B 14 -13.24 -18.77 32.86
CA PHE B 14 -13.20 -20.15 33.32
C PHE B 14 -14.56 -20.84 33.07
N VAL B 15 -14.52 -22.09 32.64
CA VAL B 15 -15.74 -22.86 32.40
C VAL B 15 -15.51 -24.26 32.94
N SER B 16 -16.41 -24.71 33.80
CA SER B 16 -16.28 -26.04 34.40
C SER B 16 -17.14 -27.08 33.72
N LEU B 17 -16.53 -28.21 33.41
CA LEU B 17 -17.24 -29.29 32.77
C LEU B 17 -17.66 -30.25 33.86
N GLU B 18 -18.94 -30.63 33.82
CA GLU B 18 -19.53 -31.53 34.79
C GLU B 18 -18.57 -32.62 35.25
N GLY B 19 -18.41 -32.73 36.57
CA GLY B 19 -17.53 -33.75 37.12
C GLY B 19 -16.03 -33.54 37.01
N PHE B 20 -15.59 -32.28 36.97
CA PHE B 20 -14.17 -31.95 36.91
C PHE B 20 -13.83 -30.84 37.91
N ALA B 21 -12.77 -31.05 38.67
CA ALA B 21 -12.33 -30.08 39.66
C ALA B 21 -11.64 -28.89 39.01
N GLN B 22 -10.72 -29.15 38.08
CA GLN B 22 -10.02 -28.07 37.41
C GLN B 22 -10.90 -27.59 36.26
N PRO B 23 -11.43 -26.37 36.37
CA PRO B 23 -12.27 -25.78 35.34
C PRO B 23 -11.34 -25.49 34.18
N VAL B 24 -11.88 -25.14 33.03
CA VAL B 24 -11.03 -24.85 31.90
C VAL B 24 -11.04 -23.37 31.57
N ALA B 25 -9.91 -22.88 31.05
CA ALA B 25 -9.75 -21.49 30.67
C ALA B 25 -9.98 -21.42 29.17
N ILE B 26 -10.96 -20.63 28.75
CA ILE B 26 -11.32 -20.49 27.35
C ILE B 26 -11.02 -19.10 26.83
N PHE B 27 -10.21 -19.03 25.78
CA PHE B 27 -9.87 -17.73 25.20
C PHE B 27 -10.42 -17.72 23.81
N LEU B 28 -11.47 -16.93 23.61
CA LEU B 28 -12.15 -16.84 22.32
C LEU B 28 -11.73 -15.66 21.48
N GLY B 29 -11.41 -15.93 20.23
CA GLY B 29 -11.03 -14.87 19.31
C GLY B 29 -9.71 -14.16 19.51
N ILE B 30 -8.60 -14.86 19.35
CA ILE B 30 -7.30 -14.23 19.47
C ILE B 30 -6.72 -14.07 18.09
N PRO B 31 -6.33 -12.85 17.73
CA PRO B 31 -5.75 -12.61 16.40
C PRO B 31 -4.32 -13.15 16.24
N PHE B 32 -4.10 -13.93 15.18
CA PHE B 32 -2.79 -14.49 14.90
C PHE B 32 -2.19 -13.83 13.68
N ALA B 33 -2.97 -12.97 13.05
CA ALA B 33 -2.53 -12.26 11.86
C ALA B 33 -3.22 -10.92 11.82
N LYS B 34 -2.83 -10.12 10.83
CA LYS B 34 -3.39 -8.79 10.65
C LYS B 34 -4.61 -8.91 9.73
N PRO B 35 -5.71 -8.22 10.07
CA PRO B 35 -6.91 -8.28 9.25
C PRO B 35 -6.59 -8.06 7.79
N PRO B 36 -6.78 -9.08 6.94
CA PRO B 36 -6.51 -9.08 5.50
C PRO B 36 -7.46 -8.22 4.70
N LEU B 37 -7.56 -6.95 5.09
CA LEU B 37 -8.45 -6.00 4.44
C LEU B 37 -7.75 -5.08 3.46
N GLY B 38 -8.56 -4.44 2.62
CA GLY B 38 -8.02 -3.52 1.65
C GLY B 38 -7.00 -4.16 0.74
N PRO B 39 -5.78 -3.63 0.72
CA PRO B 39 -4.66 -4.09 -0.09
C PRO B 39 -3.97 -5.33 0.41
N LEU B 40 -4.39 -5.83 1.58
CA LEU B 40 -3.78 -7.02 2.13
C LEU B 40 -4.52 -8.25 1.65
N ARG B 41 -5.60 -8.02 0.91
CA ARG B 41 -6.43 -9.08 0.37
C ARG B 41 -5.65 -9.76 -0.74
N PHE B 42 -5.75 -11.07 -0.83
CA PHE B 42 -5.05 -11.86 -1.84
C PHE B 42 -3.53 -11.77 -1.66
N THR B 43 -3.09 -11.64 -0.41
CA THR B 43 -1.68 -11.57 -0.11
C THR B 43 -1.44 -12.41 1.14
N PRO B 44 -0.18 -12.79 1.39
CA PRO B 44 0.10 -13.61 2.58
C PRO B 44 -0.31 -12.94 3.86
N PRO B 45 -0.54 -13.72 4.92
CA PRO B 45 -0.94 -13.10 6.18
C PRO B 45 0.23 -12.34 6.81
N GLN B 46 -0.11 -11.24 7.46
CA GLN B 46 0.87 -10.39 8.12
C GLN B 46 0.81 -10.59 9.62
N PRO B 47 1.93 -10.36 10.31
CA PRO B 47 1.91 -10.55 11.76
C PRO B 47 0.89 -9.58 12.34
N ALA B 48 0.45 -9.85 13.58
CA ALA B 48 -0.52 -8.98 14.21
C ALA B 48 0.11 -7.84 15.02
N GLU B 49 -0.44 -6.64 14.89
CA GLU B 49 0.03 -5.49 15.62
C GLU B 49 -0.17 -5.75 17.12
N PRO B 50 0.82 -5.43 17.95
CA PRO B 50 0.73 -5.62 19.39
C PRO B 50 -0.21 -4.60 20.03
N TRP B 51 -0.82 -4.95 21.16
CA TRP B 51 -1.74 -4.06 21.84
C TRP B 51 -1.33 -3.72 23.28
N SER B 52 -1.65 -2.50 23.70
CA SER B 52 -1.35 -2.03 25.06
C SER B 52 -2.48 -2.50 25.96
N PHE B 53 -2.17 -2.67 27.24
CA PHE B 53 -3.19 -3.09 28.19
C PHE B 53 -3.64 -4.53 27.92
N VAL B 54 -4.78 -4.90 28.49
CA VAL B 54 -5.29 -6.25 28.35
C VAL B 54 -6.40 -6.38 27.33
N LYS B 55 -6.28 -7.37 26.46
CA LYS B 55 -7.27 -7.63 25.42
C LYS B 55 -8.33 -8.60 25.91
N ASN B 56 -9.57 -8.13 25.93
CA ASN B 56 -10.68 -8.93 26.39
C ASN B 56 -10.97 -9.95 25.28
N ALA B 57 -10.77 -11.22 25.56
CA ALA B 57 -11.02 -12.27 24.57
C ALA B 57 -12.14 -13.16 25.04
N THR B 58 -13.32 -12.60 25.23
CA THR B 58 -14.43 -13.42 25.70
C THR B 58 -15.66 -13.57 24.81
N SER B 59 -15.53 -13.24 23.52
CA SER B 59 -16.65 -13.42 22.60
C SER B 59 -16.18 -13.96 21.26
N TYR B 60 -16.98 -14.87 20.70
CA TYR B 60 -16.67 -15.52 19.43
C TYR B 60 -16.34 -14.59 18.30
N PRO B 61 -15.26 -14.89 17.56
CA PRO B 61 -14.81 -14.11 16.43
C PRO B 61 -15.67 -14.38 15.19
N PRO B 62 -15.67 -13.62 14.14
CA PRO B 62 -16.50 -13.83 13.07
C PRO B 62 -16.06 -14.73 12.04
N MET B 63 -16.60 -15.08 10.93
CA MET B 63 -16.24 -16.19 10.21
C MET B 63 -15.84 -15.92 8.82
N CYS B 64 -14.96 -16.60 8.21
CA CYS B 64 -14.41 -15.86 7.19
C CYS B 64 -15.60 -15.61 6.14
N THR B 65 -15.84 -14.60 5.37
CA THR B 65 -16.90 -14.42 4.38
C THR B 65 -17.12 -15.70 3.59
N GLN B 66 -18.38 -16.10 3.56
CA GLN B 66 -18.82 -17.32 2.90
C GLN B 66 -20.32 -17.17 2.80
N ASP B 67 -20.96 -18.13 2.13
CA ASP B 67 -22.42 -18.14 2.01
C ASP B 67 -22.99 -18.24 3.43
N PRO B 68 -23.78 -17.23 3.86
CA PRO B 68 -24.35 -17.24 5.19
C PRO B 68 -25.34 -18.38 5.47
N LYS B 69 -26.09 -18.80 4.47
CA LYS B 69 -27.03 -19.88 4.68
C LYS B 69 -26.29 -21.19 4.79
N ALA B 70 -25.55 -21.55 3.75
CA ALA B 70 -24.80 -22.80 3.73
C ALA B 70 -23.87 -22.97 4.93
N GLY B 71 -23.27 -21.86 5.37
CA GLY B 71 -22.37 -21.91 6.50
C GLY B 71 -23.09 -22.19 7.81
N GLN B 72 -24.20 -21.50 8.02
CA GLN B 72 -24.98 -21.69 9.23
C GLN B 72 -25.62 -23.07 9.26
N LEU B 73 -25.82 -23.65 8.09
CA LEU B 73 -26.39 -24.99 8.00
C LEU B 73 -25.34 -26.01 8.41
N LEU B 74 -24.14 -25.88 7.88
CA LEU B 74 -23.05 -26.79 8.21
C LEU B 74 -22.69 -26.68 9.70
N SER B 75 -22.67 -25.47 10.22
CA SER B 75 -22.35 -25.24 11.62
C SER B 75 -23.36 -25.99 12.50
N GLU B 76 -24.62 -25.93 12.08
CA GLU B 76 -25.71 -26.58 12.79
C GLU B 76 -25.61 -28.10 12.74
N LEU B 77 -25.05 -28.64 11.66
CA LEU B 77 -24.93 -30.08 11.51
C LEU B 77 -23.69 -30.73 12.11
N PHE B 78 -22.63 -29.97 12.31
CA PHE B 78 -21.38 -30.51 12.88
C PHE B 78 -21.15 -30.12 14.34
N THR B 79 -21.65 -28.96 14.71
CA THR B 79 -21.49 -28.44 16.07
C THR B 79 -21.74 -29.50 17.15
N ASN B 80 -20.92 -29.49 18.19
CA ASN B 80 -21.06 -30.44 19.30
C ASN B 80 -21.59 -29.76 20.56
N ARG B 81 -22.16 -28.57 20.38
CA ARG B 81 -22.75 -27.79 21.47
C ARG B 81 -24.23 -28.09 21.48
N LYS B 82 -24.86 -27.87 22.62
CA LYS B 82 -26.29 -28.10 22.71
C LYS B 82 -26.92 -27.13 21.73
N GLU B 83 -26.71 -25.84 21.96
CA GLU B 83 -27.26 -24.82 21.09
C GLU B 83 -26.19 -24.37 20.08
N ASN B 84 -26.59 -24.20 18.82
CA ASN B 84 -25.66 -23.73 17.80
C ASN B 84 -25.49 -22.22 17.99
N ILE B 85 -24.30 -21.72 17.64
CA ILE B 85 -23.99 -20.30 17.78
C ILE B 85 -24.01 -19.52 16.47
N PRO B 86 -24.78 -18.42 16.42
CA PRO B 86 -24.92 -17.57 15.25
C PRO B 86 -23.67 -16.69 15.08
N LEU B 87 -23.00 -16.81 13.92
CA LEU B 87 -21.78 -16.03 13.67
C LEU B 87 -22.01 -14.86 12.73
N LYS B 88 -21.11 -13.90 12.80
CA LYS B 88 -21.15 -12.72 11.97
C LYS B 88 -20.19 -13.00 10.83
N LEU B 89 -20.38 -12.33 9.70
CA LEU B 89 -19.52 -12.53 8.54
C LEU B 89 -18.54 -11.37 8.37
N SER B 90 -17.28 -11.68 8.12
CA SER B 90 -16.32 -10.61 7.91
C SER B 90 -15.02 -11.09 7.32
N GLU B 91 -14.30 -10.16 6.69
CA GLU B 91 -13.01 -10.48 6.09
C GLU B 91 -12.02 -10.49 7.23
N ASP B 92 -12.39 -9.82 8.32
CA ASP B 92 -11.56 -9.76 9.51
C ASP B 92 -11.92 -11.02 10.27
N CYS B 93 -11.22 -12.10 9.99
CA CYS B 93 -11.53 -13.37 10.62
C CYS B 93 -10.35 -14.23 11.01
N LEU B 94 -9.15 -13.71 10.87
CA LEU B 94 -7.98 -14.51 11.20
C LEU B 94 -7.79 -14.62 12.70
N TYR B 95 -8.65 -15.41 13.34
CA TYR B 95 -8.60 -15.66 14.78
C TYR B 95 -8.54 -17.15 15.13
N LEU B 96 -8.26 -17.42 16.39
CA LEU B 96 -8.18 -18.78 16.89
C LEU B 96 -8.77 -18.81 18.28
N ASN B 97 -9.29 -19.96 18.70
CA ASN B 97 -9.87 -20.12 20.03
C ASN B 97 -9.04 -21.13 20.79
N ILE B 98 -8.82 -20.87 22.07
CA ILE B 98 -8.04 -21.78 22.91
C ILE B 98 -8.83 -22.33 24.11
N TYR B 99 -8.69 -23.64 24.31
CA TYR B 99 -9.31 -24.34 25.43
C TYR B 99 -8.18 -25.05 26.18
N THR B 100 -7.84 -24.55 27.37
CA THR B 100 -6.76 -25.16 28.12
C THR B 100 -7.15 -25.64 29.52
N PRO B 101 -6.92 -26.93 29.80
CA PRO B 101 -7.23 -27.56 31.08
C PRO B 101 -6.12 -27.33 32.11
N ALA B 102 -4.99 -26.81 31.66
CA ALA B 102 -3.87 -26.53 32.53
C ALA B 102 -4.22 -25.52 33.62
N ASP B 103 -3.51 -25.58 34.73
CA ASP B 103 -3.72 -24.64 35.82
C ASP B 103 -2.65 -23.58 35.60
N LEU B 104 -3.04 -22.52 34.90
CA LEU B 104 -2.15 -21.42 34.54
C LEU B 104 -1.25 -20.81 35.63
N THR B 105 -1.59 -21.06 36.90
CA THR B 105 -0.80 -20.54 38.02
C THR B 105 0.44 -21.39 38.30
N LYS B 106 0.87 -22.14 37.30
CA LYS B 106 2.04 -22.99 37.42
C LYS B 106 2.48 -23.36 36.00
N LYS B 107 3.69 -23.91 35.88
CA LYS B 107 4.21 -24.31 34.57
C LYS B 107 3.47 -25.57 34.13
N ASN B 108 3.24 -25.71 32.83
CA ASN B 108 2.54 -26.86 32.27
C ASN B 108 2.90 -27.08 30.82
N ARG B 109 3.18 -28.32 30.43
CA ARG B 109 3.53 -28.60 29.05
C ARG B 109 2.64 -29.66 28.47
N LEU B 110 1.33 -29.43 28.51
CA LEU B 110 0.35 -30.38 27.98
C LEU B 110 0.45 -30.42 26.46
N PRO B 111 0.20 -31.58 25.86
CA PRO B 111 0.27 -31.67 24.41
C PRO B 111 -0.76 -30.76 23.77
N VAL B 112 -0.54 -30.37 22.52
CA VAL B 112 -1.46 -29.48 21.84
C VAL B 112 -2.09 -30.07 20.59
N MET B 113 -3.41 -29.90 20.48
CA MET B 113 -4.17 -30.37 19.35
C MET B 113 -4.88 -29.21 18.64
N VAL B 114 -4.36 -28.85 17.48
CA VAL B 114 -4.91 -27.76 16.67
C VAL B 114 -5.88 -28.31 15.64
N TRP B 115 -7.12 -27.85 15.71
CA TRP B 115 -8.16 -28.30 14.80
C TRP B 115 -8.36 -27.40 13.59
N ILE B 116 -8.46 -28.01 12.41
CA ILE B 116 -8.67 -27.26 11.16
C ILE B 116 -10.03 -27.67 10.59
N HIS B 117 -11.04 -26.83 10.78
CA HIS B 117 -12.37 -27.15 10.30
C HIS B 117 -12.46 -27.48 8.82
N GLY B 118 -13.58 -28.05 8.41
CA GLY B 118 -13.79 -28.40 7.02
C GLY B 118 -14.90 -27.55 6.45
N GLY B 119 -15.18 -27.73 5.17
CA GLY B 119 -16.22 -26.94 4.53
C GLY B 119 -15.92 -26.72 3.07
N GLY B 120 -15.15 -27.65 2.48
CA GLY B 120 -14.80 -27.58 1.08
C GLY B 120 -13.96 -26.37 0.70
N LEU B 121 -13.34 -25.74 1.70
CA LEU B 121 -12.54 -24.55 1.49
C LEU B 121 -13.45 -23.43 0.99
N MET B 122 -14.72 -23.49 1.37
CA MET B 122 -15.72 -22.51 0.95
C MET B 122 -16.53 -22.01 2.15
N VAL B 123 -16.80 -22.90 3.10
CA VAL B 123 -17.56 -22.52 4.30
C VAL B 123 -16.91 -23.04 5.56
N GLY B 124 -17.49 -22.72 6.71
CA GLY B 124 -16.93 -23.20 7.96
C GLY B 124 -16.47 -22.11 8.91
N ALA B 125 -16.19 -22.52 10.14
CA ALA B 125 -15.74 -21.60 11.18
C ALA B 125 -15.18 -22.40 12.33
N ALA B 126 -14.23 -21.82 13.05
CA ALA B 126 -13.62 -22.50 14.19
C ALA B 126 -14.60 -22.60 15.36
N SER B 127 -15.39 -21.56 15.56
CA SER B 127 -16.36 -21.51 16.66
C SER B 127 -17.41 -22.60 16.64
N THR B 128 -17.49 -23.34 15.55
CA THR B 128 -18.45 -24.42 15.47
C THR B 128 -18.04 -25.51 16.46
N TYR B 129 -16.76 -25.85 16.46
CA TYR B 129 -16.25 -26.90 17.32
C TYR B 129 -15.82 -26.45 18.71
N ASP B 130 -16.48 -26.97 19.73
CA ASP B 130 -16.20 -26.65 21.13
C ASP B 130 -15.22 -27.66 21.72
N GLY B 131 -14.04 -27.19 22.14
CA GLY B 131 -13.06 -28.10 22.68
C GLY B 131 -12.99 -28.17 24.19
N LEU B 132 -14.11 -27.88 24.85
CA LEU B 132 -14.17 -27.93 26.32
C LEU B 132 -14.04 -29.38 26.79
N ALA B 133 -14.77 -30.28 26.13
CA ALA B 133 -14.79 -31.69 26.48
C ALA B 133 -13.45 -32.38 26.28
N LEU B 134 -12.94 -32.36 25.06
CA LEU B 134 -11.67 -33.00 24.76
C LEU B 134 -10.53 -32.52 25.68
N ALA B 135 -10.45 -31.21 25.88
CA ALA B 135 -9.42 -30.61 26.72
C ALA B 135 -9.47 -31.15 28.13
N ALA B 136 -10.64 -31.05 28.74
CA ALA B 136 -10.88 -31.52 30.11
C ALA B 136 -10.66 -33.01 30.29
N HIS B 137 -11.25 -33.80 29.40
CA HIS B 137 -11.13 -35.25 29.46
C HIS B 137 -9.75 -35.81 29.22
N GLU B 138 -9.09 -35.44 28.13
CA GLU B 138 -7.77 -35.98 27.85
C GLU B 138 -6.61 -35.10 28.24
N ASN B 139 -6.90 -34.01 28.94
CA ASN B 139 -5.87 -33.11 29.42
C ASN B 139 -4.92 -32.59 28.35
N VAL B 140 -5.47 -31.96 27.32
CA VAL B 140 -4.67 -31.41 26.26
C VAL B 140 -5.18 -30.02 25.96
N VAL B 141 -4.38 -29.24 25.25
CA VAL B 141 -4.79 -27.89 24.88
C VAL B 141 -5.36 -27.95 23.48
N VAL B 142 -6.63 -27.60 23.36
CA VAL B 142 -7.29 -27.62 22.07
C VAL B 142 -7.33 -26.21 21.48
N VAL B 143 -6.96 -26.11 20.21
CA VAL B 143 -6.93 -24.84 19.52
C VAL B 143 -7.73 -24.99 18.21
N THR B 144 -8.71 -24.13 18.01
CA THR B 144 -9.49 -24.16 16.80
C THR B 144 -9.14 -22.92 16.01
N ILE B 145 -8.53 -23.09 14.84
CA ILE B 145 -8.11 -21.97 14.02
C ILE B 145 -9.03 -21.69 12.85
N GLN B 146 -8.93 -20.48 12.31
CA GLN B 146 -9.69 -20.08 11.14
C GLN B 146 -8.73 -19.61 10.03
N TYR B 147 -9.20 -19.66 8.80
CA TYR B 147 -8.41 -19.25 7.65
C TYR B 147 -9.36 -18.72 6.60
N ARG B 148 -8.84 -17.99 5.63
CA ARG B 148 -9.67 -17.41 4.59
C ARG B 148 -10.25 -18.48 3.68
N LEU B 149 -11.48 -18.26 3.23
CA LEU B 149 -12.18 -19.22 2.39
C LEU B 149 -12.55 -18.63 1.04
N GLY B 150 -13.01 -19.51 0.16
CA GLY B 150 -13.45 -19.10 -1.16
C GLY B 150 -12.51 -18.16 -1.86
N ILE B 151 -13.07 -17.20 -2.59
CA ILE B 151 -12.30 -16.23 -3.33
C ILE B 151 -11.23 -15.61 -2.46
N TRP B 152 -11.64 -15.18 -1.28
CA TRP B 152 -10.75 -14.54 -0.32
C TRP B 152 -9.51 -15.30 0.09
N GLY B 153 -9.59 -16.62 0.11
CA GLY B 153 -8.43 -17.37 0.52
C GLY B 153 -7.84 -18.29 -0.52
N PHE B 154 -8.44 -18.34 -1.71
CA PHE B 154 -7.93 -19.22 -2.75
C PHE B 154 -7.85 -18.71 -4.16
N PHE B 155 -8.20 -17.44 -4.38
CA PHE B 155 -8.14 -16.85 -5.70
C PHE B 155 -6.73 -16.92 -6.27
N SER B 156 -6.60 -17.45 -7.48
CA SER B 156 -5.29 -17.58 -8.10
C SER B 156 -5.29 -17.19 -9.58
N THR B 157 -4.17 -16.62 -10.02
CA THR B 157 -4.01 -16.21 -11.40
C THR B 157 -2.97 -17.11 -12.04
N GLY B 158 -2.35 -17.96 -11.24
CA GLY B 158 -1.36 -18.87 -11.77
C GLY B 158 0.00 -18.22 -11.98
N ASP B 159 0.17 -16.99 -11.52
CA ASP B 159 1.45 -16.34 -11.66
C ASP B 159 1.74 -15.51 -10.44
N GLU B 160 2.91 -14.89 -10.42
CA GLU B 160 3.34 -14.10 -9.28
C GLU B 160 2.49 -12.89 -8.91
N HIS B 161 1.34 -12.73 -9.52
CA HIS B 161 0.52 -11.58 -9.15
C HIS B 161 -0.54 -11.98 -8.17
N SER B 162 -0.64 -13.28 -7.94
CA SER B 162 -1.60 -13.86 -7.02
C SER B 162 -1.44 -15.36 -7.12
N ARG B 163 -0.39 -15.88 -6.51
CA ARG B 163 -0.10 -17.31 -6.54
C ARG B 163 -1.31 -18.12 -6.08
N GLY B 164 -1.78 -17.83 -4.87
CA GLY B 164 -2.92 -18.54 -4.34
C GLY B 164 -2.63 -19.14 -2.98
N ASN B 165 -3.49 -20.06 -2.56
CA ASN B 165 -3.32 -20.69 -1.27
C ASN B 165 -3.22 -19.68 -0.15
N TRP B 166 -3.91 -18.55 -0.27
CA TRP B 166 -3.89 -17.55 0.77
C TRP B 166 -4.38 -18.23 2.05
N GLY B 167 -5.42 -19.04 1.90
CA GLY B 167 -6.00 -19.76 3.03
C GLY B 167 -5.07 -20.73 3.72
N HIS B 168 -4.28 -21.47 2.95
CA HIS B 168 -3.34 -22.41 3.52
C HIS B 168 -2.20 -21.71 4.23
N LEU B 169 -1.92 -20.46 3.84
CA LEU B 169 -0.86 -19.70 4.48
C LEU B 169 -1.30 -19.20 5.86
N ASP B 170 -2.60 -18.98 6.05
CA ASP B 170 -3.10 -18.55 7.35
C ASP B 170 -2.95 -19.74 8.29
N GLN B 171 -3.26 -20.93 7.78
CA GLN B 171 -3.14 -22.14 8.57
C GLN B 171 -1.72 -22.26 9.09
N VAL B 172 -0.75 -21.93 8.25
CA VAL B 172 0.65 -21.99 8.66
C VAL B 172 0.97 -20.90 9.67
N ALA B 173 0.41 -19.71 9.44
CA ALA B 173 0.61 -18.56 10.32
C ALA B 173 -0.01 -18.81 11.68
N ALA B 174 -1.14 -19.52 11.70
CA ALA B 174 -1.80 -19.88 12.93
C ALA B 174 -0.90 -20.87 13.68
N LEU B 175 -0.30 -21.80 12.92
CA LEU B 175 0.61 -22.79 13.49
C LEU B 175 1.85 -22.16 14.03
N ARG B 176 2.24 -21.03 13.46
CA ARG B 176 3.43 -20.40 13.94
C ARG B 176 3.14 -19.55 15.14
N TRP B 177 1.88 -19.15 15.30
CA TRP B 177 1.50 -18.34 16.45
C TRP B 177 1.52 -19.24 17.66
N VAL B 178 1.22 -20.51 17.43
CA VAL B 178 1.19 -21.50 18.48
C VAL B 178 2.60 -21.75 18.98
N GLN B 179 3.54 -21.92 18.07
CA GLN B 179 4.93 -22.15 18.45
C GLN B 179 5.43 -21.04 19.35
N ASP B 180 5.12 -19.80 19.00
CA ASP B 180 5.60 -18.69 19.77
C ASP B 180 4.81 -18.32 21.02
N ASN B 181 3.56 -18.74 21.12
CA ASN B 181 2.74 -18.38 22.29
C ASN B 181 2.08 -19.47 23.11
N ILE B 182 1.86 -20.63 22.51
CA ILE B 182 1.13 -21.66 23.22
C ILE B 182 1.60 -22.01 24.62
N ALA B 183 2.89 -21.89 24.88
CA ALA B 183 3.37 -22.25 26.20
C ALA B 183 2.79 -21.38 27.29
N SER B 184 2.28 -20.21 26.95
CA SER B 184 1.68 -19.32 27.93
C SER B 184 0.30 -19.79 28.32
N PHE B 185 -0.16 -20.87 27.71
CA PHE B 185 -1.47 -21.43 28.01
C PHE B 185 -1.34 -22.84 28.56
N GLY B 186 -0.10 -23.22 28.91
CA GLY B 186 0.15 -24.52 29.47
C GLY B 186 0.40 -25.59 28.44
N GLY B 187 0.73 -25.19 27.22
CA GLY B 187 0.98 -26.16 26.17
C GLY B 187 2.44 -26.28 25.81
N ASN B 188 2.84 -27.46 25.40
CA ASN B 188 4.22 -27.69 24.99
C ASN B 188 4.33 -27.51 23.47
N PRO B 189 5.03 -26.45 23.03
CA PRO B 189 5.22 -26.16 21.62
C PRO B 189 6.00 -27.25 20.90
N GLY B 190 6.56 -28.15 21.68
CA GLY B 190 7.34 -29.24 21.11
C GLY B 190 6.52 -30.45 20.79
N SER B 191 5.27 -30.45 21.24
CA SER B 191 4.37 -31.56 20.98
C SER B 191 3.06 -31.02 20.44
N VAL B 192 3.04 -30.70 19.15
CA VAL B 192 1.85 -30.16 18.50
C VAL B 192 1.32 -31.10 17.42
N THR B 193 0.01 -31.37 17.49
CA THR B 193 -0.68 -32.25 16.55
C THR B 193 -1.75 -31.49 15.80
N ILE B 194 -1.80 -31.68 14.49
CA ILE B 194 -2.81 -31.02 13.68
C ILE B 194 -3.81 -32.08 13.23
N PHE B 195 -5.07 -31.70 13.14
CA PHE B 195 -6.10 -32.62 12.70
C PHE B 195 -7.33 -31.87 12.19
N GLY B 196 -7.99 -32.43 11.18
CA GLY B 196 -9.15 -31.80 10.61
C GLY B 196 -9.90 -32.77 9.73
N GLU B 197 -11.14 -32.45 9.37
CA GLU B 197 -11.90 -33.35 8.53
C GLU B 197 -12.42 -32.69 7.25
N SER B 198 -12.63 -33.49 6.20
CA SER B 198 -13.08 -33.00 4.91
C SER B 198 -12.02 -32.07 4.36
N ALA B 199 -12.40 -30.87 3.94
CA ALA B 199 -11.45 -29.92 3.41
C ALA B 199 -10.37 -29.68 4.45
N GLY B 200 -10.71 -29.97 5.70
CA GLY B 200 -9.80 -29.79 6.81
C GLY B 200 -8.75 -30.88 6.87
N GLY B 201 -9.09 -32.05 6.32
CA GLY B 201 -8.15 -33.16 6.28
C GLY B 201 -7.22 -32.89 5.12
N GLU B 202 -7.80 -32.37 4.04
CA GLU B 202 -7.09 -31.99 2.82
C GLU B 202 -6.02 -30.97 3.14
N SER B 203 -6.30 -30.13 4.12
CA SER B 203 -5.37 -29.10 4.57
C SER B 203 -4.27 -29.72 5.43
N VAL B 204 -4.64 -30.62 6.32
CA VAL B 204 -3.66 -31.28 7.16
C VAL B 204 -2.71 -32.03 6.25
N SER B 205 -3.26 -32.64 5.21
CA SER B 205 -2.48 -33.40 4.26
C SER B 205 -1.48 -32.51 3.51
N VAL B 206 -1.94 -31.33 3.14
CA VAL B 206 -1.09 -30.40 2.40
C VAL B 206 0.05 -29.87 3.26
N LEU B 207 -0.26 -29.54 4.52
CA LEU B 207 0.74 -28.99 5.43
C LEU B 207 1.83 -30.01 5.70
N VAL B 208 1.49 -31.28 5.60
CA VAL B 208 2.44 -32.36 5.83
C VAL B 208 3.36 -32.48 4.62
N LEU B 209 2.89 -31.99 3.47
CA LEU B 209 3.64 -32.02 2.22
C LEU B 209 4.36 -30.72 1.93
N SER B 210 4.02 -29.67 2.66
CA SER B 210 4.64 -28.37 2.43
C SER B 210 5.86 -28.07 3.25
N PRO B 211 6.93 -27.63 2.59
CA PRO B 211 8.20 -27.29 3.23
C PRO B 211 8.03 -26.18 4.26
N LEU B 212 7.07 -25.29 4.04
CA LEU B 212 6.79 -24.17 4.94
C LEU B 212 6.23 -24.56 6.29
N ALA B 213 5.63 -25.73 6.40
CA ALA B 213 5.03 -26.19 7.65
C ALA B 213 5.98 -27.05 8.51
N LYS B 214 7.18 -27.25 8.01
CA LYS B 214 8.20 -28.04 8.68
C LYS B 214 8.45 -27.47 10.07
N ASN B 215 8.52 -28.34 11.07
CA ASN B 215 8.79 -27.91 12.45
C ASN B 215 7.66 -27.16 13.17
N LEU B 216 6.50 -27.06 12.54
CA LEU B 216 5.40 -26.36 13.17
C LEU B 216 4.49 -27.33 13.88
N PHE B 217 4.64 -28.60 13.54
CA PHE B 217 3.87 -29.68 14.14
C PHE B 217 4.66 -30.98 14.15
N HIS B 218 4.24 -31.92 14.98
CA HIS B 218 4.93 -33.21 15.10
C HIS B 218 4.06 -34.44 14.86
N ARG B 219 2.77 -34.23 14.60
CA ARG B 219 1.86 -35.33 14.34
C ARG B 219 0.71 -34.83 13.48
N ALA B 220 0.05 -35.73 12.76
CA ALA B 220 -1.07 -35.32 11.92
C ALA B 220 -2.22 -36.33 11.91
N ILE B 221 -3.44 -35.79 11.75
CA ILE B 221 -4.64 -36.61 11.69
C ILE B 221 -5.60 -36.09 10.61
N SER B 222 -5.73 -36.82 9.51
CA SER B 222 -6.64 -36.44 8.43
C SER B 222 -7.91 -37.26 8.54
N GLU B 223 -9.00 -36.62 8.94
CA GLU B 223 -10.27 -37.29 9.11
C GLU B 223 -11.14 -37.16 7.87
N SER B 224 -11.23 -38.22 7.09
CA SER B 224 -12.04 -38.23 5.87
C SER B 224 -11.59 -37.21 4.83
N GLY B 225 -10.32 -37.26 4.43
CA GLY B 225 -9.83 -36.31 3.43
C GLY B 225 -8.33 -36.14 3.30
N VAL B 226 -7.81 -36.33 2.10
CA VAL B 226 -6.38 -36.18 1.87
C VAL B 226 -6.08 -35.30 0.64
N ALA B 227 -4.81 -34.98 0.43
CA ALA B 227 -4.39 -34.14 -0.69
C ALA B 227 -4.73 -34.71 -2.06
N LEU B 228 -4.59 -36.03 -2.22
CA LEU B 228 -4.93 -36.67 -3.51
C LEU B 228 -6.43 -36.55 -3.91
N THR B 229 -7.28 -36.14 -2.95
CA THR B 229 -8.72 -35.91 -3.19
C THR B 229 -8.75 -34.74 -4.18
N SER B 230 -8.56 -35.08 -5.44
CA SER B 230 -8.52 -34.13 -6.53
C SER B 230 -9.49 -32.94 -6.47
N VAL B 231 -10.74 -33.19 -6.06
CA VAL B 231 -11.71 -32.10 -6.02
C VAL B 231 -11.17 -30.78 -5.47
N LEU B 232 -10.40 -30.83 -4.39
CA LEU B 232 -9.89 -29.59 -3.79
C LEU B 232 -8.53 -29.07 -4.27
N VAL B 233 -7.88 -29.81 -5.15
CA VAL B 233 -6.58 -29.40 -5.68
C VAL B 233 -6.63 -29.17 -7.19
N LYS B 234 -6.68 -27.89 -7.57
CA LYS B 234 -6.72 -27.48 -8.98
C LYS B 234 -5.36 -27.70 -9.63
N LYS B 235 -5.28 -28.68 -10.52
CA LYS B 235 -4.03 -28.98 -11.21
C LYS B 235 -4.18 -28.46 -12.64
N GLY B 236 -3.11 -27.93 -13.21
CA GLY B 236 -3.21 -27.41 -14.56
C GLY B 236 -3.32 -25.89 -14.61
N ASP B 237 -3.74 -25.35 -15.74
CA ASP B 237 -3.86 -23.90 -15.89
C ASP B 237 -5.13 -23.36 -15.25
N VAL B 238 -4.96 -22.59 -14.17
CA VAL B 238 -6.09 -22.03 -13.44
C VAL B 238 -6.52 -20.67 -13.96
N LYS B 239 -5.70 -20.08 -14.82
CA LYS B 239 -5.97 -18.77 -15.40
C LYS B 239 -7.42 -18.57 -15.88
N PRO B 240 -8.01 -19.59 -16.54
CA PRO B 240 -9.39 -19.53 -17.04
C PRO B 240 -10.43 -19.39 -15.93
N LEU B 241 -10.17 -20.00 -14.78
CA LEU B 241 -11.09 -19.91 -13.65
C LEU B 241 -11.02 -18.50 -13.08
N ALA B 242 -9.81 -17.94 -13.08
CA ALA B 242 -9.58 -16.60 -12.58
C ALA B 242 -10.29 -15.57 -13.42
N GLU B 243 -10.19 -15.74 -14.74
CA GLU B 243 -10.81 -14.84 -15.69
C GLU B 243 -12.33 -14.89 -15.61
N GLN B 244 -12.88 -16.07 -15.30
CA GLN B 244 -14.32 -16.16 -15.22
C GLN B 244 -14.78 -15.40 -13.99
N ILE B 245 -14.11 -15.64 -12.87
CA ILE B 245 -14.42 -14.98 -11.61
C ILE B 245 -14.37 -13.45 -11.74
N ALA B 246 -13.34 -12.96 -12.43
CA ALA B 246 -13.14 -11.52 -12.63
C ALA B 246 -14.29 -10.93 -13.43
N ILE B 247 -14.70 -11.65 -14.46
CA ILE B 247 -15.80 -11.23 -15.32
C ILE B 247 -17.12 -11.19 -14.55
N THR B 248 -17.44 -12.29 -13.88
CA THR B 248 -18.66 -12.42 -13.09
C THR B 248 -18.75 -11.29 -12.10
N ALA B 249 -17.59 -10.77 -11.72
CA ALA B 249 -17.49 -9.70 -10.75
C ALA B 249 -17.44 -8.32 -11.36
N GLY B 250 -17.40 -8.25 -12.68
CA GLY B 250 -17.36 -6.96 -13.35
C GLY B 250 -15.98 -6.35 -13.46
N CYS B 251 -14.99 -7.16 -13.81
CA CYS B 251 -13.62 -6.71 -13.95
C CYS B 251 -13.11 -6.99 -15.36
N LYS B 252 -12.05 -6.31 -15.76
CA LYS B 252 -11.48 -6.54 -17.07
C LYS B 252 -10.49 -7.65 -16.85
N THR B 253 -10.14 -8.40 -17.90
CA THR B 253 -9.17 -9.47 -17.76
C THR B 253 -7.98 -9.24 -18.68
N THR B 254 -7.62 -7.97 -18.85
CA THR B 254 -6.52 -7.58 -19.72
C THR B 254 -5.21 -8.27 -19.36
N THR B 255 -4.94 -8.40 -18.07
CA THR B 255 -3.74 -9.06 -17.59
C THR B 255 -4.02 -9.55 -16.19
N SER B 256 -3.13 -10.37 -15.64
CA SER B 256 -3.30 -10.88 -14.30
C SER B 256 -3.31 -9.73 -13.29
N ALA B 257 -2.22 -8.97 -13.27
CA ALA B 257 -2.08 -7.85 -12.35
C ALA B 257 -3.32 -6.97 -12.34
N VAL B 258 -3.88 -6.76 -13.52
CA VAL B 258 -5.08 -5.95 -13.66
C VAL B 258 -6.30 -6.61 -12.99
N MET B 259 -6.41 -7.93 -13.11
CA MET B 259 -7.52 -8.66 -12.51
C MET B 259 -7.50 -8.55 -10.98
N VAL B 260 -6.33 -8.63 -10.39
CA VAL B 260 -6.15 -8.56 -8.94
C VAL B 260 -6.36 -7.17 -8.37
N HIS B 261 -5.95 -6.15 -9.09
CA HIS B 261 -6.12 -4.78 -8.63
C HIS B 261 -7.60 -4.52 -8.62
N CYS B 262 -8.26 -4.87 -9.71
CA CYS B 262 -9.70 -4.67 -9.81
C CYS B 262 -10.44 -5.36 -8.69
N LEU B 263 -10.08 -6.62 -8.44
CA LEU B 263 -10.74 -7.36 -7.39
C LEU B 263 -10.46 -6.83 -6.00
N ARG B 264 -9.32 -6.18 -5.79
CA ARG B 264 -9.00 -5.64 -4.48
C ARG B 264 -9.87 -4.44 -4.14
N GLN B 265 -10.46 -3.83 -5.16
CA GLN B 265 -11.34 -2.70 -4.92
C GLN B 265 -12.78 -3.08 -4.68
N LYS B 266 -13.16 -4.28 -5.08
CA LYS B 266 -14.53 -4.68 -4.87
C LYS B 266 -14.79 -4.76 -3.37
N THR B 267 -16.03 -4.49 -2.96
CA THR B 267 -16.38 -4.56 -1.55
C THR B 267 -16.66 -6.02 -1.19
N GLU B 268 -16.54 -6.34 0.10
CA GLU B 268 -16.78 -7.70 0.57
C GLU B 268 -18.14 -8.16 0.11
N GLU B 269 -19.12 -7.27 0.20
CA GLU B 269 -20.49 -7.56 -0.22
C GLU B 269 -20.55 -7.92 -1.69
N GLU B 270 -19.76 -7.22 -2.50
CA GLU B 270 -19.76 -7.51 -3.94
C GLU B 270 -19.14 -8.88 -4.23
N LEU B 271 -18.01 -9.14 -3.60
CA LEU B 271 -17.33 -10.40 -3.79
C LEU B 271 -18.16 -11.56 -3.28
N LEU B 272 -19.13 -11.28 -2.42
CA LEU B 272 -19.99 -12.34 -1.89
C LEU B 272 -21.09 -12.66 -2.89
N GLU B 273 -21.51 -11.63 -3.63
CA GLU B 273 -22.54 -11.80 -4.65
C GLU B 273 -21.96 -12.52 -5.83
N THR B 274 -20.66 -12.37 -6.01
CA THR B 274 -19.93 -13.02 -7.11
C THR B 274 -19.86 -14.49 -6.75
N THR B 275 -19.60 -14.73 -5.47
CA THR B 275 -19.50 -16.06 -4.90
C THR B 275 -20.83 -16.77 -5.05
N LEU B 276 -21.90 -16.05 -4.71
CA LEU B 276 -23.24 -16.56 -4.81
C LEU B 276 -23.63 -16.86 -6.26
N LYS B 277 -23.30 -15.97 -7.18
CA LYS B 277 -23.59 -16.19 -8.58
C LYS B 277 -22.88 -17.44 -9.08
N MET B 278 -21.64 -17.64 -8.63
CA MET B 278 -20.84 -18.81 -9.02
C MET B 278 -21.51 -20.14 -8.66
N LYS B 279 -22.36 -20.12 -7.63
CA LYS B 279 -23.08 -21.32 -7.21
C LYS B 279 -22.21 -22.55 -6.98
N PHE B 280 -21.10 -22.36 -6.28
CA PHE B 280 -20.21 -23.48 -5.96
C PHE B 280 -20.97 -24.44 -5.03
N LEU B 281 -20.32 -25.54 -4.64
CA LEU B 281 -20.94 -26.49 -3.69
C LEU B 281 -22.30 -27.05 -4.15
N SER B 282 -22.68 -26.74 -5.38
CA SER B 282 -23.94 -27.24 -5.95
C SER B 282 -23.65 -27.87 -7.32
N LEU B 283 -23.97 -29.16 -7.45
CA LEU B 283 -23.70 -29.90 -8.69
C LEU B 283 -24.57 -29.50 -9.90
N LEU B 296 -12.66 -22.82 -6.07
CA LEU B 296 -11.28 -22.42 -6.07
C LEU B 296 -10.68 -23.41 -5.06
N GLY B 297 -9.38 -23.68 -5.15
CA GLY B 297 -8.80 -24.61 -4.21
C GLY B 297 -7.30 -24.65 -4.23
N THR B 298 -6.74 -25.48 -3.37
CA THR B 298 -5.30 -25.65 -3.28
C THR B 298 -4.75 -25.72 -4.70
N VAL B 299 -3.64 -25.04 -4.95
CA VAL B 299 -2.98 -25.04 -6.26
C VAL B 299 -1.49 -25.20 -6.05
N ILE B 300 -0.75 -25.58 -7.07
CA ILE B 300 0.70 -25.73 -6.94
C ILE B 300 1.28 -24.34 -7.17
N ASP B 301 1.38 -23.57 -6.10
CA ASP B 301 1.86 -22.19 -6.16
C ASP B 301 3.35 -21.96 -6.30
N GLY B 302 4.16 -22.90 -5.83
CA GLY B 302 5.59 -22.72 -5.92
C GLY B 302 6.20 -22.33 -4.59
N MET B 303 5.35 -21.95 -3.64
CA MET B 303 5.81 -21.57 -2.31
C MET B 303 5.36 -22.63 -1.32
N LEU B 304 4.04 -22.79 -1.19
CA LEU B 304 3.49 -23.78 -0.28
C LEU B 304 3.67 -25.18 -0.85
N LEU B 305 3.33 -25.35 -2.12
CA LEU B 305 3.47 -26.65 -2.78
C LEU B 305 4.32 -26.47 -4.04
N LEU B 306 5.40 -27.22 -4.14
CA LEU B 306 6.31 -27.09 -5.30
C LEU B 306 5.99 -28.01 -6.46
N LYS B 307 5.33 -29.12 -6.16
CA LYS B 307 4.95 -30.09 -7.19
C LYS B 307 3.63 -30.71 -6.77
N THR B 308 3.02 -31.52 -7.63
CA THR B 308 1.73 -32.13 -7.25
C THR B 308 1.88 -33.14 -6.10
N PRO B 309 0.80 -33.32 -5.32
CA PRO B 309 0.77 -34.24 -4.18
C PRO B 309 1.22 -35.64 -4.59
N GLU B 310 0.94 -36.01 -5.84
CA GLU B 310 1.32 -37.32 -6.38
C GLU B 310 2.86 -37.32 -6.51
N GLU B 311 3.37 -36.41 -7.34
CA GLU B 311 4.81 -36.28 -7.53
C GLU B 311 5.54 -36.24 -6.19
N LEU B 312 5.00 -35.47 -5.24
CA LEU B 312 5.62 -35.33 -3.92
C LEU B 312 5.65 -36.62 -3.12
N GLN B 313 4.69 -37.50 -3.39
CA GLN B 313 4.61 -38.79 -2.69
C GLN B 313 5.40 -39.86 -3.42
N PHE B 318 8.69 -35.41 2.01
CA PHE B 318 7.73 -34.88 2.99
C PHE B 318 8.04 -35.26 4.43
N HIS B 319 7.58 -34.41 5.35
CA HIS B 319 7.77 -34.61 6.79
C HIS B 319 7.33 -36.00 7.29
N THR B 320 8.29 -36.82 7.65
CA THR B 320 7.97 -38.15 8.14
C THR B 320 7.56 -38.07 9.61
N VAL B 321 6.34 -37.62 9.86
CA VAL B 321 5.83 -37.52 11.20
C VAL B 321 4.70 -38.51 11.33
N PRO B 322 4.32 -38.87 12.44
CA PRO B 322 3.29 -39.71 12.49
C PRO B 322 2.09 -39.28 11.81
N TYR B 323 1.25 -40.03 11.11
CA TYR B 323 0.02 -39.61 10.46
C TYR B 323 -0.97 -40.66 10.73
N MET B 324 -2.18 -40.45 11.25
CA MET B 324 -3.40 -41.11 11.12
C MET B 324 -4.20 -40.76 10.00
N VAL B 325 -4.72 -41.69 9.30
CA VAL B 325 -5.62 -41.39 8.20
C VAL B 325 -6.83 -42.31 8.25
N GLY B 326 -8.02 -41.74 8.31
CA GLY B 326 -9.21 -42.55 8.36
C GLY B 326 -10.38 -42.04 7.52
N ILE B 327 -11.35 -42.92 7.28
CA ILE B 327 -12.53 -42.59 6.51
C ILE B 327 -13.74 -43.10 7.29
N ASN B 328 -14.95 -42.82 6.78
CA ASN B 328 -16.15 -43.30 7.42
C ASN B 328 -16.81 -44.32 6.51
N LYS B 329 -17.50 -45.29 7.12
CA LYS B 329 -18.22 -46.36 6.40
C LYS B 329 -18.94 -45.86 5.14
N GLN B 330 -19.87 -44.93 5.32
CA GLN B 330 -20.62 -44.37 4.20
C GLN B 330 -20.39 -42.86 4.05
N GLU B 331 -19.33 -42.50 3.31
CA GLU B 331 -19.00 -41.09 3.11
C GLU B 331 -20.06 -40.35 2.29
N PHE B 332 -20.67 -41.04 1.41
CA PHE B 332 -21.67 -40.43 0.63
C PHE B 332 -22.95 -40.75 0.91
N GLY B 333 -23.24 -41.18 2.09
CA GLY B 333 -24.53 -41.66 2.55
C GLY B 333 -25.69 -40.68 2.61
N TRP B 334 -25.45 -39.43 2.99
CA TRP B 334 -26.56 -38.48 3.08
C TRP B 334 -26.16 -37.00 3.08
N LEU B 335 -25.28 -36.65 4.02
CA LEU B 335 -24.81 -35.28 4.20
C LEU B 335 -24.32 -34.55 2.95
N ILE B 336 -23.36 -35.12 2.25
CA ILE B 336 -22.84 -34.45 1.04
C ILE B 336 -23.85 -34.45 -0.07
N PRO B 337 -24.35 -35.64 -0.47
CA PRO B 337 -25.34 -35.70 -1.55
C PRO B 337 -26.47 -34.71 -1.33
N MET B 338 -26.90 -34.61 -0.07
CA MET B 338 -27.99 -33.70 0.29
C MET B 338 -27.63 -32.23 0.00
N LEU B 339 -26.59 -31.74 0.66
CA LEU B 339 -26.13 -30.36 0.49
C LEU B 339 -25.94 -29.95 -0.98
N MET B 340 -25.25 -30.78 -1.74
CA MET B 340 -25.01 -30.46 -3.14
C MET B 340 -26.28 -30.50 -3.97
N SER B 341 -27.39 -30.91 -3.33
CA SER B 341 -28.68 -31.00 -4.02
C SER B 341 -28.56 -32.09 -5.09
N TYR B 342 -28.00 -33.23 -4.68
CA TYR B 342 -27.80 -34.38 -5.57
C TYR B 342 -29.12 -34.91 -6.15
N PRO B 343 -29.12 -35.29 -7.44
CA PRO B 343 -30.32 -35.81 -8.12
C PRO B 343 -30.60 -37.29 -7.74
N LEU B 344 -31.19 -37.51 -6.58
CA LEU B 344 -31.50 -38.88 -6.12
C LEU B 344 -32.81 -38.95 -5.32
N ALA B 354 -27.11 -44.62 -13.85
CA ALA B 354 -25.83 -44.52 -13.16
C ALA B 354 -24.77 -43.82 -14.02
N MET B 355 -24.49 -44.37 -15.20
CA MET B 355 -23.51 -43.77 -16.09
C MET B 355 -23.86 -42.31 -16.36
N SER B 356 -25.16 -42.03 -16.45
CA SER B 356 -25.63 -40.67 -16.71
C SER B 356 -25.12 -39.76 -15.58
N LEU B 357 -25.57 -40.04 -14.36
CA LEU B 357 -25.18 -39.26 -13.18
C LEU B 357 -23.67 -39.24 -12.99
N LEU B 358 -23.05 -40.42 -13.04
CA LEU B 358 -21.60 -40.52 -12.87
C LEU B 358 -20.93 -39.43 -13.71
N TRP B 359 -21.25 -39.42 -15.01
CA TRP B 359 -20.70 -38.42 -15.93
C TRP B 359 -21.03 -36.97 -15.46
N LYS B 360 -22.28 -36.75 -15.07
CA LYS B 360 -22.75 -35.45 -14.58
C LYS B 360 -22.00 -35.09 -13.30
N SER B 361 -21.41 -36.10 -12.66
CA SER B 361 -20.68 -35.95 -11.41
C SER B 361 -19.20 -35.72 -11.66
N TYR B 362 -18.87 -35.45 -12.93
CA TYR B 362 -17.50 -35.21 -13.34
C TYR B 362 -16.71 -34.22 -12.45
N PRO B 363 -17.35 -33.11 -12.01
CA PRO B 363 -16.66 -32.15 -11.16
C PRO B 363 -16.32 -32.70 -9.78
N LEU B 364 -16.80 -33.90 -9.50
CA LEU B 364 -16.55 -34.53 -8.22
C LEU B 364 -15.74 -35.81 -8.31
N VAL B 365 -15.71 -36.43 -9.49
CA VAL B 365 -14.99 -37.68 -9.65
C VAL B 365 -14.02 -37.65 -10.82
N LEU B 371 -14.52 -44.68 -19.45
CA LEU B 371 -14.35 -45.56 -18.30
C LEU B 371 -15.67 -45.86 -17.60
N ILE B 372 -16.50 -44.81 -17.46
CA ILE B 372 -17.80 -44.86 -16.78
C ILE B 372 -18.51 -46.23 -16.78
N PRO B 373 -18.84 -46.76 -17.96
CA PRO B 373 -19.53 -48.07 -18.04
C PRO B 373 -18.86 -49.14 -17.17
N GLU B 374 -17.54 -49.30 -17.33
CA GLU B 374 -16.78 -50.28 -16.55
C GLU B 374 -17.02 -50.11 -15.05
N ALA B 375 -16.90 -48.87 -14.57
CA ALA B 375 -17.11 -48.57 -13.16
C ALA B 375 -18.55 -48.79 -12.73
N THR B 376 -19.49 -48.12 -13.41
CA THR B 376 -20.91 -48.25 -13.10
C THR B 376 -21.28 -49.73 -13.02
N GLU B 377 -20.69 -50.51 -13.93
CA GLU B 377 -20.90 -51.95 -14.02
C GLU B 377 -20.28 -52.66 -12.81
N LYS B 378 -18.99 -52.41 -12.60
CA LYS B 378 -18.23 -53.00 -11.48
C LYS B 378 -18.89 -52.85 -10.10
N TYR B 379 -19.71 -51.80 -9.92
CA TYR B 379 -20.38 -51.57 -8.63
C TYR B 379 -21.88 -51.89 -8.66
N LEU B 380 -22.45 -52.03 -9.86
CA LEU B 380 -23.89 -52.30 -9.98
C LEU B 380 -24.32 -53.60 -10.70
N GLY B 381 -23.33 -54.34 -11.23
CA GLY B 381 -23.61 -55.58 -11.94
C GLY B 381 -24.22 -56.74 -11.16
N GLY B 382 -23.59 -57.13 -10.04
CA GLY B 382 -24.08 -58.24 -9.23
C GLY B 382 -25.48 -58.19 -8.62
N THR B 383 -26.23 -57.10 -8.87
CA THR B 383 -27.59 -56.96 -8.36
C THR B 383 -28.52 -56.25 -9.35
N ASP B 384 -29.73 -56.78 -9.49
CA ASP B 384 -30.75 -56.21 -10.38
C ASP B 384 -31.60 -55.20 -9.63
N ASP B 385 -31.62 -55.36 -8.31
CA ASP B 385 -32.38 -54.47 -7.44
C ASP B 385 -31.86 -53.02 -7.50
N THR B 386 -32.57 -52.19 -8.27
CA THR B 386 -32.22 -50.77 -8.45
C THR B 386 -32.23 -49.93 -7.15
N VAL B 387 -32.81 -50.47 -6.08
CA VAL B 387 -32.80 -49.77 -4.80
C VAL B 387 -31.38 -49.97 -4.26
N LYS B 388 -30.98 -51.24 -4.17
CA LYS B 388 -29.65 -51.60 -3.72
C LYS B 388 -28.63 -50.94 -4.65
N LYS B 389 -28.81 -51.14 -5.95
CA LYS B 389 -27.90 -50.58 -6.95
C LYS B 389 -27.64 -49.09 -6.67
N LYS B 390 -28.63 -48.40 -6.12
CA LYS B 390 -28.48 -46.98 -5.78
C LYS B 390 -27.43 -46.78 -4.67
N ASP B 391 -27.46 -47.63 -3.65
CA ASP B 391 -26.49 -47.56 -2.56
C ASP B 391 -25.09 -47.88 -3.09
N LEU B 392 -25.05 -48.78 -4.07
CA LEU B 392 -23.81 -49.18 -4.69
C LEU B 392 -23.18 -48.04 -5.50
N PHE B 393 -24.01 -47.12 -5.99
CA PHE B 393 -23.49 -45.98 -6.73
C PHE B 393 -22.90 -45.00 -5.71
N LEU B 394 -23.56 -44.89 -4.56
CA LEU B 394 -23.09 -44.00 -3.49
C LEU B 394 -21.78 -44.51 -2.94
N ASP B 395 -21.55 -45.82 -3.02
CA ASP B 395 -20.30 -46.41 -2.56
C ASP B 395 -19.22 -46.11 -3.58
N LEU B 396 -19.62 -46.04 -4.85
CA LEU B 396 -18.66 -45.72 -5.90
C LEU B 396 -18.11 -44.35 -5.56
N ILE B 397 -18.96 -43.32 -5.65
CA ILE B 397 -18.57 -41.95 -5.35
C ILE B 397 -17.73 -41.90 -4.07
N ALA B 398 -18.14 -42.65 -3.07
CA ALA B 398 -17.43 -42.69 -1.80
C ALA B 398 -15.97 -43.10 -1.96
N ASP B 399 -15.76 -44.27 -2.56
CA ASP B 399 -14.42 -44.81 -2.78
C ASP B 399 -13.50 -43.89 -3.58
N VAL B 400 -14.03 -43.28 -4.63
CA VAL B 400 -13.25 -42.38 -5.46
C VAL B 400 -12.84 -41.11 -4.71
N MET B 401 -13.78 -40.56 -3.92
CA MET B 401 -13.50 -39.35 -3.17
C MET B 401 -12.68 -39.46 -1.89
N PHE B 402 -12.84 -40.54 -1.12
CA PHE B 402 -12.07 -40.69 0.14
C PHE B 402 -11.38 -42.04 0.26
N GLY B 403 -12.17 -43.08 0.09
CA GLY B 403 -11.67 -44.44 0.22
C GLY B 403 -10.32 -44.70 -0.42
N VAL B 404 -10.31 -44.78 -1.74
CA VAL B 404 -9.08 -45.06 -2.45
C VAL B 404 -7.96 -44.05 -2.18
N PRO B 405 -8.27 -42.75 -2.26
CA PRO B 405 -7.25 -41.72 -2.03
C PRO B 405 -6.53 -41.89 -0.69
N SER B 406 -7.31 -41.99 0.39
CA SER B 406 -6.77 -42.15 1.74
C SER B 406 -5.74 -43.27 1.88
N VAL B 407 -6.07 -44.45 1.39
CA VAL B 407 -5.17 -45.60 1.49
C VAL B 407 -3.91 -45.43 0.66
N ILE B 408 -4.06 -44.98 -0.58
CA ILE B 408 -2.89 -44.76 -1.44
C ILE B 408 -1.93 -43.82 -0.72
N VAL B 409 -2.48 -42.90 0.08
CA VAL B 409 -1.70 -41.94 0.86
C VAL B 409 -1.03 -42.65 2.05
N ALA B 410 -1.84 -43.26 2.89
CA ALA B 410 -1.35 -43.96 4.06
C ALA B 410 -0.20 -44.89 3.68
N ARG B 411 -0.32 -45.51 2.51
CA ARG B 411 0.70 -46.42 2.02
C ARG B 411 2.01 -45.72 1.73
N ASN B 412 1.93 -44.63 0.99
CA ASN B 412 3.11 -43.84 0.65
C ASN B 412 3.79 -43.35 1.92
N HIS B 413 3.01 -42.81 2.84
CA HIS B 413 3.55 -42.33 4.11
C HIS B 413 4.25 -43.49 4.82
N ARG B 414 3.59 -44.65 4.83
CA ARG B 414 4.12 -45.86 5.46
C ARG B 414 5.42 -46.23 4.78
N ASP B 415 5.43 -46.13 3.47
CA ASP B 415 6.59 -46.46 2.66
C ASP B 415 7.75 -45.47 2.72
N ALA B 416 7.49 -44.23 3.11
CA ALA B 416 8.56 -43.26 3.22
C ALA B 416 9.30 -43.52 4.53
N GLY B 417 8.75 -44.41 5.34
CA GLY B 417 9.38 -44.77 6.59
C GLY B 417 8.83 -44.21 7.89
N ALA B 418 7.66 -43.60 7.88
CA ALA B 418 7.11 -43.04 9.11
C ALA B 418 5.87 -43.77 9.62
N PRO B 419 5.62 -43.67 10.94
CA PRO B 419 4.46 -44.33 11.57
C PRO B 419 3.18 -43.97 10.82
N THR B 420 2.32 -44.97 10.62
CA THR B 420 1.06 -44.72 9.93
C THR B 420 -0.03 -45.55 10.56
N TYR B 421 -1.20 -44.93 10.76
CA TYR B 421 -2.35 -45.59 11.36
C TYR B 421 -3.62 -45.32 10.57
N MET B 422 -4.40 -46.35 10.28
CA MET B 422 -5.65 -46.17 9.55
C MET B 422 -6.86 -46.58 10.36
N TYR B 423 -8.00 -45.99 10.03
CA TYR B 423 -9.21 -46.32 10.74
C TYR B 423 -10.43 -46.14 9.86
N GLU B 424 -11.49 -46.86 10.21
CA GLU B 424 -12.76 -46.76 9.50
C GLU B 424 -13.83 -46.60 10.56
N PHE B 425 -14.42 -45.43 10.61
CA PHE B 425 -15.46 -45.14 11.58
C PHE B 425 -16.78 -45.68 11.06
N GLN B 426 -17.54 -46.29 11.96
CA GLN B 426 -18.81 -46.89 11.61
C GLN B 426 -19.78 -46.78 12.78
N TYR B 427 -20.64 -45.77 12.76
CA TYR B 427 -21.58 -45.59 13.84
C TYR B 427 -22.55 -44.47 13.49
N ARG B 428 -23.82 -44.65 13.85
CA ARG B 428 -24.82 -43.65 13.56
C ARG B 428 -25.03 -42.82 14.83
N PRO B 429 -24.47 -41.60 14.87
CA PRO B 429 -24.68 -40.81 16.09
C PRO B 429 -26.15 -40.45 16.34
N SER B 430 -26.51 -40.28 17.62
CA SER B 430 -27.88 -39.93 17.99
C SER B 430 -28.14 -38.47 17.68
N PHE B 431 -27.06 -37.70 17.61
CA PHE B 431 -27.16 -36.27 17.33
C PHE B 431 -27.28 -36.00 15.82
N SER B 432 -27.58 -37.05 15.04
CA SER B 432 -27.74 -36.91 13.60
C SER B 432 -29.01 -36.12 13.29
N SER B 433 -29.18 -35.73 12.04
CA SER B 433 -30.35 -34.95 11.62
C SER B 433 -31.59 -35.82 11.56
N ASP B 434 -32.75 -35.19 11.81
CA ASP B 434 -34.02 -35.89 11.76
C ASP B 434 -34.28 -36.44 10.35
N MET B 435 -33.89 -35.66 9.34
CA MET B 435 -34.08 -36.03 7.95
C MET B 435 -33.13 -37.14 7.45
N LYS B 436 -32.11 -37.43 8.24
CA LYS B 436 -31.14 -38.46 7.86
C LYS B 436 -31.72 -39.86 8.02
N PRO B 437 -31.82 -40.62 6.90
CA PRO B 437 -32.36 -41.98 6.99
C PRO B 437 -31.61 -42.81 8.02
N LYS B 438 -32.36 -43.55 8.82
CA LYS B 438 -31.81 -44.37 9.90
C LYS B 438 -30.89 -45.52 9.45
N THR B 439 -30.94 -45.87 8.18
CA THR B 439 -30.10 -46.94 7.68
C THR B 439 -28.68 -46.47 7.38
N VAL B 440 -28.48 -45.15 7.45
CA VAL B 440 -27.17 -44.55 7.19
C VAL B 440 -26.27 -44.65 8.41
N ILE B 441 -25.07 -45.19 8.23
CA ILE B 441 -24.12 -45.34 9.34
C ILE B 441 -22.71 -44.99 8.91
N GLY B 442 -22.02 -44.20 9.73
CA GLY B 442 -20.67 -43.79 9.39
C GLY B 442 -20.74 -42.85 8.21
N ASP B 443 -21.66 -41.89 8.30
CA ASP B 443 -21.87 -40.90 7.27
C ASP B 443 -20.75 -39.85 7.38
N HIS B 444 -20.67 -38.95 6.41
CA HIS B 444 -19.64 -37.92 6.42
C HIS B 444 -19.68 -37.09 7.71
N GLY B 445 -18.54 -37.01 8.38
CA GLY B 445 -18.42 -36.24 9.60
C GLY B 445 -19.01 -36.84 10.85
N ASP B 446 -19.55 -38.05 10.77
CA ASP B 446 -20.15 -38.68 11.94
C ASP B 446 -19.17 -38.91 13.09
N GLU B 447 -17.88 -39.05 12.77
CA GLU B 447 -16.86 -39.28 13.78
C GLU B 447 -16.61 -38.04 14.61
N LEU B 448 -17.00 -36.90 14.06
CA LEU B 448 -16.83 -35.62 14.73
C LEU B 448 -17.39 -35.54 16.15
N PHE B 449 -18.55 -36.14 16.37
CA PHE B 449 -19.20 -36.11 17.67
C PHE B 449 -18.49 -36.92 18.72
N SER B 450 -17.71 -37.90 18.28
CA SER B 450 -16.98 -38.74 19.19
C SER B 450 -15.69 -38.00 19.57
N VAL B 451 -14.99 -37.51 18.56
CA VAL B 451 -13.74 -36.80 18.77
C VAL B 451 -13.92 -35.61 19.69
N PHE B 452 -14.97 -34.83 19.46
CA PHE B 452 -15.19 -33.65 20.27
C PHE B 452 -16.12 -33.81 21.48
N GLY B 453 -16.26 -35.04 21.94
CA GLY B 453 -17.08 -35.35 23.11
C GLY B 453 -18.48 -34.80 23.10
N ALA B 454 -19.17 -34.95 21.97
CA ALA B 454 -20.53 -34.46 21.86
C ALA B 454 -21.44 -35.02 22.95
N PRO B 455 -21.23 -36.30 23.33
CA PRO B 455 -22.05 -36.90 24.37
C PRO B 455 -21.93 -36.27 25.75
N PHE B 456 -21.05 -35.28 25.89
CA PHE B 456 -20.85 -34.61 27.17
C PHE B 456 -21.29 -33.15 27.16
N LEU B 457 -21.72 -32.67 26.00
CA LEU B 457 -22.17 -31.29 25.87
C LEU B 457 -23.65 -31.26 25.52
N LYS B 458 -24.07 -32.17 24.66
CA LYS B 458 -25.46 -32.26 24.25
C LYS B 458 -26.20 -33.24 25.21
N GLU B 459 -27.51 -33.36 25.08
CA GLU B 459 -28.27 -34.22 25.98
C GLU B 459 -28.76 -35.51 25.34
N GLY B 460 -29.09 -36.47 26.19
CA GLY B 460 -29.60 -37.75 25.73
C GLY B 460 -28.71 -38.60 24.86
N ALA B 461 -27.68 -39.19 25.47
CA ALA B 461 -26.78 -40.03 24.73
C ALA B 461 -26.78 -41.42 25.37
N SER B 462 -27.08 -42.44 24.58
CA SER B 462 -27.08 -43.79 25.11
C SER B 462 -25.71 -44.02 25.76
N GLU B 463 -25.69 -44.77 26.86
CA GLU B 463 -24.45 -45.06 27.56
C GLU B 463 -23.40 -45.62 26.61
N GLU B 464 -23.88 -46.21 25.51
CA GLU B 464 -23.01 -46.83 24.50
C GLU B 464 -22.21 -45.78 23.76
N GLU B 465 -22.88 -44.68 23.44
CA GLU B 465 -22.29 -43.56 22.72
C GLU B 465 -21.30 -42.81 23.62
N ILE B 466 -21.71 -42.59 24.86
CA ILE B 466 -20.88 -41.90 25.82
C ILE B 466 -19.53 -42.59 25.87
N ARG B 467 -19.57 -43.90 25.89
CA ARG B 467 -18.36 -44.70 25.96
C ARG B 467 -17.56 -44.63 24.66
N LEU B 468 -18.26 -44.65 23.52
CA LEU B 468 -17.57 -44.58 22.23
C LEU B 468 -16.71 -43.34 22.17
N SER B 469 -17.29 -42.20 22.56
CA SER B 469 -16.61 -40.93 22.56
C SER B 469 -15.37 -41.02 23.43
N LYS B 470 -15.53 -41.54 24.64
CA LYS B 470 -14.43 -41.70 25.57
C LYS B 470 -13.26 -42.44 24.93
N MET B 471 -13.59 -43.54 24.27
CA MET B 471 -12.59 -44.37 23.60
C MET B 471 -11.83 -43.59 22.54
N VAL B 472 -12.56 -42.96 21.63
CA VAL B 472 -11.99 -42.15 20.55
C VAL B 472 -11.11 -41.00 21.04
N MET B 473 -11.62 -40.23 22.00
CA MET B 473 -10.86 -39.13 22.53
C MET B 473 -9.55 -39.60 23.13
N LYS B 474 -9.56 -40.76 23.76
CA LYS B 474 -8.36 -41.29 24.38
C LYS B 474 -7.36 -41.72 23.31
N PHE B 475 -7.87 -42.21 22.19
CA PHE B 475 -7.02 -42.63 21.10
C PHE B 475 -6.39 -41.39 20.47
N TRP B 476 -7.24 -40.48 20.01
CA TRP B 476 -6.76 -39.25 19.40
C TRP B 476 -5.78 -38.56 20.34
N ALA B 477 -6.10 -38.52 21.63
CA ALA B 477 -5.22 -37.88 22.60
C ALA B 477 -3.89 -38.60 22.81
N ASN B 478 -3.92 -39.93 22.93
CA ASN B 478 -2.70 -40.71 23.12
C ASN B 478 -1.73 -40.44 21.99
N PHE B 479 -2.25 -40.49 20.78
CA PHE B 479 -1.49 -40.23 19.56
C PHE B 479 -0.89 -38.83 19.64
N ALA B 480 -1.69 -37.90 20.13
CA ALA B 480 -1.26 -36.52 20.27
C ALA B 480 -0.03 -36.40 21.15
N ARG B 481 0.23 -37.40 21.98
CA ARG B 481 1.41 -37.36 22.85
C ARG B 481 2.50 -38.34 22.51
N ASN B 482 2.16 -39.51 21.98
CA ASN B 482 3.19 -40.48 21.67
C ASN B 482 3.40 -40.75 20.19
N GLY B 483 2.39 -40.47 19.37
CA GLY B 483 2.50 -40.77 17.95
C GLY B 483 2.05 -42.22 17.82
N ASN B 484 1.34 -42.67 18.85
CA ASN B 484 0.82 -44.03 18.93
C ASN B 484 -0.49 -43.94 19.71
N PRO B 485 -1.59 -44.36 19.09
CA PRO B 485 -2.93 -44.33 19.70
C PRO B 485 -3.14 -45.26 20.88
N ASN B 486 -2.38 -46.34 20.95
CA ASN B 486 -2.53 -47.33 22.01
C ASN B 486 -2.27 -46.92 23.45
N GLY B 487 -2.95 -47.61 24.35
CA GLY B 487 -2.82 -47.35 25.78
C GLY B 487 -3.76 -48.24 26.56
N GLU B 488 -3.72 -48.15 27.88
CA GLU B 488 -4.56 -48.97 28.75
C GLU B 488 -6.08 -48.85 28.57
N GLY B 489 -6.75 -50.00 28.58
CA GLY B 489 -8.20 -50.03 28.43
C GLY B 489 -8.67 -49.77 27.02
N LEU B 490 -7.78 -49.85 26.06
CA LEU B 490 -8.16 -49.59 24.68
C LEU B 490 -7.84 -50.74 23.73
N PRO B 491 -8.82 -51.21 22.96
CA PRO B 491 -8.54 -52.30 22.03
C PRO B 491 -7.25 -51.99 21.30
N HIS B 492 -6.50 -53.01 20.92
CA HIS B 492 -5.25 -52.77 20.25
C HIS B 492 -5.41 -52.20 18.86
N TRP B 493 -4.74 -51.09 18.59
CA TRP B 493 -4.79 -50.46 17.27
C TRP B 493 -3.49 -50.77 16.54
N PRO B 494 -3.50 -51.74 15.60
CA PRO B 494 -2.30 -52.09 14.85
C PRO B 494 -1.73 -50.93 14.05
N GLU B 495 -0.45 -50.98 13.73
CA GLU B 495 0.16 -49.94 12.92
C GLU B 495 0.01 -50.31 11.45
N TYR B 496 -0.29 -49.32 10.62
CA TYR B 496 -0.45 -49.59 9.20
C TYR B 496 0.91 -49.86 8.58
N ASN B 497 1.33 -51.11 8.65
CA ASN B 497 2.60 -51.52 8.07
C ASN B 497 2.30 -52.30 6.79
N GLN B 498 3.04 -53.38 6.55
CA GLN B 498 2.80 -54.15 5.35
C GLN B 498 1.53 -54.98 5.49
N LYS B 499 1.21 -55.35 6.73
CA LYS B 499 0.02 -56.13 7.02
C LYS B 499 -1.23 -55.29 6.86
N GLU B 500 -1.04 -54.01 6.52
CA GLU B 500 -2.14 -53.08 6.34
C GLU B 500 -3.20 -53.24 7.41
N GLY B 501 -2.74 -53.16 8.65
CA GLY B 501 -3.64 -53.30 9.79
C GLY B 501 -4.24 -51.97 10.17
N TYR B 502 -5.56 -51.95 10.27
CA TYR B 502 -6.25 -50.72 10.62
C TYR B 502 -7.25 -50.98 11.72
N LEU B 503 -7.96 -49.93 12.12
CA LEU B 503 -8.97 -50.06 13.18
C LEU B 503 -10.38 -49.77 12.67
N GLN B 504 -11.36 -50.51 13.20
CA GLN B 504 -12.76 -50.29 12.83
C GLN B 504 -13.38 -49.74 14.08
N ILE B 505 -13.68 -48.47 14.06
CA ILE B 505 -14.27 -47.81 15.20
C ILE B 505 -15.78 -47.78 15.08
N GLY B 506 -16.46 -48.18 16.15
CA GLY B 506 -17.90 -48.19 16.17
C GLY B 506 -18.39 -48.85 17.44
N ALA B 507 -19.58 -49.43 17.39
CA ALA B 507 -20.12 -50.10 18.57
C ALA B 507 -19.18 -51.23 18.97
N ASN B 508 -18.55 -51.84 17.98
CA ASN B 508 -17.62 -52.93 18.23
C ASN B 508 -16.31 -52.53 17.58
N THR B 509 -15.41 -51.97 18.39
CA THR B 509 -14.13 -51.50 17.88
C THR B 509 -13.05 -52.58 17.88
N GLN B 510 -12.88 -53.24 16.74
CA GLN B 510 -11.89 -54.30 16.62
C GLN B 510 -10.97 -54.16 15.40
N ALA B 511 -9.75 -54.68 15.51
CA ALA B 511 -8.81 -54.61 14.41
C ALA B 511 -9.32 -55.40 13.20
N ALA B 512 -8.81 -55.03 12.03
CA ALA B 512 -9.14 -55.68 10.76
C ALA B 512 -7.95 -55.45 9.83
N GLN B 513 -8.03 -55.91 8.59
CA GLN B 513 -6.89 -55.73 7.71
C GLN B 513 -7.19 -55.39 6.27
N LYS B 514 -6.17 -54.86 5.58
CA LYS B 514 -6.24 -54.46 4.18
C LYS B 514 -7.52 -53.70 3.84
N LEU B 515 -7.60 -52.46 4.32
CA LEU B 515 -8.76 -51.61 4.08
C LEU B 515 -8.85 -51.18 2.60
N LYS B 516 -10.05 -51.31 2.02
CA LYS B 516 -10.28 -50.94 0.63
C LYS B 516 -9.23 -51.47 -0.35
N ASP B 517 -8.44 -52.45 0.10
CA ASP B 517 -7.39 -53.03 -0.74
C ASP B 517 -7.87 -53.29 -2.17
N LYS B 518 -8.85 -54.17 -2.29
CA LYS B 518 -9.40 -54.53 -3.59
C LYS B 518 -9.77 -53.33 -4.47
N GLU B 519 -10.54 -52.39 -3.93
CA GLU B 519 -10.95 -51.20 -4.71
C GLU B 519 -9.75 -50.42 -5.23
N VAL B 520 -8.78 -50.17 -4.35
CA VAL B 520 -7.60 -49.44 -4.76
C VAL B 520 -7.10 -50.06 -6.05
N ALA B 521 -6.83 -51.36 -6.01
CA ALA B 521 -6.34 -52.09 -7.18
C ALA B 521 -7.19 -51.78 -8.42
N PHE B 522 -8.50 -51.91 -8.26
CA PHE B 522 -9.43 -51.64 -9.35
C PHE B 522 -9.25 -50.24 -9.92
N TRP B 523 -9.51 -49.23 -9.09
CA TRP B 523 -9.39 -47.82 -9.46
C TRP B 523 -8.00 -47.44 -9.99
N THR B 524 -6.95 -47.89 -9.30
CA THR B 524 -5.59 -47.61 -9.74
C THR B 524 -5.36 -48.07 -11.19
N ASN B 525 -6.12 -49.09 -11.59
CA ASN B 525 -6.00 -49.63 -12.92
C ASN B 525 -6.83 -48.93 -14.01
N LEU B 526 -8.13 -48.83 -13.81
CA LEU B 526 -9.01 -48.15 -14.78
C LEU B 526 -8.41 -46.78 -15.13
N PHE B 527 -7.89 -46.10 -14.11
CA PHE B 527 -7.27 -44.79 -14.27
C PHE B 527 -5.92 -44.82 -14.99
N ALA B 528 -5.26 -45.99 -14.99
CA ALA B 528 -3.98 -46.15 -15.65
C ALA B 528 -4.13 -45.76 -17.12
N LYS B 529 -5.20 -46.24 -17.77
CA LYS B 529 -5.43 -45.91 -19.17
C LYS B 529 -6.65 -45.01 -19.43
N PRO C 1 16.34 35.23 2.17
CA PRO C 1 17.12 34.33 3.04
C PRO C 1 16.91 32.86 2.65
N VAL C 2 17.99 32.10 2.56
CA VAL C 2 17.89 30.70 2.22
C VAL C 2 18.58 29.85 3.27
N VAL C 3 17.81 29.07 4.02
CA VAL C 3 18.37 28.19 5.04
C VAL C 3 18.47 26.78 4.50
N ASP C 4 19.40 26.02 5.05
CA ASP C 4 19.61 24.66 4.60
C ASP C 4 19.22 23.63 5.66
N THR C 5 18.09 22.96 5.48
CA THR C 5 17.62 21.97 6.45
C THR C 5 18.03 20.56 6.07
N VAL C 6 17.66 19.60 6.92
CA VAL C 6 17.98 18.20 6.72
C VAL C 6 17.28 17.61 5.50
N HIS C 7 16.07 18.07 5.22
CA HIS C 7 15.32 17.56 4.09
C HIS C 7 15.50 18.37 2.82
N GLY C 8 16.28 19.44 2.90
CA GLY C 8 16.50 20.28 1.72
C GLY C 8 16.58 21.75 2.07
N LYS C 9 16.71 22.59 1.06
CA LYS C 9 16.80 24.03 1.26
C LYS C 9 15.42 24.69 1.23
N VAL C 10 15.23 25.68 2.09
CA VAL C 10 13.97 26.42 2.13
C VAL C 10 14.26 27.90 1.98
N LEU C 11 13.42 28.58 1.21
CA LEU C 11 13.59 30.00 0.95
C LEU C 11 12.53 30.81 1.70
N GLY C 12 12.97 31.76 2.51
CA GLY C 12 12.05 32.59 3.26
C GLY C 12 12.04 34.02 2.77
N LYS C 13 11.59 34.93 3.63
CA LYS C 13 11.52 36.36 3.33
C LYS C 13 11.85 37.20 4.57
N PHE C 14 12.43 38.38 4.35
CA PHE C 14 12.78 39.28 5.45
C PHE C 14 11.64 40.25 5.75
N VAL C 15 11.36 40.46 7.02
CA VAL C 15 10.30 41.38 7.41
C VAL C 15 10.84 42.22 8.56
N SER C 16 10.76 43.54 8.42
CA SER C 16 11.25 44.43 9.46
C SER C 16 10.15 44.97 10.34
N LEU C 17 10.37 44.88 11.64
CA LEU C 17 9.40 45.39 12.61
C LEU C 17 9.84 46.78 12.98
N PRO C 23 16.14 42.89 10.61
CA PRO C 23 14.81 42.49 10.16
C PRO C 23 14.70 41.03 10.57
N VAL C 24 13.52 40.44 10.43
CA VAL C 24 13.37 39.04 10.79
C VAL C 24 13.16 38.19 9.54
N ALA C 25 13.62 36.94 9.63
CA ALA C 25 13.47 35.98 8.54
C ALA C 25 12.27 35.10 8.89
N ILE C 26 11.28 35.11 8.01
CA ILE C 26 10.05 34.34 8.20
C ILE C 26 9.92 33.20 7.20
N PHE C 27 9.81 31.98 7.71
CA PHE C 27 9.65 30.83 6.84
C PHE C 27 8.28 30.25 7.10
N LEU C 28 7.39 30.43 6.13
CA LEU C 28 6.01 29.97 6.23
C LEU C 28 5.75 28.63 5.56
N GLY C 29 5.12 27.73 6.29
CA GLY C 29 4.78 26.42 5.74
C GLY C 29 5.87 25.43 5.46
N ILE C 30 6.56 24.96 6.49
CA ILE C 30 7.59 23.97 6.28
C ILE C 30 7.06 22.62 6.75
N PRO C 31 7.12 21.60 5.89
CA PRO C 31 6.63 20.28 6.25
C PRO C 31 7.54 19.53 7.23
N PHE C 32 6.98 19.05 8.32
CA PHE C 32 7.74 18.31 9.32
C PHE C 32 7.34 16.84 9.32
N ALA C 33 6.34 16.52 8.51
CA ALA C 33 5.85 15.16 8.37
C ALA C 33 5.33 14.97 6.95
N LYS C 34 4.94 13.75 6.65
CA LYS C 34 4.40 13.39 5.35
C LYS C 34 2.89 13.59 5.38
N PRO C 35 2.33 14.19 4.32
CA PRO C 35 0.88 14.43 4.27
C PRO C 35 0.11 13.16 4.62
N PRO C 36 -0.61 13.17 5.75
CA PRO C 36 -1.41 12.07 6.28
C PRO C 36 -2.64 11.76 5.46
N LEU C 37 -2.44 11.52 4.18
CA LEU C 37 -3.53 11.23 3.27
C LEU C 37 -3.68 9.74 2.96
N GLY C 38 -4.84 9.41 2.41
CA GLY C 38 -5.11 8.04 2.04
C GLY C 38 -4.99 7.10 3.20
N PRO C 39 -4.11 6.10 3.10
CA PRO C 39 -3.86 5.06 4.12
C PRO C 39 -3.02 5.53 5.30
N LEU C 40 -2.52 6.76 5.25
CA LEU C 40 -1.71 7.30 6.33
C LEU C 40 -2.59 7.96 7.37
N ARG C 41 -3.87 8.05 7.05
CA ARG C 41 -4.85 8.67 7.93
C ARG C 41 -5.06 7.73 9.12
N PHE C 42 -5.20 8.31 10.30
CA PHE C 42 -5.38 7.56 11.55
C PHE C 42 -4.16 6.72 11.87
N THR C 43 -2.98 7.21 11.49
CA THR C 43 -1.74 6.51 11.76
C THR C 43 -0.72 7.54 12.20
N PRO C 44 0.37 7.10 12.86
CA PRO C 44 1.38 8.06 13.31
C PRO C 44 1.97 8.86 12.16
N PRO C 45 2.55 10.03 12.45
CA PRO C 45 3.12 10.83 11.38
C PRO C 45 4.39 10.19 10.87
N GLN C 46 4.61 10.35 9.57
CA GLN C 46 5.78 9.81 8.88
C GLN C 46 6.76 10.92 8.58
N PRO C 47 8.05 10.58 8.49
CA PRO C 47 9.04 11.63 8.18
C PRO C 47 8.71 12.21 6.83
N ALA C 48 9.22 13.40 6.54
CA ALA C 48 8.94 14.04 5.27
C ALA C 48 9.96 13.69 4.17
N GLU C 49 9.46 13.40 2.98
CA GLU C 49 10.32 13.10 1.83
C GLU C 49 11.19 14.32 1.53
N PRO C 50 12.49 14.09 1.28
CA PRO C 50 13.41 15.19 0.97
C PRO C 50 13.17 15.74 -0.43
N TRP C 51 13.50 17.01 -0.63
CA TRP C 51 13.31 17.63 -1.94
C TRP C 51 14.59 18.18 -2.57
N SER C 52 14.64 18.13 -3.90
CA SER C 52 15.80 18.63 -4.66
C SER C 52 15.60 20.13 -4.88
N PHE C 53 16.71 20.85 -5.04
CA PHE C 53 16.62 22.28 -5.26
C PHE C 53 16.12 23.02 -4.01
N VAL C 54 15.67 24.25 -4.20
CA VAL C 54 15.21 25.08 -3.10
C VAL C 54 13.69 25.14 -2.97
N LYS C 55 13.18 24.93 -1.77
CA LYS C 55 11.75 24.97 -1.52
C LYS C 55 11.31 26.36 -1.14
N ASN C 56 10.45 26.93 -1.95
CA ASN C 56 9.92 28.27 -1.69
C ASN C 56 8.95 28.17 -0.52
N ALA C 57 9.28 28.76 0.61
CA ALA C 57 8.40 28.72 1.77
C ALA C 57 7.90 30.12 2.09
N THR C 58 7.17 30.73 1.17
CA THR C 58 6.70 32.07 1.41
C THR C 58 5.19 32.30 1.46
N SER C 59 4.42 31.24 1.62
CA SER C 59 2.97 31.40 1.72
C SER C 59 2.38 30.48 2.77
N TYR C 60 1.40 31.00 3.53
CA TYR C 60 0.75 30.26 4.60
C TYR C 60 0.19 28.91 4.23
N PRO C 61 0.49 27.89 5.06
CA PRO C 61 0.04 26.51 4.85
C PRO C 61 -1.42 26.36 5.22
N PRO C 62 -2.08 25.28 4.93
CA PRO C 62 -3.46 25.15 5.25
C PRO C 62 -4.02 24.76 6.64
N MET C 63 -5.07 25.30 7.10
CA MET C 63 -5.52 25.03 8.39
C MET C 63 -5.62 23.65 8.39
N CYS C 64 -6.08 22.95 9.36
CA CYS C 64 -6.21 21.52 9.13
C CYS C 64 -7.76 21.17 9.06
N THR C 65 -8.29 20.13 8.45
CA THR C 65 -9.73 20.06 8.29
C THR C 65 -10.45 20.23 9.61
N GLN C 66 -11.39 21.16 9.61
CA GLN C 66 -12.18 21.53 10.77
C GLN C 66 -13.34 22.34 10.22
N ASP C 67 -14.26 22.73 11.09
CA ASP C 67 -15.40 23.54 10.71
C ASP C 67 -14.85 24.86 10.16
N PRO C 68 -15.12 25.17 8.89
CA PRO C 68 -14.62 26.42 8.31
C PRO C 68 -15.15 27.71 8.93
N LYS C 69 -16.38 27.69 9.40
CA LYS C 69 -16.93 28.88 10.01
C LYS C 69 -16.32 29.06 11.39
N ALA C 70 -16.49 28.07 12.25
CA ALA C 70 -15.97 28.16 13.62
C ALA C 70 -14.47 28.44 13.67
N GLY C 71 -13.74 27.88 12.72
CA GLY C 71 -12.30 28.09 12.69
C GLY C 71 -11.94 29.51 12.30
N GLN C 72 -12.60 30.04 11.28
CA GLN C 72 -12.34 31.40 10.82
C GLN C 72 -12.77 32.42 11.88
N LEU C 73 -13.72 32.03 12.71
CA LEU C 73 -14.21 32.91 13.76
C LEU C 73 -13.18 32.97 14.87
N LEU C 74 -12.67 31.80 15.28
CA LEU C 74 -11.65 31.77 16.32
C LEU C 74 -10.37 32.49 15.87
N SER C 75 -9.99 32.28 14.62
CA SER C 75 -8.78 32.91 14.07
C SER C 75 -8.94 34.42 14.16
N GLU C 76 -10.14 34.88 13.86
CA GLU C 76 -10.45 36.31 13.89
C GLU C 76 -10.42 36.89 15.29
N LEU C 77 -10.74 36.08 16.30
CA LEU C 77 -10.77 36.54 17.68
C LEU C 77 -9.46 36.45 18.44
N PHE C 78 -8.56 35.58 18.01
CA PHE C 78 -7.26 35.43 18.70
C PHE C 78 -6.09 36.07 17.97
N THR C 79 -6.18 36.11 16.66
CA THR C 79 -5.13 36.67 15.81
C THR C 79 -4.57 38.00 16.34
N ASN C 80 -3.26 38.18 16.25
CA ASN C 80 -2.60 39.40 16.72
C ASN C 80 -2.12 40.27 15.55
N ARG C 81 -2.66 39.97 14.36
CA ARG C 81 -2.33 40.71 13.15
C ARG C 81 -3.41 41.77 12.97
N LYS C 82 -3.09 42.81 12.23
CA LYS C 82 -4.06 43.86 11.97
C LYS C 82 -5.20 43.17 11.20
N GLU C 83 -4.88 42.61 10.03
CA GLU C 83 -5.88 41.93 9.22
C GLU C 83 -5.78 40.43 9.45
N ASN C 84 -6.93 39.77 9.59
CA ASN C 84 -6.94 38.32 9.78
C ASN C 84 -6.68 37.68 8.41
N ILE C 85 -6.07 36.50 8.43
CA ILE C 85 -5.75 35.78 7.20
C ILE C 85 -6.66 34.58 6.91
N PRO C 86 -7.25 34.54 5.71
CA PRO C 86 -8.15 33.48 5.26
C PRO C 86 -7.34 32.23 4.91
N LEU C 87 -7.64 31.12 5.57
CA LEU C 87 -6.92 29.87 5.32
C LEU C 87 -7.74 28.88 4.49
N LYS C 88 -7.02 27.95 3.89
CA LYS C 88 -7.61 26.92 3.08
C LYS C 88 -7.72 25.69 3.99
N LEU C 89 -8.62 24.77 3.66
CA LEU C 89 -8.79 23.57 4.47
C LEU C 89 -8.20 22.36 3.78
N SER C 90 -7.46 21.54 4.52
CA SER C 90 -6.89 20.35 3.91
C SER C 90 -6.34 19.38 4.93
N GLU C 91 -6.26 18.11 4.53
CA GLU C 91 -5.73 17.06 5.40
C GLU C 91 -4.22 17.20 5.36
N ASP C 92 -3.73 17.84 4.30
CA ASP C 92 -2.31 18.10 4.10
C ASP C 92 -2.06 19.38 4.88
N CYS C 93 -1.73 19.23 6.16
CA CYS C 93 -1.55 20.40 7.01
C CYS C 93 -0.44 20.28 8.01
N LEU C 94 0.36 19.22 7.94
CA LEU C 94 1.42 19.09 8.91
C LEU C 94 2.59 20.00 8.59
N TYR C 95 2.40 21.28 8.86
CA TYR C 95 3.42 22.31 8.64
C TYR C 95 3.70 23.16 9.89
N LEU C 96 4.78 23.94 9.81
CA LEU C 96 5.18 24.80 10.90
C LEU C 96 5.70 26.09 10.32
N ASN C 97 5.57 27.18 11.07
CA ASN C 97 6.06 28.49 10.62
C ASN C 97 7.22 28.92 11.52
N ILE C 98 8.24 29.51 10.94
CA ILE C 98 9.38 29.97 11.74
C ILE C 98 9.63 31.47 11.63
N TYR C 99 9.88 32.10 12.78
CA TYR C 99 10.18 33.51 12.88
C TYR C 99 11.52 33.63 13.62
N THR C 100 12.58 33.98 12.90
CA THR C 100 13.88 34.08 13.54
C THR C 100 14.56 35.45 13.41
N PRO C 101 14.90 36.05 14.55
CA PRO C 101 15.56 37.36 14.64
C PRO C 101 17.07 37.26 14.44
N ALA C 102 17.57 36.04 14.44
CA ALA C 102 18.99 35.80 14.26
C ALA C 102 19.47 36.28 12.91
N ASP C 103 20.77 36.57 12.84
CA ASP C 103 21.38 37.00 11.59
C ASP C 103 22.02 35.75 11.02
N LEU C 104 21.26 35.06 10.18
CA LEU C 104 21.66 33.80 9.57
C LEU C 104 23.05 33.70 8.97
N THR C 105 23.68 34.84 8.70
CA THR C 105 25.03 34.88 8.09
C THR C 105 26.13 34.65 9.13
N LYS C 106 25.76 34.05 10.25
CA LYS C 106 26.69 33.79 11.33
C LYS C 106 26.03 32.75 12.23
N LYS C 107 26.81 32.15 13.13
CA LYS C 107 26.28 31.16 14.06
C LYS C 107 25.45 31.88 15.12
N ASN C 108 24.37 31.23 15.58
CA ASN C 108 23.47 31.80 16.58
C ASN C 108 22.74 30.70 17.35
N ARG C 109 22.67 30.82 18.67
CA ARG C 109 21.97 29.83 19.48
C ARG C 109 20.90 30.46 20.34
N LEU C 110 20.00 31.22 19.72
CA LEU C 110 18.93 31.88 20.45
C LEU C 110 17.97 30.85 20.99
N PRO C 111 17.35 31.10 22.15
CA PRO C 111 16.41 30.15 22.72
C PRO C 111 15.22 29.97 21.78
N VAL C 112 14.52 28.84 21.90
CA VAL C 112 13.40 28.58 21.01
C VAL C 112 12.07 28.42 21.75
N MET C 113 11.04 29.07 21.22
CA MET C 113 9.69 29.01 21.78
C MET C 113 8.71 28.48 20.74
N VAL C 114 8.28 27.24 20.94
CA VAL C 114 7.34 26.56 20.06
C VAL C 114 5.93 26.73 20.58
N TRP C 115 5.07 27.33 19.77
CA TRP C 115 3.69 27.58 20.15
C TRP C 115 2.73 26.52 19.65
N ILE C 116 1.83 26.07 20.53
CA ILE C 116 0.83 25.07 20.19
C ILE C 116 -0.54 25.71 20.32
N HIS C 117 -1.15 26.09 19.21
CA HIS C 117 -2.46 26.73 19.26
C HIS C 117 -3.53 25.95 19.99
N GLY C 118 -4.65 26.62 20.26
CA GLY C 118 -5.75 25.98 20.96
C GLY C 118 -6.95 25.91 20.05
N GLY C 119 -8.04 25.35 20.54
CA GLY C 119 -9.23 25.24 19.70
C GLY C 119 -10.02 23.99 20.07
N GLY C 120 -9.85 23.53 21.30
CA GLY C 120 -10.55 22.35 21.80
C GLY C 120 -10.21 21.06 21.09
N LEU C 121 -9.07 21.06 20.39
CA LEU C 121 -8.61 19.91 19.61
C LEU C 121 -9.59 19.65 18.49
N MET C 122 -10.27 20.71 18.04
CA MET C 122 -11.27 20.63 16.99
C MET C 122 -11.04 21.69 15.91
N VAL C 123 -10.58 22.86 16.33
CA VAL C 123 -10.33 23.94 15.39
C VAL C 123 -8.97 24.60 15.66
N GLY C 124 -8.61 25.57 14.83
CA GLY C 124 -7.36 26.27 15.03
C GLY C 124 -6.37 26.14 13.90
N ALA C 125 -5.32 26.95 13.96
CA ALA C 125 -4.27 26.94 12.96
C ALA C 125 -3.08 27.70 13.48
N ALA C 126 -1.89 27.33 13.04
CA ALA C 126 -0.68 28.01 13.47
C ALA C 126 -0.57 29.41 12.89
N SER C 127 -1.01 29.58 11.64
CA SER C 127 -0.96 30.87 10.95
C SER C 127 -1.74 31.99 11.63
N THR C 128 -2.55 31.66 12.61
CA THR C 128 -3.31 32.67 13.31
C THR C 128 -2.34 33.54 14.10
N TYR C 129 -1.42 32.91 14.81
CA TYR C 129 -0.47 33.61 15.64
C TYR C 129 0.81 34.06 14.91
N ASP C 130 1.03 35.37 14.86
CA ASP C 130 2.20 35.95 14.22
C ASP C 130 3.31 36.18 15.25
N GLY C 131 4.44 35.53 15.05
CA GLY C 131 5.54 35.67 16.00
C GLY C 131 6.62 36.65 15.59
N LEU C 132 6.26 37.65 14.80
CA LEU C 132 7.23 38.66 14.36
C LEU C 132 7.63 39.53 15.55
N ALA C 133 6.63 39.95 16.32
CA ALA C 133 6.86 40.79 17.48
C ALA C 133 7.71 40.15 18.56
N LEU C 134 7.23 39.03 19.10
CA LEU C 134 7.95 38.34 20.16
C LEU C 134 9.40 38.01 19.79
N ALA C 135 9.61 37.50 18.58
CA ALA C 135 10.94 37.15 18.09
C ALA C 135 11.88 38.36 18.11
N ALA C 136 11.44 39.44 17.45
CA ALA C 136 12.22 40.67 17.37
C ALA C 136 12.47 41.31 18.73
N HIS C 137 11.42 41.45 19.54
CA HIS C 137 11.54 42.06 20.86
C HIS C 137 12.39 41.30 21.87
N GLU C 138 12.13 40.02 22.07
CA GLU C 138 12.90 39.26 23.07
C GLU C 138 14.01 38.42 22.51
N ASN C 139 14.27 38.57 21.21
CA ASN C 139 15.37 37.86 20.54
C ASN C 139 15.33 36.35 20.70
N VAL C 140 14.23 35.74 20.29
CA VAL C 140 14.08 34.30 20.38
C VAL C 140 13.52 33.80 19.06
N VAL C 141 13.63 32.50 18.83
CA VAL C 141 13.09 31.93 17.62
C VAL C 141 11.69 31.39 17.94
N VAL C 142 10.69 31.93 17.27
CA VAL C 142 9.32 31.51 17.49
C VAL C 142 8.90 30.54 16.41
N VAL C 143 8.28 29.45 16.83
CA VAL C 143 7.84 28.43 15.91
C VAL C 143 6.36 28.13 16.21
N THR C 144 5.52 28.21 15.20
CA THR C 144 4.10 27.91 15.39
C THR C 144 3.82 26.62 14.61
N ILE C 145 3.48 25.56 15.34
CA ILE C 145 3.21 24.28 14.71
C ILE C 145 1.74 23.95 14.56
N GLN C 146 1.46 22.99 13.69
CA GLN C 146 0.11 22.52 13.44
C GLN C 146 0.07 21.01 13.66
N TYR C 147 -1.13 20.50 13.92
CA TYR C 147 -1.35 19.10 14.17
C TYR C 147 -2.77 18.76 13.73
N ARG C 148 -3.04 17.48 13.52
CA ARG C 148 -4.35 17.06 13.09
C ARG C 148 -5.41 17.31 14.17
N LEU C 149 -6.60 17.66 13.72
CA LEU C 149 -7.70 17.96 14.63
C LEU C 149 -8.90 17.05 14.42
N GLY C 150 -9.84 17.14 15.35
CA GLY C 150 -11.07 16.36 15.28
C GLY C 150 -10.88 14.90 14.95
N ILE C 151 -11.77 14.37 14.13
CA ILE C 151 -11.71 12.98 13.73
C ILE C 151 -10.33 12.63 13.22
N TRP C 152 -9.81 13.46 12.35
CA TRP C 152 -8.51 13.26 11.74
C TRP C 152 -7.32 13.08 12.68
N GLY C 153 -7.36 13.73 13.82
CA GLY C 153 -6.24 13.62 14.74
C GLY C 153 -6.54 12.97 16.06
N PHE C 154 -7.80 12.59 16.30
CA PHE C 154 -8.14 11.98 17.57
C PHE C 154 -9.07 10.77 17.56
N PHE C 155 -9.46 10.29 16.38
CA PHE C 155 -10.33 9.13 16.31
C PHE C 155 -9.68 7.94 16.99
N SER C 156 -10.42 7.28 17.88
CA SER C 156 -9.90 6.12 18.57
C SER C 156 -10.90 4.99 18.69
N THR C 157 -10.38 3.75 18.66
CA THR C 157 -11.21 2.56 18.78
C THR C 157 -10.91 1.90 20.11
N GLY C 158 -9.91 2.42 20.81
CA GLY C 158 -9.54 1.85 22.10
C GLY C 158 -8.70 0.59 21.99
N ASP C 159 -8.24 0.26 20.81
CA ASP C 159 -7.41 -0.91 20.65
C ASP C 159 -6.35 -0.65 19.60
N GLU C 160 -5.49 -1.63 19.38
CA GLU C 160 -4.39 -1.48 18.44
C GLU C 160 -4.76 -1.23 16.99
N HIS C 161 -6.02 -1.01 16.67
CA HIS C 161 -6.35 -0.77 15.28
C HIS C 161 -6.46 0.69 15.01
N SER C 162 -6.37 1.47 16.08
CA SER C 162 -6.44 2.92 16.02
C SER C 162 -6.39 3.43 17.45
N ARG C 163 -5.21 3.39 18.04
CA ARG C 163 -5.04 3.82 19.41
C ARG C 163 -5.61 5.22 19.62
N GLY C 164 -5.12 6.17 18.83
CA GLY C 164 -5.59 7.54 18.95
C GLY C 164 -4.45 8.52 19.14
N ASN C 165 -4.78 9.72 19.60
CA ASN C 165 -3.79 10.74 19.81
C ASN C 165 -2.93 10.97 18.59
N TRP C 166 -3.54 10.84 17.42
CA TRP C 166 -2.79 11.07 16.19
C TRP C 166 -2.27 12.50 16.25
N GLY C 167 -3.14 13.40 16.72
CA GLY C 167 -2.80 14.80 16.84
C GLY C 167 -1.64 15.10 17.76
N HIS C 168 -1.61 14.43 18.91
CA HIS C 168 -0.52 14.62 19.86
C HIS C 168 0.81 14.11 19.34
N LEU C 169 0.75 13.16 18.41
CA LEU C 169 1.95 12.58 17.84
C LEU C 169 2.59 13.53 16.84
N ASP C 170 1.77 14.36 16.21
CA ASP C 170 2.30 15.31 15.26
C ASP C 170 3.06 16.34 16.07
N GLN C 171 2.47 16.74 17.21
CA GLN C 171 3.10 17.72 18.08
C GLN C 171 4.50 17.23 18.46
N VAL C 172 4.62 15.94 18.72
CA VAL C 172 5.91 15.39 19.07
C VAL C 172 6.83 15.38 17.86
N ALA C 173 6.27 15.06 16.69
CA ALA C 173 7.03 15.00 15.47
C ALA C 173 7.53 16.38 15.07
N ALA C 174 6.72 17.39 15.38
CA ALA C 174 7.09 18.77 15.10
C ALA C 174 8.24 19.12 16.03
N LEU C 175 8.14 18.68 17.27
CA LEU C 175 9.17 18.94 18.25
C LEU C 175 10.45 18.24 17.89
N ARG C 176 10.36 17.13 17.19
CA ARG C 176 11.56 16.42 16.83
C ARG C 176 12.19 17.02 15.60
N TRP C 177 11.38 17.71 14.80
CA TRP C 177 11.89 18.35 13.59
C TRP C 177 12.74 19.52 14.04
N VAL C 178 12.34 20.12 15.15
CA VAL C 178 13.05 21.26 15.70
C VAL C 178 14.42 20.83 16.20
N GLN C 179 14.47 19.72 16.94
CA GLN C 179 15.74 19.23 17.44
C GLN C 179 16.74 19.01 16.32
N ASP C 180 16.27 18.43 15.22
CA ASP C 180 17.15 18.16 14.10
C ASP C 180 17.43 19.30 13.15
N ASN C 181 16.58 20.33 13.11
CA ASN C 181 16.80 21.43 12.16
C ASN C 181 16.88 22.85 12.69
N ILE C 182 16.30 23.10 13.85
CA ILE C 182 16.27 24.47 14.35
C ILE C 182 17.57 25.24 14.36
N ALA C 183 18.69 24.57 14.58
CA ALA C 183 19.96 25.27 14.61
C ALA C 183 20.29 26.00 13.31
N SER C 184 19.69 25.57 12.21
CA SER C 184 19.91 26.21 10.91
C SER C 184 19.18 27.54 10.79
N PHE C 185 18.42 27.88 11.82
CA PHE C 185 17.67 29.12 11.83
C PHE C 185 18.13 30.01 12.96
N GLY C 186 19.26 29.64 13.56
CA GLY C 186 19.83 30.42 14.64
C GLY C 186 19.29 30.07 16.02
N GLY C 187 18.69 28.89 16.13
CA GLY C 187 18.14 28.46 17.40
C GLY C 187 18.95 27.37 18.06
N ASN C 188 18.94 27.37 19.38
CA ASN C 188 19.67 26.37 20.13
C ASN C 188 18.72 25.25 20.49
N PRO C 189 18.93 24.06 19.89
CA PRO C 189 18.09 22.88 20.14
C PRO C 189 18.17 22.40 21.58
N GLY C 190 19.12 22.97 22.32
CA GLY C 190 19.29 22.58 23.71
C GLY C 190 18.46 23.41 24.65
N SER C 191 17.87 24.49 24.12
CA SER C 191 17.04 25.35 24.92
C SER C 191 15.70 25.57 24.22
N VAL C 192 14.81 24.59 24.33
CA VAL C 192 13.50 24.67 23.70
C VAL C 192 12.37 24.71 24.71
N THR C 193 11.46 25.66 24.51
CA THR C 193 10.31 25.85 25.39
C THR C 193 9.03 25.68 24.63
N ILE C 194 8.08 24.94 25.19
CA ILE C 194 6.80 24.74 24.55
C ILE C 194 5.75 25.52 25.35
N PHE C 195 4.77 26.09 24.65
CA PHE C 195 3.73 26.83 25.32
C PHE C 195 2.50 26.93 24.42
N GLY C 196 1.32 26.91 25.04
CA GLY C 196 0.07 26.98 24.29
C GLY C 196 -1.08 27.29 25.21
N GLU C 197 -2.22 27.66 24.66
CA GLU C 197 -3.36 27.99 25.51
C GLU C 197 -4.62 27.18 25.16
N SER C 198 -5.50 26.99 26.14
CA SER C 198 -6.72 26.20 25.99
C SER C 198 -6.30 24.75 25.63
N ALA C 199 -6.88 24.20 24.58
CA ALA C 199 -6.53 22.84 24.19
C ALA C 199 -5.04 22.77 23.97
N GLY C 200 -4.45 23.93 23.73
CA GLY C 200 -3.02 24.03 23.48
C GLY C 200 -2.22 23.89 24.77
N GLY C 201 -2.84 24.24 25.89
CA GLY C 201 -2.18 24.11 27.18
C GLY C 201 -2.28 22.66 27.59
N GLU C 202 -3.45 22.08 27.27
CA GLU C 202 -3.78 20.68 27.55
C GLU C 202 -2.77 19.78 26.85
N SER C 203 -2.28 20.24 25.71
CA SER C 203 -1.31 19.52 24.93
C SER C 203 0.07 19.67 25.56
N VAL C 204 0.40 20.89 25.96
CA VAL C 204 1.70 21.12 26.59
C VAL C 204 1.78 20.27 27.85
N SER C 205 0.66 20.20 28.56
CA SER C 205 0.56 19.42 29.79
C SER C 205 0.77 17.93 29.52
N VAL C 206 0.18 17.42 28.45
CA VAL C 206 0.30 16.02 28.07
C VAL C 206 1.73 15.66 27.65
N LEU C 207 2.37 16.52 26.87
CA LEU C 207 3.72 16.25 26.41
C LEU C 207 4.69 16.20 27.57
N VAL C 208 4.36 16.92 28.63
CA VAL C 208 5.21 16.95 29.83
C VAL C 208 5.07 15.64 30.62
N LEU C 209 3.94 14.96 30.40
CA LEU C 209 3.63 13.69 31.05
C LEU C 209 3.96 12.50 30.18
N SER C 210 4.22 12.73 28.90
CA SER C 210 4.51 11.63 27.99
C SER C 210 5.97 11.28 27.85
N PRO C 211 6.27 9.98 27.97
CA PRO C 211 7.64 9.49 27.84
C PRO C 211 8.24 9.80 26.46
N LEU C 212 7.38 9.85 25.45
CA LEU C 212 7.81 10.12 24.07
C LEU C 212 8.34 11.52 23.83
N ALA C 213 7.97 12.47 24.68
CA ALA C 213 8.39 13.86 24.51
C ALA C 213 9.65 14.21 25.29
N LYS C 214 10.16 13.23 26.01
CA LYS C 214 11.37 13.40 26.80
C LYS C 214 12.51 13.91 25.92
N ASN C 215 13.26 14.90 26.41
CA ASN C 215 14.40 15.45 25.67
C ASN C 215 14.10 16.28 24.45
N LEU C 216 12.82 16.53 24.18
CA LEU C 216 12.45 17.32 23.02
C LEU C 216 12.27 18.78 23.40
N PHE C 217 12.13 19.03 24.70
CA PHE C 217 11.97 20.38 25.23
C PHE C 217 12.53 20.45 26.65
N HIS C 218 12.80 21.67 27.12
CA HIS C 218 13.38 21.85 28.43
C HIS C 218 12.58 22.77 29.34
N ARG C 219 11.48 23.32 28.85
CA ARG C 219 10.61 24.20 29.64
C ARG C 219 9.19 24.13 29.12
N ALA C 220 8.21 24.45 29.96
CA ALA C 220 6.82 24.41 29.51
C ALA C 220 5.96 25.54 30.07
N ILE C 221 4.97 25.95 29.27
CA ILE C 221 4.06 27.02 29.64
C ILE C 221 2.64 26.67 29.22
N SER C 222 1.79 26.37 30.18
CA SER C 222 0.40 26.05 29.89
C SER C 222 -0.46 27.27 30.22
N GLU C 223 -0.98 27.90 29.19
CA GLU C 223 -1.80 29.09 29.37
C GLU C 223 -3.28 28.76 29.36
N SER C 224 -3.89 28.76 30.55
CA SER C 224 -5.31 28.47 30.69
C SER C 224 -5.71 27.06 30.25
N GLY C 225 -5.05 26.03 30.79
CA GLY C 225 -5.38 24.67 30.40
C GLY C 225 -4.38 23.58 30.75
N VAL C 226 -4.81 22.55 31.46
CA VAL C 226 -3.93 21.45 31.83
C VAL C 226 -4.54 20.09 31.51
N ALA C 227 -3.76 19.03 31.70
CA ALA C 227 -4.22 17.67 31.42
C ALA C 227 -5.41 17.24 32.26
N LEU C 228 -5.44 17.61 33.54
CA LEU C 228 -6.57 17.25 34.40
C LEU C 228 -7.92 17.86 33.96
N THR C 229 -7.88 18.83 33.04
CA THR C 229 -9.10 19.46 32.46
C THR C 229 -9.80 18.32 31.69
N SER C 230 -10.52 17.52 32.46
CA SER C 230 -11.23 16.35 31.97
C SER C 230 -11.91 16.49 30.59
N VAL C 231 -12.54 17.62 30.32
CA VAL C 231 -13.21 17.76 29.03
C VAL C 231 -12.43 17.21 27.83
N LEU C 232 -11.13 17.49 27.77
CA LEU C 232 -10.34 17.02 26.62
C LEU C 232 -9.69 15.64 26.73
N VAL C 233 -9.83 14.99 27.87
CA VAL C 233 -9.23 13.67 28.06
C VAL C 233 -10.30 12.60 28.30
N LYS C 234 -10.60 11.83 27.25
CA LYS C 234 -11.59 10.76 27.33
C LYS C 234 -11.03 9.58 28.15
N LYS C 235 -11.59 9.38 29.33
CA LYS C 235 -11.18 8.29 30.21
C LYS C 235 -12.25 7.21 30.15
N GLY C 236 -11.85 5.95 30.17
CA GLY C 236 -12.85 4.89 30.09
C GLY C 236 -12.98 4.27 28.70
N ASP C 237 -14.05 3.53 28.46
CA ASP C 237 -14.23 2.88 27.15
C ASP C 237 -14.71 3.86 26.08
N VAL C 238 -13.84 4.13 25.11
CA VAL C 238 -14.18 5.06 24.02
C VAL C 238 -14.82 4.39 22.84
N LYS C 239 -14.82 3.06 22.84
CA LYS C 239 -15.40 2.27 21.76
C LYS C 239 -16.77 2.76 21.28
N PRO C 240 -17.65 3.14 22.24
CA PRO C 240 -19.00 3.64 21.93
C PRO C 240 -19.00 4.95 21.13
N LEU C 241 -18.02 5.81 21.39
CA LEU C 241 -17.94 7.08 20.66
C LEU C 241 -17.49 6.78 19.22
N ALA C 242 -16.61 5.79 19.09
CA ALA C 242 -16.08 5.38 17.80
C ALA C 242 -17.18 4.80 16.92
N GLU C 243 -18.01 3.97 17.53
CA GLU C 243 -19.10 3.34 16.82
C GLU C 243 -20.15 4.34 16.38
N GLN C 244 -20.34 5.39 17.16
CA GLN C 244 -21.33 6.37 16.79
C GLN C 244 -20.82 7.14 15.58
N ILE C 245 -19.57 7.57 15.66
CA ILE C 245 -18.93 8.31 14.56
C ILE C 245 -18.96 7.51 13.25
N ALA C 246 -18.69 6.21 13.36
CA ALA C 246 -18.67 5.33 12.19
C ALA C 246 -20.06 5.25 11.55
N ILE C 247 -21.07 5.13 12.40
CA ILE C 247 -22.46 5.05 11.96
C ILE C 247 -22.91 6.36 11.27
N THR C 248 -22.69 7.47 11.96
CA THR C 248 -23.03 8.81 11.44
C THR C 248 -22.39 9.02 10.08
N ALA C 249 -21.28 8.34 9.85
CA ALA C 249 -20.53 8.45 8.61
C ALA C 249 -20.92 7.40 7.59
N GLY C 250 -21.81 6.49 7.97
CA GLY C 250 -22.24 5.45 7.04
C GLY C 250 -21.31 4.25 6.94
N CYS C 251 -20.82 3.79 8.08
CA CYS C 251 -19.91 2.65 8.13
C CYS C 251 -20.48 1.53 8.98
N LYS C 252 -20.00 0.32 8.79
CA LYS C 252 -20.48 -0.78 9.61
C LYS C 252 -19.61 -0.77 10.86
N THR C 253 -20.09 -1.32 11.96
CA THR C 253 -19.29 -1.37 13.17
C THR C 253 -19.06 -2.82 13.60
N THR C 254 -18.92 -3.71 12.64
CA THR C 254 -18.70 -5.13 12.89
C THR C 254 -17.52 -5.41 13.78
N THR C 255 -16.44 -4.68 13.56
CA THR C 255 -15.22 -4.80 14.36
C THR C 255 -14.46 -3.47 14.28
N SER C 256 -13.44 -3.32 15.11
CA SER C 256 -12.65 -2.11 15.11
C SER C 256 -11.95 -1.95 13.76
N ALA C 257 -11.15 -2.95 13.40
CA ALA C 257 -10.42 -2.92 12.16
C ALA C 257 -11.29 -2.53 10.97
N VAL C 258 -12.52 -3.03 10.96
CA VAL C 258 -13.48 -2.75 9.91
C VAL C 258 -13.91 -1.27 9.93
N MET C 259 -14.08 -0.70 11.12
CA MET C 259 -14.49 0.69 11.25
C MET C 259 -13.45 1.64 10.68
N VAL C 260 -12.16 1.33 10.93
CA VAL C 260 -11.04 2.15 10.47
C VAL C 260 -10.80 2.06 8.98
N HIS C 261 -10.97 0.87 8.43
CA HIS C 261 -10.79 0.68 6.99
C HIS C 261 -11.86 1.49 6.29
N CYS C 262 -13.10 1.34 6.74
CA CYS C 262 -14.21 2.06 6.17
C CYS C 262 -13.96 3.54 6.22
N LEU C 263 -13.54 4.04 7.39
CA LEU C 263 -13.31 5.45 7.52
C LEU C 263 -12.15 5.97 6.66
N ARG C 264 -11.16 5.12 6.39
CA ARG C 264 -10.03 5.56 5.57
C ARG C 264 -10.42 5.82 4.13
N GLN C 265 -11.54 5.24 3.71
CA GLN C 265 -12.02 5.42 2.35
C GLN C 265 -12.91 6.61 2.19
N LYS C 266 -13.46 7.11 3.28
CA LYS C 266 -14.32 8.29 3.16
C LYS C 266 -13.49 9.47 2.68
N THR C 267 -14.10 10.38 1.93
CA THR C 267 -13.38 11.54 1.44
C THR C 267 -13.35 12.58 2.55
N GLU C 268 -12.37 13.50 2.47
CA GLU C 268 -12.23 14.56 3.47
C GLU C 268 -13.55 15.31 3.62
N GLU C 269 -14.19 15.56 2.49
CA GLU C 269 -15.46 16.25 2.47
C GLU C 269 -16.53 15.48 3.24
N GLU C 270 -16.51 14.16 3.12
CA GLU C 270 -17.49 13.34 3.82
C GLU C 270 -17.25 13.38 5.32
N LEU C 271 -16.00 13.18 5.71
CA LEU C 271 -15.65 13.20 7.13
C LEU C 271 -15.91 14.57 7.76
N LEU C 272 -16.01 15.61 6.94
CA LEU C 272 -16.28 16.96 7.46
C LEU C 272 -17.76 17.11 7.71
N GLU C 273 -18.58 16.44 6.90
CA GLU C 273 -20.03 16.48 7.05
C GLU C 273 -20.43 15.66 8.25
N THR C 274 -19.61 14.65 8.57
CA THR C 274 -19.84 13.79 9.72
C THR C 274 -19.55 14.63 10.95
N THR C 275 -18.46 15.39 10.85
CA THR C 275 -18.02 16.28 11.91
C THR C 275 -19.08 17.32 12.19
N LEU C 276 -19.64 17.87 11.11
CA LEU C 276 -20.69 18.88 11.18
C LEU C 276 -21.94 18.30 11.80
N LYS C 277 -22.33 17.11 11.37
CA LYS C 277 -23.52 16.47 11.93
C LYS C 277 -23.34 16.26 13.43
N MET C 278 -22.14 15.89 13.83
CA MET C 278 -21.83 15.63 15.24
C MET C 278 -22.07 16.86 16.13
N LYS C 279 -22.00 18.04 15.52
CA LYS C 279 -22.25 19.28 16.25
C LYS C 279 -21.46 19.43 17.56
N PHE C 280 -20.17 19.14 17.50
CA PHE C 280 -19.31 19.29 18.68
C PHE C 280 -19.21 20.81 19.02
N LEU C 281 -18.47 21.14 20.07
CA LEU C 281 -18.29 22.54 20.43
C LEU C 281 -19.58 23.32 20.69
N LEU C 296 -13.87 14.28 20.41
CA LEU C 296 -12.88 13.24 20.48
C LEU C 296 -11.76 13.97 21.23
N GLY C 297 -10.86 13.24 21.87
CA GLY C 297 -9.80 13.90 22.59
C GLY C 297 -8.72 12.98 23.10
N THR C 298 -7.73 13.57 23.75
CA THR C 298 -6.63 12.83 24.32
C THR C 298 -7.19 11.59 25.01
N VAL C 299 -6.56 10.43 24.80
CA VAL C 299 -6.98 9.17 25.42
C VAL C 299 -5.74 8.46 25.96
N ILE C 300 -5.92 7.49 26.85
CA ILE C 300 -4.77 6.77 27.37
C ILE C 300 -4.51 5.65 26.36
N ASP C 301 -3.68 5.95 25.36
CA ASP C 301 -3.38 5.02 24.28
C ASP C 301 -2.38 3.91 24.57
N GLY C 302 -1.47 4.13 25.52
CA GLY C 302 -0.50 3.10 25.83
C GLY C 302 0.85 3.44 25.23
N MET C 303 0.88 4.42 24.35
CA MET C 303 2.13 4.83 23.72
C MET C 303 2.48 6.23 24.23
N LEU C 304 1.61 7.20 23.91
CA LEU C 304 1.83 8.56 24.35
C LEU C 304 1.56 8.68 25.86
N LEU C 305 0.44 8.14 26.31
CA LEU C 305 0.08 8.18 27.73
C LEU C 305 -0.15 6.76 28.22
N LEU C 306 0.57 6.35 29.25
CA LEU C 306 0.45 4.99 29.79
C LEU C 306 -0.61 4.82 30.86
N LYS C 307 -0.88 5.91 31.59
CA LYS C 307 -1.87 5.89 32.66
C LYS C 307 -2.55 7.26 32.69
N THR C 308 -3.61 7.42 33.48
CA THR C 308 -4.28 8.72 33.52
C THR C 308 -3.39 9.82 34.12
N PRO C 309 -3.65 11.07 33.72
CA PRO C 309 -2.90 12.25 34.18
C PRO C 309 -2.85 12.31 35.70
N GLU C 310 -3.91 11.82 36.33
CA GLU C 310 -4.01 11.80 37.79
C GLU C 310 -2.99 10.77 38.31
N GLU C 311 -3.16 9.52 37.90
CA GLU C 311 -2.25 8.45 38.30
C GLU C 311 -0.79 8.87 38.04
N LEU C 312 -0.54 9.48 36.89
CA LEU C 312 0.81 9.91 36.54
C LEU C 312 1.37 10.98 37.46
N GLN C 313 0.48 11.78 38.05
CA GLN C 313 0.89 12.84 38.95
C GLN C 313 0.95 12.34 40.39
N ALA C 314 0.55 11.08 40.59
CA ALA C 314 0.59 10.47 41.92
C ALA C 314 2.07 10.14 42.07
N HIS C 319 8.60 14.39 33.38
CA HIS C 319 9.73 15.30 33.16
C HIS C 319 9.74 16.51 34.12
N THR C 320 10.70 16.52 35.03
CA THR C 320 10.81 17.61 35.98
C THR C 320 11.51 18.78 35.32
N VAL C 321 10.78 19.50 34.49
CA VAL C 321 11.34 20.66 33.82
C VAL C 321 10.60 21.86 34.34
N PRO C 322 11.22 23.05 34.28
CA PRO C 322 10.54 24.25 34.76
C PRO C 322 9.18 24.33 34.09
N TYR C 323 8.13 24.57 34.88
CA TYR C 323 6.77 24.61 34.35
C TYR C 323 5.96 25.78 34.89
N MET C 324 5.50 26.65 33.99
CA MET C 324 4.70 27.80 34.36
C MET C 324 3.25 27.44 34.05
N VAL C 325 2.34 27.73 34.96
CA VAL C 325 0.93 27.42 34.75
C VAL C 325 0.08 28.59 35.19
N GLY C 326 -0.75 29.11 34.30
CA GLY C 326 -1.57 30.24 34.66
C GLY C 326 -2.99 30.19 34.11
N ILE C 327 -3.86 31.02 34.70
CA ILE C 327 -5.25 31.11 34.28
C ILE C 327 -5.62 32.59 34.14
N ASN C 328 -6.82 32.87 33.66
CA ASN C 328 -7.28 34.24 33.52
C ASN C 328 -8.40 34.50 34.52
N LYS C 329 -8.49 35.74 34.99
CA LYS C 329 -9.50 36.18 35.96
C LYS C 329 -10.88 35.57 35.69
N GLN C 330 -11.43 35.86 34.51
CA GLN C 330 -12.76 35.33 34.14
C GLN C 330 -12.68 34.43 32.90
N GLU C 331 -12.40 33.15 33.11
CA GLU C 331 -12.29 32.19 32.03
C GLU C 331 -13.61 31.99 31.29
N PHE C 332 -14.71 31.97 32.04
CA PHE C 332 -16.01 31.77 31.43
C PHE C 332 -16.80 33.07 31.29
N GLY C 333 -16.06 34.18 31.16
CA GLY C 333 -16.69 35.48 31.04
C GLY C 333 -17.50 35.80 29.78
N TRP C 334 -17.06 35.35 28.61
CA TRP C 334 -17.80 35.68 27.39
C TRP C 334 -17.50 34.80 26.17
N LEU C 335 -16.21 34.73 25.83
CA LEU C 335 -15.72 33.96 24.68
C LEU C 335 -16.22 32.51 24.56
N ILE C 336 -16.00 31.69 25.60
CA ILE C 336 -16.44 30.30 25.55
C ILE C 336 -17.97 30.18 25.59
N PRO C 337 -18.61 30.75 26.62
CA PRO C 337 -20.07 30.67 26.73
C PRO C 337 -20.74 31.09 25.41
N MET C 338 -20.19 32.13 24.79
CA MET C 338 -20.71 32.64 23.53
C MET C 338 -20.65 31.58 22.41
N LEU C 339 -19.43 31.16 22.08
CA LEU C 339 -19.20 30.16 21.03
C LEU C 339 -20.07 28.92 21.18
N ILE C 372 -24.59 18.79 42.59
CA ILE C 372 -25.06 20.06 42.03
C ILE C 372 -25.60 21.11 43.05
N PRO C 373 -26.68 20.77 43.80
CA PRO C 373 -27.24 21.72 44.78
C PRO C 373 -26.16 22.33 45.70
N GLU C 374 -25.31 21.49 46.29
CA GLU C 374 -24.22 21.96 47.17
C GLU C 374 -23.37 23.03 46.47
N ALA C 375 -22.95 22.71 45.24
CA ALA C 375 -22.13 23.63 44.46
C ALA C 375 -22.89 24.89 44.09
N THR C 376 -24.03 24.73 43.40
CA THR C 376 -24.84 25.88 42.98
C THR C 376 -25.06 26.80 44.17
N GLU C 377 -25.26 26.18 45.34
CA GLU C 377 -25.48 26.88 46.60
C GLU C 377 -24.20 27.61 47.04
N LYS C 378 -23.11 26.84 47.16
CA LYS C 378 -21.80 27.36 47.56
C LYS C 378 -21.33 28.61 46.79
N TYR C 379 -21.79 28.77 45.55
CA TYR C 379 -21.40 29.92 44.72
C TYR C 379 -22.52 30.97 44.57
N LEU C 380 -23.75 30.59 44.91
CA LEU C 380 -24.88 31.52 44.75
C LEU C 380 -25.68 31.88 46.01
N GLY C 381 -25.34 31.24 47.14
CA GLY C 381 -26.05 31.49 48.39
C GLY C 381 -25.96 32.90 48.98
N GLY C 382 -24.74 33.41 49.19
CA GLY C 382 -24.53 34.74 49.77
C GLY C 382 -25.14 35.97 49.11
N THR C 383 -25.86 35.79 47.99
CA THR C 383 -26.49 36.92 47.29
C THR C 383 -27.83 36.51 46.68
N ASP C 384 -28.83 37.39 46.84
CA ASP C 384 -30.17 37.18 46.30
C ASP C 384 -30.25 37.75 44.89
N ASP C 385 -29.38 38.72 44.62
CA ASP C 385 -29.32 39.36 43.32
C ASP C 385 -28.97 38.38 42.18
N ASP C 391 -23.12 35.83 37.47
CA ASP C 391 -21.67 35.92 37.35
C ASP C 391 -21.03 34.84 38.23
N LEU C 392 -21.68 34.56 39.35
CA LEU C 392 -21.19 33.57 40.29
C LEU C 392 -21.27 32.16 39.72
N PHE C 393 -22.19 31.94 38.79
CA PHE C 393 -22.32 30.63 38.16
C PHE C 393 -21.20 30.51 37.12
N LEU C 394 -20.89 31.63 36.47
CA LEU C 394 -19.82 31.66 35.48
C LEU C 394 -18.48 31.43 36.15
N ASP C 395 -18.39 31.80 37.44
CA ASP C 395 -17.15 31.60 38.19
C ASP C 395 -17.06 30.13 38.58
N LEU C 396 -18.22 29.52 38.80
CA LEU C 396 -18.26 28.10 39.14
C LEU C 396 -17.61 27.39 37.96
N ILE C 397 -18.30 27.40 36.81
CA ILE C 397 -17.80 26.75 35.60
C ILE C 397 -16.31 27.05 35.39
N ALA C 398 -15.92 28.30 35.63
CA ALA C 398 -14.52 28.72 35.48
C ALA C 398 -13.57 27.90 36.34
N ASP C 399 -13.84 27.86 37.66
CA ASP C 399 -13.01 27.13 38.61
C ASP C 399 -12.88 25.64 38.31
N VAL C 400 -13.97 25.02 37.92
CA VAL C 400 -13.97 23.58 37.62
C VAL C 400 -13.16 23.29 36.38
N MET C 401 -13.31 24.13 35.36
CA MET C 401 -12.58 23.93 34.11
C MET C 401 -11.10 24.31 34.05
N PHE C 402 -10.70 25.38 34.73
CA PHE C 402 -9.30 25.79 34.70
C PHE C 402 -8.72 26.03 36.08
N GLY C 403 -9.42 26.89 36.84
CA GLY C 403 -8.98 27.24 38.18
C GLY C 403 -8.42 26.12 39.02
N VAL C 404 -9.31 25.29 39.54
CA VAL C 404 -8.91 24.18 40.37
C VAL C 404 -7.90 23.23 39.71
N PRO C 405 -8.18 22.78 38.47
CA PRO C 405 -7.27 21.86 37.78
C PRO C 405 -5.82 22.38 37.71
N SER C 406 -5.67 23.63 37.27
CA SER C 406 -4.35 24.24 37.13
C SER C 406 -3.52 24.20 38.40
N VAL C 407 -4.11 24.59 39.51
CA VAL C 407 -3.39 24.60 40.80
C VAL C 407 -3.01 23.20 41.28
N ILE C 408 -3.98 22.27 41.24
CA ILE C 408 -3.71 20.91 41.67
C ILE C 408 -2.49 20.39 40.88
N VAL C 409 -2.37 20.84 39.63
CA VAL C 409 -1.27 20.44 38.76
C VAL C 409 0.03 21.10 39.23
N ALA C 410 0.02 22.43 39.26
CA ALA C 410 1.17 23.21 39.68
C ALA C 410 1.75 22.68 40.99
N ARG C 411 0.86 22.24 41.88
CA ARG C 411 1.26 21.70 43.17
C ARG C 411 2.02 20.38 43.02
N ASN C 412 1.44 19.47 42.23
CA ASN C 412 2.09 18.18 41.98
C ASN C 412 3.46 18.38 41.37
N HIS C 413 3.53 19.23 40.34
CA HIS C 413 4.79 19.52 39.67
C HIS C 413 5.79 20.06 40.70
N ARG C 414 5.30 20.99 41.54
CA ARG C 414 6.11 21.60 42.59
C ARG C 414 6.60 20.51 43.54
N ASP C 415 5.70 19.59 43.88
CA ASP C 415 5.99 18.50 44.78
C ASP C 415 6.88 17.40 44.22
N ALA C 416 6.95 17.28 42.90
CA ALA C 416 7.82 16.25 42.32
C ALA C 416 9.25 16.77 42.35
N GLY C 417 9.40 18.04 42.74
CA GLY C 417 10.72 18.63 42.86
C GLY C 417 11.22 19.57 41.78
N ALA C 418 10.35 20.01 40.89
CA ALA C 418 10.79 20.91 39.82
C ALA C 418 10.25 22.32 39.94
N PRO C 419 10.98 23.30 39.37
CA PRO C 419 10.56 24.70 39.41
C PRO C 419 9.13 24.84 38.93
N THR C 420 8.35 25.69 39.60
CA THR C 420 6.96 25.90 39.23
C THR C 420 6.58 27.36 39.44
N TYR C 421 5.89 27.94 38.47
CA TYR C 421 5.46 29.33 38.52
C TYR C 421 3.99 29.46 38.13
N MET C 422 3.23 30.21 38.92
CA MET C 422 1.82 30.41 38.62
C MET C 422 1.50 31.85 38.36
N TYR C 423 0.44 32.09 37.60
CA TYR C 423 0.04 33.46 37.30
C TYR C 423 -1.46 33.56 37.05
N GLU C 424 -1.98 34.76 37.26
CA GLU C 424 -3.39 35.02 37.03
C GLU C 424 -3.47 36.30 36.22
N PHE C 425 -3.85 36.18 34.94
CA PHE C 425 -3.93 37.34 34.07
C PHE C 425 -5.25 38.04 34.30
N GLN C 426 -5.19 39.36 34.34
CA GLN C 426 -6.36 40.19 34.61
C GLN C 426 -6.27 41.51 33.86
N TYR C 427 -6.89 41.59 32.70
CA TYR C 427 -6.82 42.80 31.90
C TYR C 427 -7.77 42.66 30.73
N ARG C 428 -8.44 43.75 30.40
CA ARG C 428 -9.36 43.75 29.27
C ARG C 428 -8.65 44.35 28.05
N PRO C 429 -8.22 43.49 27.11
CA PRO C 429 -7.53 44.07 25.94
C PRO C 429 -8.42 44.98 25.09
N SER C 430 -7.80 45.95 24.44
CA SER C 430 -8.52 46.90 23.59
C SER C 430 -8.92 46.21 22.29
N PHE C 431 -8.18 45.16 21.94
CA PHE C 431 -8.45 44.43 20.72
C PHE C 431 -9.58 43.40 20.91
N VAL C 440 -16.23 42.66 31.43
CA VAL C 440 -15.46 41.41 31.37
C VAL C 440 -13.96 41.71 31.35
N ILE C 441 -13.21 41.08 32.27
CA ILE C 441 -11.77 41.28 32.34
C ILE C 441 -11.04 39.97 32.57
N GLY C 442 -9.96 39.76 31.82
CA GLY C 442 -9.20 38.52 31.98
C GLY C 442 -10.07 37.37 31.47
N ASP C 443 -10.66 37.58 30.31
CA ASP C 443 -11.52 36.60 29.67
C ASP C 443 -10.62 35.54 29.04
N HIS C 444 -11.23 34.46 28.54
CA HIS C 444 -10.46 33.37 27.93
C HIS C 444 -9.59 33.88 26.76
N GLY C 445 -8.30 33.57 26.83
CA GLY C 445 -7.39 33.97 25.78
C GLY C 445 -6.96 35.41 25.75
N ASP C 446 -7.42 36.22 26.71
CA ASP C 446 -7.05 37.63 26.72
C ASP C 446 -5.55 37.88 26.86
N GLU C 447 -4.84 36.95 27.51
CA GLU C 447 -3.41 37.09 27.71
C GLU C 447 -2.65 36.94 26.38
N LEU C 448 -3.30 36.33 25.40
CA LEU C 448 -2.70 36.08 24.11
C LEU C 448 -2.13 37.32 23.42
N PHE C 449 -2.84 38.44 23.54
CA PHE C 449 -2.42 39.68 22.89
C PHE C 449 -1.17 40.29 23.50
N SER C 450 -0.92 39.95 24.75
CA SER C 450 0.24 40.46 25.46
C SER C 450 1.45 39.61 25.06
N VAL C 451 1.26 38.29 25.18
CA VAL C 451 2.31 37.34 24.84
C VAL C 451 2.82 37.53 23.41
N PHE C 452 1.90 37.67 22.45
CA PHE C 452 2.30 37.84 21.07
C PHE C 452 2.46 39.26 20.56
N GLY C 453 2.67 40.19 21.49
CA GLY C 453 2.87 41.59 21.15
C GLY C 453 1.83 42.23 20.24
N ALA C 454 0.56 41.97 20.51
CA ALA C 454 -0.50 42.51 19.69
C ALA C 454 -0.41 44.04 19.57
N PRO C 455 -0.01 44.72 20.66
CA PRO C 455 0.10 46.17 20.63
C PRO C 455 1.16 46.71 19.66
N PHE C 456 1.89 45.82 19.00
CA PHE C 456 2.92 46.27 18.05
C PHE C 456 2.60 45.90 16.62
N LEU C 457 1.49 45.19 16.41
CA LEU C 457 1.09 44.78 15.06
C LEU C 457 -0.23 45.45 14.69
N ALA C 461 -3.23 51.33 20.61
CA ALA C 461 -3.08 50.66 21.89
C ALA C 461 -2.65 51.69 22.93
N SER C 462 -3.43 51.80 24.01
CA SER C 462 -3.07 52.75 25.07
C SER C 462 -1.62 52.45 25.48
N GLU C 463 -0.87 53.49 25.81
CA GLU C 463 0.51 53.32 26.22
C GLU C 463 0.62 52.30 27.35
N GLU C 464 -0.49 52.14 28.09
CA GLU C 464 -0.57 51.21 29.23
C GLU C 464 -0.46 49.77 28.75
N GLU C 465 -1.19 49.48 27.67
CA GLU C 465 -1.24 48.15 27.07
C GLU C 465 0.10 47.80 26.41
N ILE C 466 0.65 48.77 25.68
CA ILE C 466 1.93 48.57 25.01
C ILE C 466 2.95 48.07 26.04
N ARG C 467 2.93 48.70 27.19
CA ARG C 467 3.85 48.35 28.25
C ARG C 467 3.54 46.97 28.83
N LEU C 468 2.25 46.66 29.01
CA LEU C 468 1.86 45.37 29.56
C LEU C 468 2.45 44.24 28.73
N SER C 469 2.28 44.37 27.42
CA SER C 469 2.79 43.39 26.49
C SER C 469 4.30 43.25 26.68
N LYS C 470 5.00 44.37 26.72
CA LYS C 470 6.45 44.36 26.89
C LYS C 470 6.85 43.57 28.11
N MET C 471 6.15 43.79 29.21
CA MET C 471 6.42 43.12 30.47
C MET C 471 6.26 41.61 30.32
N VAL C 472 5.10 41.20 29.81
CA VAL C 472 4.77 39.77 29.60
C VAL C 472 5.75 39.06 28.70
N MET C 473 6.04 39.67 27.56
CA MET C 473 6.97 39.07 26.62
C MET C 473 8.33 38.84 27.24
N LYS C 474 8.76 39.76 28.10
CA LYS C 474 10.06 39.66 28.77
C LYS C 474 10.05 38.53 29.78
N PHE C 475 8.92 38.34 30.43
CA PHE C 475 8.76 37.26 31.39
C PHE C 475 8.80 35.93 30.67
N TRP C 476 7.88 35.74 29.74
CA TRP C 476 7.80 34.53 28.97
C TRP C 476 9.17 34.23 28.35
N ALA C 477 9.82 35.26 27.82
CA ALA C 477 11.14 35.08 27.19
C ALA C 477 12.24 34.72 28.16
N ASN C 478 12.29 35.40 29.31
CA ASN C 478 13.32 35.12 30.33
C ASN C 478 13.25 33.65 30.73
N PHE C 479 12.03 33.19 31.01
CA PHE C 479 11.75 31.82 31.39
C PHE C 479 12.24 30.89 30.30
N ALA C 480 12.01 31.30 29.06
CA ALA C 480 12.42 30.52 27.89
C ALA C 480 13.93 30.29 27.90
N ARG C 481 14.68 31.12 28.62
CA ARG C 481 16.12 30.92 28.65
C ARG C 481 16.66 30.47 29.98
N ASN C 482 16.03 30.85 31.08
CA ASN C 482 16.57 30.45 32.38
C ASN C 482 15.71 29.47 33.16
N GLY C 483 14.42 29.43 32.86
CA GLY C 483 13.52 28.56 33.59
C GLY C 483 13.10 29.36 34.80
N ASN C 484 13.28 30.68 34.67
CA ASN C 484 12.96 31.66 35.70
C ASN C 484 12.55 32.94 34.98
N PRO C 485 11.31 33.39 35.20
CA PRO C 485 10.75 34.60 34.57
C PRO C 485 11.39 35.92 34.98
N ASN C 486 12.01 35.95 36.16
CA ASN C 486 12.61 37.17 36.68
C ASN C 486 13.81 37.79 35.94
N GLY C 487 13.92 39.10 36.07
CA GLY C 487 14.99 39.84 35.43
C GLY C 487 14.85 41.32 35.71
N GLU C 488 15.79 42.12 35.22
CA GLU C 488 15.76 43.56 35.43
C GLU C 488 14.55 44.33 34.92
N GLY C 489 14.05 45.23 35.77
CA GLY C 489 12.91 46.05 35.40
C GLY C 489 11.58 45.32 35.45
N LEU C 490 11.56 44.16 36.10
CA LEU C 490 10.34 43.38 36.17
C LEU C 490 9.94 43.06 37.59
N PRO C 491 8.68 43.35 37.96
CA PRO C 491 8.24 43.06 39.33
C PRO C 491 8.67 41.64 39.66
N HIS C 492 8.96 41.39 40.93
CA HIS C 492 9.43 40.07 41.31
C HIS C 492 8.35 39.00 41.19
N TRP C 493 8.68 37.92 40.49
CA TRP C 493 7.73 36.83 40.33
C TRP C 493 8.18 35.69 41.24
N PRO C 494 7.51 35.51 42.38
CA PRO C 494 7.87 34.42 43.31
C PRO C 494 7.71 33.04 42.67
N GLU C 495 8.43 32.07 43.21
CA GLU C 495 8.32 30.71 42.71
C GLU C 495 7.20 30.02 43.45
N TYR C 496 6.42 29.21 42.74
CA TYR C 496 5.32 28.49 43.38
C TYR C 496 5.90 27.37 44.23
N ASN C 497 6.23 27.70 45.48
CA ASN C 497 6.76 26.72 46.40
C ASN C 497 5.66 26.42 47.42
N GLN C 498 6.04 26.27 48.68
CA GLN C 498 5.05 25.97 49.69
C GLN C 498 4.21 27.20 50.00
N LYS C 499 4.82 28.37 49.83
CA LYS C 499 4.14 29.64 50.10
C LYS C 499 3.11 29.92 49.02
N GLU C 500 3.03 29.02 48.04
CA GLU C 500 2.11 29.17 46.92
C GLU C 500 2.08 30.60 46.41
N GLY C 501 3.27 31.11 46.08
CA GLY C 501 3.39 32.46 45.58
C GLY C 501 3.23 32.49 44.08
N TYR C 502 2.33 33.36 43.63
CA TYR C 502 2.08 33.49 42.20
C TYR C 502 2.11 34.94 41.78
N LEU C 503 1.87 35.19 40.50
CA LEU C 503 1.88 36.55 39.97
C LEU C 503 0.51 36.96 39.44
N GLN C 504 0.16 38.22 39.64
CA GLN C 504 -1.11 38.76 39.14
C GLN C 504 -0.70 39.72 38.06
N ILE C 505 -0.94 39.33 36.82
CA ILE C 505 -0.57 40.15 35.68
C ILE C 505 -1.77 40.98 35.25
N GLY C 506 -1.52 42.27 35.04
CA GLY C 506 -2.56 43.18 34.61
C GLY C 506 -2.05 44.60 34.65
N ALA C 507 -2.96 45.56 34.84
CA ALA C 507 -2.55 46.96 34.92
C ALA C 507 -1.60 47.15 36.10
N ASN C 508 -1.82 46.37 37.16
CA ASN C 508 -0.98 46.43 38.33
C ASN C 508 -0.48 45.01 38.56
N THR C 509 0.73 44.73 38.07
CA THR C 509 1.32 43.40 38.20
C THR C 509 2.10 43.21 39.49
N GLN C 510 1.44 42.67 40.52
CA GLN C 510 2.08 42.44 41.80
C GLN C 510 1.90 41.01 42.33
N ALA C 511 2.87 40.55 43.13
CA ALA C 511 2.82 39.23 43.71
C ALA C 511 1.60 39.10 44.65
N ALA C 512 1.18 37.86 44.86
CA ALA C 512 0.07 37.53 45.74
C ALA C 512 0.31 36.09 46.18
N GLN C 513 -0.61 35.53 46.96
CA GLN C 513 -0.41 34.16 47.42
C GLN C 513 -1.63 33.24 47.48
N LYS C 514 -1.33 31.93 47.51
CA LYS C 514 -2.34 30.88 47.58
C LYS C 514 -3.51 31.09 46.62
N LEU C 515 -3.23 30.94 45.34
CA LEU C 515 -4.25 31.13 44.29
C LEU C 515 -5.33 30.05 44.34
N LYS C 516 -6.58 30.45 44.29
CA LYS C 516 -7.69 29.52 44.32
C LYS C 516 -7.61 28.46 45.42
N ASP C 517 -6.74 28.69 46.40
CA ASP C 517 -6.54 27.76 47.50
C ASP C 517 -7.87 27.22 48.06
N LYS C 518 -8.69 28.13 48.58
CA LYS C 518 -9.99 27.77 49.14
C LYS C 518 -10.85 26.90 48.22
N GLU C 519 -11.04 27.31 46.98
CA GLU C 519 -11.86 26.54 46.03
C GLU C 519 -11.34 25.10 45.85
N VAL C 520 -10.04 24.98 45.64
CA VAL C 520 -9.43 23.66 45.47
C VAL C 520 -9.97 22.79 46.60
N ALA C 521 -9.75 23.23 47.83
CA ALA C 521 -10.20 22.47 49.00
C ALA C 521 -11.66 22.04 48.85
N PHE C 522 -12.52 23.01 48.52
CA PHE C 522 -13.95 22.74 48.34
C PHE C 522 -14.20 21.65 47.31
N TRP C 523 -13.80 21.92 46.06
CA TRP C 523 -13.97 20.97 44.96
C TRP C 523 -13.33 19.61 45.20
N THR C 524 -12.10 19.61 45.71
CA THR C 524 -11.38 18.36 46.01
C THR C 524 -12.22 17.47 46.95
C1 WW2 D . 4.04 14.32 -33.28
O1 WW2 D . 7.51 11.60 -30.96
P1 WW2 D . 7.07 12.05 -32.28
C2 WW2 D . 2.80 14.34 -34.28
O2 WW2 D . 5.68 12.95 -32.03
C3 WW2 D . 1.58 13.45 -33.75
C4 WW2 D . 2.06 11.99 -33.34
C5 WW2 D . 3.27 12.06 -32.31
C6 WW2 D . 4.52 12.83 -32.95
C7 WW2 D . 6.87 10.55 -33.27
C1 WW2 E . -18.39 -29.16 1.09
O1 WW2 E . -15.39 -29.74 3.95
P1 WW2 E . -16.10 -30.96 3.54
C2 WW2 E . -19.94 -28.93 0.74
O2 WW2 E . -16.65 -30.72 1.97
C3 WW2 E . -20.89 -29.23 1.99
C4 WW2 E . -20.59 -30.65 2.65
C5 WW2 E . -19.04 -30.78 3.01
C6 WW2 E . -18.12 -30.62 1.70
C7 WW2 E . -17.41 -31.04 4.77
C1 WW2 F . -13.40 26.84 23.90
O1 WW2 F . -9.47 25.56 22.46
P1 WW2 F . -9.84 26.14 23.77
C2 WW2 F . -14.68 27.16 23.01
O2 WW2 F . -11.33 25.50 24.17
C3 WW2 F . -15.55 25.86 22.71
C4 WW2 F . -14.66 24.66 22.14
C5 WW2 F . -13.42 24.39 23.10
C6 WW2 F . -12.50 25.69 23.26
C7 WW2 F . -9.83 27.92 23.45
#